data_8EI5
#
_entry.id   8EI5
#
_cell.length_a   120.660
_cell.length_b   63.100
_cell.length_c   122.260
_cell.angle_alpha   90.000
_cell.angle_beta   96.780
_cell.angle_gamma   90.000
#
_symmetry.space_group_name_H-M   'P 1 21 1'
#
loop_
_entity.id
_entity.type
_entity.pdbx_description
1 polymer 'NEDD4-like E3 ubiquitin-protein ligase WWP2'
2 polymer H301
3 non-polymer 'ZINC ION'
4 non-polymer GLYCEROL
5 non-polymer 1,2-ETHANEDIOL
6 non-polymer "N,N'-(1,4-phenylene)diacetamide"
7 water water
#
loop_
_entity_poly.entity_id
_entity_poly.type
_entity_poly.pdbx_seq_one_letter_code
_entity_poly.pdbx_strand_id
1 'polypeptide(L)'
;GPDRSFRWKYHQFRFLCHSNALPSHVKISVSRQTLFEDSFQQIMNMKPYDLRRRLYIIMRGEEGLDYGGIAREWFFLLSH
EVLNPMYCLFEYAGKNNYCLQINPASSINPDHLTYFRFIGRFIAMALYHGKFIDTGFTLPFYKRMLNKRPTLKDLESIDP
EFYNSIVWIKENNLEECGLELYFIQDMEILGKVTTHELKEGGESIRVTEENKEEYIMLLTDWRFTRGVEEQTKAFLDGFN
EVAPLEWLRYFDEKELELMLCGMQEIDMSDWQKSTIYRHYTKNSKQIQWFWQVVKEMDNEKRIRLLQFVTGTCRLPVGGF
AELIGSNGPQKFCIDKVGKETWLPRSHTCFNRLDLPPYKSYEQLREKLLYAIEETE
;
A,B,C,D
2 'polypeptide(L)' (ACE)DPADRRCIQAARVCAVL(NH2) E,F,G,H
#
loop_
_chem_comp.id
_chem_comp.type
_chem_comp.name
_chem_comp.formula
ACE non-polymer 'ACETYL GROUP' 'C2 H4 O'
EDO non-polymer 1,2-ETHANEDIOL 'C2 H6 O2'
GOL non-polymer GLYCEROL 'C3 H8 O3'
NH2 non-polymer 'AMINO GROUP' 'H2 N'
WHL non-polymer N,N'-(1,4-phenylene)diacetamide 'C10 H12 N2 O2'
ZN non-polymer 'ZINC ION' 'Zn 2'
#
# COMPACT_ATOMS: atom_id res chain seq x y z
N ASP A 3 9.46 42.78 7.53
CA ASP A 3 9.32 43.11 6.11
C ASP A 3 10.36 42.38 5.26
N ARG A 4 11.45 41.98 5.91
CA ARG A 4 12.57 41.25 5.30
C ARG A 4 12.39 39.74 5.54
N SER A 5 12.77 38.94 4.53
CA SER A 5 12.57 37.51 4.70
C SER A 5 13.72 36.86 5.48
N PHE A 6 13.46 35.64 5.96
CA PHE A 6 14.44 34.88 6.74
C PHE A 6 15.65 34.53 5.88
N ARG A 7 15.41 34.11 4.63
CA ARG A 7 16.51 33.83 3.70
C ARG A 7 17.43 35.02 3.58
N TRP A 8 16.84 36.20 3.33
CA TRP A 8 17.62 37.42 3.21
C TRP A 8 18.43 37.67 4.48
N LYS A 9 17.78 37.54 5.63
CA LYS A 9 18.46 37.76 6.90
C LYS A 9 19.58 36.75 7.11
N TYR A 10 19.35 35.49 6.71
CA TYR A 10 20.38 34.48 6.84
C TYR A 10 21.58 34.81 5.94
N HIS A 11 21.31 35.26 4.72
CA HIS A 11 22.40 35.62 3.82
C HIS A 11 23.16 36.82 4.36
N GLN A 12 22.44 37.79 4.95
CA GLN A 12 23.11 38.99 5.44
C GLN A 12 23.92 38.73 6.70
N PHE A 13 23.52 37.75 7.51
CA PHE A 13 24.32 37.38 8.69
C PHE A 13 25.53 36.54 8.30
N ARG A 14 25.29 35.48 7.50
CA ARG A 14 26.37 34.62 7.04
C ARG A 14 27.44 35.44 6.34
N PHE A 15 27.00 36.37 5.49
CA PHE A 15 27.88 37.27 4.77
C PHE A 15 28.78 38.03 5.72
N LEU A 16 28.18 38.59 6.78
CA LEU A 16 28.92 39.35 7.79
C LEU A 16 29.87 38.48 8.59
N CYS A 17 29.55 37.20 8.75
CA CYS A 17 30.49 36.26 9.37
C CYS A 17 31.64 35.98 8.42
N HIS A 18 31.31 35.56 7.20
CA HIS A 18 32.33 35.33 6.17
C HIS A 18 33.25 36.54 6.05
N SER A 19 32.70 37.75 6.21
CA SER A 19 33.40 39.01 6.06
C SER A 19 34.33 39.33 7.23
N ASN A 20 34.15 38.69 8.39
CA ASN A 20 35.02 38.89 9.55
C ASN A 20 35.87 37.68 9.90
N ALA A 21 36.05 36.73 8.97
CA ALA A 21 36.81 35.53 9.27
C ALA A 21 38.30 35.83 9.41
N LEU A 22 39.00 34.89 10.05
CA LEU A 22 40.43 34.89 10.24
C LEU A 22 41.02 33.65 9.57
N PRO A 23 42.30 33.68 9.18
CA PRO A 23 42.90 32.52 8.52
C PRO A 23 43.30 31.45 9.53
N SER A 24 43.88 30.37 9.02
CA SER A 24 44.41 29.28 9.82
C SER A 24 43.31 28.54 10.57
N HIS A 25 43.65 27.98 11.73
CA HIS A 25 42.80 27.02 12.40
C HIS A 25 43.03 27.06 13.91
N VAL A 26 42.16 26.38 14.64
CA VAL A 26 42.37 26.05 16.04
C VAL A 26 42.02 24.58 16.26
N LYS A 27 42.88 23.87 16.98
CA LYS A 27 42.60 22.49 17.36
C LYS A 27 41.93 22.47 18.73
N ILE A 28 40.92 21.63 18.88
CA ILE A 28 40.29 21.36 20.17
C ILE A 28 40.20 19.84 20.35
N SER A 29 40.89 19.32 21.36
CA SER A 29 40.97 17.89 21.60
C SER A 29 40.09 17.48 22.77
N VAL A 30 39.20 16.52 22.55
CA VAL A 30 38.34 16.01 23.60
C VAL A 30 38.23 14.50 23.48
N SER A 31 37.85 13.88 24.59
CA SER A 31 37.46 12.49 24.66
C SER A 31 35.99 12.44 25.04
N ARG A 32 35.31 11.37 24.62
CA ARG A 32 33.88 11.28 24.88
C ARG A 32 33.56 11.33 26.37
N GLN A 33 34.45 10.81 27.21
CA GLN A 33 34.21 10.75 28.65
C GLN A 33 34.52 12.03 29.40
N THR A 34 35.31 12.93 28.84
CA THR A 34 35.60 14.21 29.48
C THR A 34 35.30 15.33 28.53
N LEU A 35 34.22 15.16 27.77
CA LEU A 35 33.79 16.10 26.75
C LEU A 35 33.72 17.52 27.31
N PHE A 36 32.86 17.70 28.31
CA PHE A 36 32.64 19.02 28.89
C PHE A 36 33.93 19.66 29.40
N GLU A 37 34.67 18.94 30.26
CA GLU A 37 35.85 19.53 30.89
C GLU A 37 36.95 19.84 29.89
N ASP A 38 37.20 18.93 28.94
CA ASP A 38 38.19 19.22 27.91
C ASP A 38 37.79 20.45 27.11
N SER A 39 36.54 20.48 26.65
CA SER A 39 36.04 21.60 25.86
C SER A 39 36.10 22.91 26.64
N PHE A 40 35.64 22.89 27.89
CA PHE A 40 35.70 24.09 28.71
C PHE A 40 37.11 24.67 28.76
N GLN A 41 38.09 23.89 29.12
CA GLN A 41 39.43 24.42 29.23
C GLN A 41 40.07 24.89 27.96
N GLN A 42 39.95 24.12 26.93
CA GLN A 42 40.52 24.50 25.71
C GLN A 42 39.94 25.75 25.11
N ILE A 43 38.63 25.88 25.15
CA ILE A 43 37.95 27.03 24.59
C ILE A 43 38.18 28.27 25.44
N MET A 44 38.16 28.11 26.77
CA MET A 44 38.30 29.28 27.64
C MET A 44 39.73 29.80 27.73
N ASN A 45 40.73 28.99 27.42
CA ASN A 45 42.11 29.44 27.44
C ASN A 45 42.59 29.83 26.05
N MET A 46 41.65 29.95 25.11
CA MET A 46 41.87 30.41 23.76
C MET A 46 41.46 31.88 23.65
N LYS A 47 41.98 32.56 22.61
CA LYS A 47 41.43 33.91 22.53
C LYS A 47 40.13 33.90 21.73
N PRO A 48 39.13 34.68 22.15
CA PRO A 48 37.77 34.54 21.57
C PRO A 48 37.71 34.63 20.05
N TYR A 49 38.40 35.60 19.46
CA TYR A 49 38.39 35.76 18.02
C TYR A 49 39.00 34.56 17.31
N ASP A 50 39.95 33.87 17.95
CA ASP A 50 40.54 32.69 17.33
C ASP A 50 39.51 31.60 17.12
N LEU A 51 38.39 31.66 17.83
CA LEU A 51 37.30 30.69 17.65
C LEU A 51 36.50 30.97 16.38
N ARG A 52 36.84 32.03 15.65
CA ARG A 52 36.31 32.26 14.31
C ARG A 52 37.16 31.62 13.23
N ARG A 53 38.32 31.06 13.59
CA ARG A 53 39.12 30.35 12.63
C ARG A 53 38.48 29.00 12.35
N ARG A 54 39.06 28.26 11.42
CA ARG A 54 38.54 26.93 11.13
C ARG A 54 38.76 26.03 12.34
N LEU A 55 37.69 25.34 12.74
CA LEU A 55 37.73 24.45 13.90
C LEU A 55 38.20 23.08 13.46
N TYR A 56 39.24 22.58 14.12
CA TYR A 56 39.63 21.18 14.00
C TYR A 56 39.33 20.53 15.35
N ILE A 57 38.22 19.81 15.42
CA ILE A 57 37.86 19.07 16.63
C ILE A 57 38.35 17.64 16.50
N ILE A 58 39.13 17.21 17.47
CA ILE A 58 39.66 15.85 17.54
C ILE A 58 38.90 15.11 18.62
N MET A 59 38.15 14.09 18.22
CA MET A 59 37.53 13.22 19.20
C MET A 59 38.58 12.15 19.42
N ARG A 60 39.42 12.36 20.44
CA ARG A 60 40.54 11.46 20.68
C ARG A 60 40.01 10.05 20.88
N GLY A 61 40.60 9.11 20.15
CA GLY A 61 40.15 7.74 20.13
C GLY A 61 39.29 7.44 18.92
N GLU A 62 38.20 8.17 18.69
CA GLU A 62 37.44 7.93 17.48
C GLU A 62 38.30 8.30 16.29
N GLU A 63 38.22 7.52 15.21
CA GLU A 63 39.07 7.74 14.06
C GLU A 63 38.27 7.53 12.79
N GLY A 64 37.04 8.04 12.80
CA GLY A 64 36.16 7.98 11.65
C GLY A 64 36.22 9.30 10.91
N LEU A 65 36.54 10.35 11.66
CA LEU A 65 36.86 11.71 11.20
C LEU A 65 35.83 12.40 10.30
N ASP A 66 36.34 13.38 9.54
CA ASP A 66 35.67 14.39 8.71
C ASP A 66 35.52 15.59 9.61
N TYR A 67 36.31 16.64 9.34
CA TYR A 67 36.34 17.81 10.20
C TYR A 67 34.97 18.46 10.37
N GLY A 68 34.22 18.61 9.29
CA GLY A 68 32.90 19.17 9.45
C GLY A 68 31.89 18.23 10.06
N GLY A 69 32.19 16.93 10.08
CA GLY A 69 31.34 15.93 10.68
C GLY A 69 31.64 15.69 12.15
N ILE A 70 32.90 15.81 12.55
CA ILE A 70 33.19 15.70 13.97
C ILE A 70 32.79 16.98 14.67
N ALA A 71 32.95 18.13 14.00
CA ALA A 71 32.45 19.38 14.54
C ALA A 71 30.95 19.32 14.74
N ARG A 72 30.23 18.85 13.72
CA ARG A 72 28.79 18.66 13.82
C ARG A 72 28.41 17.83 15.05
N GLU A 73 29.08 16.68 15.21
CA GLU A 73 28.75 15.80 16.32
C GLU A 73 29.13 16.43 17.66
N TRP A 74 30.28 17.10 17.72
CA TRP A 74 30.73 17.78 18.93
C TRP A 74 29.70 18.78 19.42
N PHE A 75 29.32 19.72 18.53
CA PHE A 75 28.34 20.75 18.87
C PHE A 75 27.07 20.15 19.47
N PHE A 76 26.58 19.04 18.90
CA PHE A 76 25.38 18.38 19.40
C PHE A 76 25.59 17.83 20.81
N LEU A 77 26.63 17.00 20.97
CA LEU A 77 26.87 16.30 22.23
C LEU A 77 27.09 17.28 23.37
N LEU A 78 27.89 18.32 23.13
CA LEU A 78 28.20 19.29 24.17
C LEU A 78 27.00 20.16 24.51
N SER A 79 26.14 20.45 23.53
CA SER A 79 24.94 21.24 23.78
C SER A 79 23.99 20.54 24.72
N HIS A 80 24.12 19.21 24.85
CA HIS A 80 23.39 18.39 25.80
C HIS A 80 24.12 18.30 27.12
N GLU A 81 25.44 18.19 27.07
CA GLU A 81 26.24 17.95 28.26
C GLU A 81 26.26 19.15 29.19
N VAL A 82 26.04 20.37 28.67
CA VAL A 82 25.94 21.54 29.54
C VAL A 82 24.69 21.47 30.41
N LEU A 83 23.74 20.61 30.07
CA LEU A 83 22.51 20.46 30.84
C LEU A 83 22.66 19.48 32.00
N ASN A 84 23.82 18.84 32.14
CA ASN A 84 24.04 17.87 33.20
C ASN A 84 23.75 18.50 34.57
N PRO A 85 22.86 17.91 35.37
CA PRO A 85 22.53 18.50 36.68
C PRO A 85 23.70 18.61 37.65
N MET A 86 24.77 17.85 37.44
CA MET A 86 25.92 17.97 38.33
C MET A 86 26.53 19.37 38.28
N TYR A 87 26.40 20.07 37.15
CA TYR A 87 26.96 21.41 37.05
C TYR A 87 26.06 22.48 37.68
N CYS A 88 24.79 22.14 37.91
CA CYS A 88 23.83 23.01 38.60
C CYS A 88 23.59 24.33 37.87
N LEU A 89 23.78 24.35 36.56
CA LEU A 89 23.64 25.57 35.77
C LEU A 89 22.23 25.81 35.27
N PHE A 90 21.48 24.76 34.96
CA PHE A 90 20.17 24.90 34.35
C PHE A 90 19.12 24.10 35.11
N GLU A 91 17.87 24.48 34.88
CA GLU A 91 16.73 23.77 35.43
C GLU A 91 15.56 23.97 34.47
N TYR A 92 14.42 23.34 34.78
CA TYR A 92 13.24 23.42 33.95
C TYR A 92 12.08 24.04 34.73
N ALA A 93 11.40 25.02 34.12
CA ALA A 93 10.26 25.65 34.77
C ALA A 93 9.11 24.68 34.96
N GLY A 94 9.02 23.64 34.13
CA GLY A 94 7.92 22.69 34.20
C GLY A 94 8.42 21.25 34.22
N LYS A 95 7.45 20.35 34.29
CA LYS A 95 7.69 18.93 34.36
C LYS A 95 8.27 18.40 33.06
N ASN A 96 8.91 17.22 33.16
CA ASN A 96 9.38 16.48 32.01
C ASN A 96 10.32 17.32 31.16
N ASN A 97 11.17 18.10 31.82
CA ASN A 97 12.16 18.94 31.15
C ASN A 97 11.49 19.92 30.17
N TYR A 98 10.43 20.57 30.65
CA TYR A 98 9.69 21.58 29.90
C TYR A 98 10.22 22.96 30.25
N CYS A 99 10.59 23.73 29.24
CA CYS A 99 10.95 25.14 29.40
C CYS A 99 12.23 25.34 30.22
N LEU A 100 13.37 25.12 29.57
CA LEU A 100 14.69 25.36 30.16
C LEU A 100 14.84 26.80 30.65
N GLN A 101 15.52 26.96 31.79
CA GLN A 101 15.87 28.27 32.32
C GLN A 101 17.15 28.14 33.13
N ILE A 102 17.83 29.28 33.37
CA ILE A 102 19.01 29.27 34.22
C ILE A 102 18.61 29.02 35.68
N ASN A 103 19.41 28.22 36.37
CA ASN A 103 19.18 27.91 37.79
C ASN A 103 19.57 29.10 38.65
N PRO A 104 18.64 29.70 39.40
CA PRO A 104 19.05 30.79 40.32
C PRO A 104 20.01 30.33 41.40
N ALA A 105 20.00 29.04 41.74
CA ALA A 105 20.89 28.47 42.75
C ALA A 105 22.24 28.05 42.17
N SER A 106 22.53 28.39 40.91
CA SER A 106 23.74 27.92 40.24
C SER A 106 25.03 28.34 40.94
N SER A 107 24.99 29.36 41.79
CA SER A 107 26.18 29.77 42.52
C SER A 107 26.68 28.69 43.48
N ILE A 108 25.87 27.69 43.78
CA ILE A 108 26.38 26.53 44.52
C ILE A 108 27.54 25.88 43.77
N ASN A 109 27.64 26.17 42.47
CA ASN A 109 28.78 25.81 41.67
C ASN A 109 29.65 27.06 41.62
N PRO A 110 30.81 27.09 42.29
CA PRO A 110 31.54 28.35 42.45
C PRO A 110 32.07 28.93 41.15
N ASP A 111 32.13 28.14 40.08
CA ASP A 111 32.62 28.59 38.77
C ASP A 111 31.48 28.84 37.79
N HIS A 112 30.26 28.99 38.29
CA HIS A 112 29.09 29.04 37.40
C HIS A 112 29.17 30.19 36.42
N LEU A 113 29.64 31.36 36.87
CA LEU A 113 29.73 32.50 35.96
C LEU A 113 30.72 32.24 34.84
N THR A 114 31.81 31.53 35.14
CA THR A 114 32.78 31.21 34.11
C THR A 114 32.24 30.14 33.17
N TYR A 115 31.50 29.17 33.71
CA TYR A 115 30.86 28.16 32.87
C TYR A 115 29.79 28.77 31.97
N PHE A 116 29.09 29.80 32.44
CA PHE A 116 28.08 30.44 31.60
C PHE A 116 28.73 31.26 30.49
N ARG A 117 29.83 31.95 30.80
CA ARG A 117 30.57 32.64 29.75
C ARG A 117 31.10 31.67 28.72
N PHE A 118 31.45 30.45 29.14
CA PHE A 118 31.87 29.42 28.20
C PHE A 118 30.72 28.97 27.30
N ILE A 119 29.53 28.77 27.90
CA ILE A 119 28.37 28.39 27.10
C ILE A 119 28.01 29.51 26.13
N GLY A 120 28.18 30.77 26.55
CA GLY A 120 28.01 31.88 25.64
C GLY A 120 28.92 31.77 24.43
N ARG A 121 30.21 31.54 24.66
CA ARG A 121 31.16 31.36 23.57
C ARG A 121 30.71 30.23 22.65
N PHE A 122 30.31 29.11 23.25
CA PHE A 122 29.97 27.91 22.49
C PHE A 122 28.78 28.15 21.57
N ILE A 123 27.78 28.90 22.03
CA ILE A 123 26.63 29.18 21.18
C ILE A 123 27.01 30.11 20.03
N ALA A 124 27.88 31.10 20.29
CA ALA A 124 28.33 31.98 19.21
C ALA A 124 29.23 31.24 18.23
N MET A 125 30.01 30.28 18.70
CA MET A 125 30.77 29.44 17.78
C MET A 125 29.85 28.67 16.85
N ALA A 126 28.74 28.14 17.39
CA ALA A 126 27.78 27.42 16.58
C ALA A 126 27.22 28.30 15.46
N LEU A 127 26.67 29.47 15.83
CA LEU A 127 26.18 30.40 14.81
C LEU A 127 27.27 30.78 13.82
N TYR A 128 28.44 31.16 14.33
CA TYR A 128 29.47 31.68 13.44
C TYR A 128 29.88 30.64 12.40
N HIS A 129 29.93 29.38 12.79
CA HIS A 129 30.35 28.32 11.91
C HIS A 129 29.17 27.59 11.28
N GLY A 130 27.96 28.14 11.41
CA GLY A 130 26.76 27.50 10.87
C GLY A 130 26.51 26.10 11.38
N LYS A 131 26.84 25.82 12.63
CA LYS A 131 26.58 24.51 13.22
C LYS A 131 25.42 24.63 14.19
N PHE A 132 24.86 23.47 14.54
CA PHE A 132 23.60 23.40 15.24
C PHE A 132 23.78 22.82 16.64
N ILE A 133 22.87 23.20 17.53
CA ILE A 133 22.86 22.79 18.92
C ILE A 133 21.45 22.33 19.28
N ASP A 134 21.35 21.53 20.33
CA ASP A 134 20.07 20.99 20.78
C ASP A 134 19.83 21.30 22.25
N THR A 135 20.27 22.47 22.70
CA THR A 135 20.19 22.78 24.12
C THR A 135 18.76 23.06 24.57
N GLY A 136 17.94 23.64 23.69
CA GLY A 136 16.55 23.86 24.02
C GLY A 136 16.23 25.16 24.71
N PHE A 137 17.02 26.21 24.49
CA PHE A 137 16.65 27.54 24.97
C PHE A 137 15.25 27.90 24.52
N THR A 138 14.58 28.73 25.32
CA THR A 138 13.23 29.13 25.01
C THR A 138 13.27 30.44 24.23
N LEU A 139 12.15 30.75 23.59
CA LEU A 139 12.09 31.99 22.83
C LEU A 139 12.36 33.22 23.68
N PRO A 140 11.85 33.35 24.92
CA PRO A 140 12.27 34.47 25.78
C PRO A 140 13.78 34.55 25.99
N PHE A 141 14.47 33.42 26.13
CA PHE A 141 15.92 33.45 26.22
C PHE A 141 16.53 34.05 24.95
N TYR A 142 16.03 33.62 23.78
CA TYR A 142 16.48 34.20 22.53
C TYR A 142 16.12 35.67 22.44
N LYS A 143 14.93 36.05 22.93
CA LYS A 143 14.54 37.45 22.94
C LYS A 143 15.58 38.31 23.65
N ARG A 144 16.09 37.81 24.79
CA ARG A 144 17.13 38.55 25.52
C ARG A 144 18.39 38.71 24.69
N MET A 145 18.76 37.69 23.89
CA MET A 145 19.92 37.82 23.02
C MET A 145 19.72 38.87 21.92
N LEU A 146 18.48 39.22 21.62
CA LEU A 146 18.15 40.19 20.59
C LEU A 146 17.70 41.52 21.18
N ASN A 147 17.93 41.71 22.47
CA ASN A 147 17.54 42.93 23.19
C ASN A 147 16.03 43.14 23.14
N LYS A 148 15.26 42.05 23.07
CA LYS A 148 13.81 42.14 23.15
C LYS A 148 13.36 41.84 24.57
N ARG A 149 12.46 42.67 25.06
CA ARG A 149 11.95 42.52 26.41
C ARG A 149 10.86 41.45 26.41
N PRO A 150 10.79 40.60 27.42
CA PRO A 150 9.70 39.61 27.46
C PRO A 150 8.37 40.30 27.64
N THR A 151 7.32 39.68 27.12
CA THR A 151 5.99 40.27 27.11
C THR A 151 5.05 39.51 28.02
N LEU A 152 3.86 40.10 28.20
CA LEU A 152 2.80 39.44 28.94
C LEU A 152 2.49 38.07 28.36
N LYS A 153 2.42 37.97 27.02
CA LYS A 153 2.16 36.68 26.40
C LYS A 153 3.20 35.64 26.78
N ASP A 154 4.47 36.06 26.88
CA ASP A 154 5.54 35.10 27.17
C ASP A 154 5.37 34.42 28.52
N LEU A 155 4.76 35.11 29.49
CA LEU A 155 4.58 34.52 30.82
C LEU A 155 3.78 33.23 30.75
N GLU A 156 2.84 33.12 29.82
CA GLU A 156 2.01 31.93 29.73
C GLU A 156 2.82 30.69 29.39
N SER A 157 3.96 30.87 28.71
CA SER A 157 4.83 29.74 28.40
C SER A 157 5.43 29.13 29.66
N ILE A 158 5.90 29.97 30.59
CA ILE A 158 6.66 29.54 31.76
C ILE A 158 5.78 29.36 33.00
N ASP A 159 4.65 30.08 33.04
CA ASP A 159 3.88 30.12 34.28
C ASP A 159 2.45 30.55 33.96
N PRO A 160 1.61 29.65 33.44
CA PRO A 160 0.25 30.05 33.02
C PRO A 160 -0.57 30.64 34.15
N GLU A 161 -0.36 30.19 35.39
CA GLU A 161 -1.13 30.70 36.52
C GLU A 161 -0.74 32.13 36.84
N PHE A 162 0.57 32.43 36.79
CA PHE A 162 1.04 33.80 36.92
C PHE A 162 0.43 34.68 35.82
N TYR A 163 0.50 34.21 34.58
CA TYR A 163 -0.09 34.93 33.46
C TYR A 163 -1.56 35.25 33.71
N ASN A 164 -2.33 34.27 34.18
CA ASN A 164 -3.76 34.47 34.39
C ASN A 164 -4.04 35.44 35.53
N SER A 165 -3.21 35.41 36.58
CA SER A 165 -3.38 36.37 37.67
C SER A 165 -3.08 37.79 37.21
N ILE A 166 -2.10 37.95 36.32
CA ILE A 166 -1.80 39.28 35.80
C ILE A 166 -2.92 39.76 34.87
N VAL A 167 -3.46 38.87 34.04
CA VAL A 167 -4.57 39.25 33.16
C VAL A 167 -5.77 39.68 34.00
N TRP A 168 -6.08 38.93 35.05
CA TRP A 168 -7.20 39.26 35.92
C TRP A 168 -7.05 40.66 36.48
N ILE A 169 -5.88 40.96 37.04
CA ILE A 169 -5.57 42.33 37.48
C ILE A 169 -5.73 43.30 36.33
N LYS A 170 -5.28 42.92 35.15
CA LYS A 170 -5.30 43.84 34.02
C LYS A 170 -6.72 44.21 33.63
N GLU A 171 -7.69 43.29 33.79
CA GLU A 171 -9.05 43.51 33.32
C GLU A 171 -10.08 43.55 34.45
N ASN A 172 -9.65 43.84 35.68
CA ASN A 172 -10.62 44.08 36.76
C ASN A 172 -10.33 45.43 37.41
N ASN A 173 -11.23 45.85 38.31
CA ASN A 173 -11.05 47.09 39.05
C ASN A 173 -10.41 46.75 40.38
N LEU A 174 -9.20 47.28 40.61
CA LEU A 174 -8.49 46.98 41.84
C LEU A 174 -9.13 47.67 43.04
N GLU A 175 -9.59 48.89 42.86
CA GLU A 175 -10.29 49.64 43.90
C GLU A 175 -11.69 49.09 44.18
N GLU A 176 -12.09 47.99 43.53
CA GLU A 176 -13.40 47.40 43.75
C GLU A 176 -13.38 46.02 44.37
N CYS A 177 -12.20 45.43 44.62
CA CYS A 177 -12.13 44.06 45.11
C CYS A 177 -11.28 43.88 46.34
N GLY A 178 -10.70 44.93 46.90
CA GLY A 178 -9.96 44.67 48.12
C GLY A 178 -8.56 44.13 47.93
N LEU A 179 -8.11 43.93 46.69
CA LEU A 179 -6.80 43.35 46.47
C LEU A 179 -5.72 44.26 47.03
N GLU A 180 -4.84 43.71 47.86
CA GLU A 180 -3.72 44.45 48.42
C GLU A 180 -2.40 43.85 47.95
N LEU A 181 -1.74 44.54 47.01
CA LEU A 181 -0.43 44.17 46.53
C LEU A 181 0.49 45.38 46.63
N TYR A 182 1.78 45.11 46.69
CA TYR A 182 2.80 46.15 46.76
C TYR A 182 3.91 45.87 45.78
N PHE A 183 4.67 46.93 45.46
CA PHE A 183 5.74 46.88 44.48
C PHE A 183 7.00 46.21 45.04
N ILE A 184 6.85 45.02 45.61
N ILE A 184 6.86 44.98 45.53
CA ILE A 184 7.96 44.24 46.13
CA ILE A 184 7.99 44.28 46.13
C ILE A 184 7.74 42.78 45.79
C ILE A 184 7.73 42.78 46.05
N GLN A 185 8.81 42.00 45.88
CA GLN A 185 8.73 40.57 45.64
C GLN A 185 9.69 39.83 46.56
N ASP A 186 9.25 38.67 47.04
CA ASP A 186 10.07 37.79 47.86
C ASP A 186 10.85 36.82 46.99
N MET A 187 12.10 36.57 47.39
CA MET A 187 12.93 35.59 46.71
C MET A 187 13.70 34.77 47.73
N GLU A 188 13.73 33.46 47.52
CA GLU A 188 14.49 32.53 48.35
C GLU A 188 15.41 31.69 47.47
N ILE A 189 16.71 31.93 47.59
CA ILE A 189 17.74 31.22 46.83
C ILE A 189 18.72 30.58 47.81
N LEU A 190 18.86 29.26 47.72
CA LEU A 190 19.79 28.51 48.56
C LEU A 190 19.55 28.81 50.04
N GLY A 191 18.27 28.85 50.44
CA GLY A 191 17.95 29.11 51.83
C GLY A 191 17.98 30.57 52.26
N LYS A 192 18.65 31.45 51.52
CA LYS A 192 18.67 32.88 51.81
C LYS A 192 17.47 33.58 51.17
N VAL A 193 16.61 34.17 52.00
CA VAL A 193 15.43 34.90 51.51
C VAL A 193 15.78 36.38 51.38
N THR A 194 15.55 36.94 50.19
CA THR A 194 15.79 38.34 49.88
C THR A 194 14.51 39.00 49.36
N THR A 195 14.46 40.33 49.49
CA THR A 195 13.37 41.11 48.93
C THR A 195 13.92 42.00 47.81
N HIS A 196 13.12 42.19 46.76
CA HIS A 196 13.50 43.05 45.64
C HIS A 196 12.40 44.09 45.46
N GLU A 197 12.78 45.36 45.50
CA GLU A 197 11.83 46.43 45.20
C GLU A 197 11.73 46.62 43.69
N LEU A 198 10.50 46.58 43.18
CA LEU A 198 10.25 46.77 41.75
C LEU A 198 10.63 48.19 41.30
N LYS A 199 10.43 49.18 42.16
CA LYS A 199 10.91 50.53 41.93
C LYS A 199 11.27 51.12 43.29
N GLU A 200 12.00 52.22 43.26
CA GLU A 200 12.46 52.86 44.50
C GLU A 200 11.29 53.14 45.43
N GLY A 201 11.41 52.64 46.66
CA GLY A 201 10.35 52.77 47.63
C GLY A 201 9.14 51.89 47.40
N GLY A 202 9.25 50.86 46.57
CA GLY A 202 8.10 50.02 46.24
C GLY A 202 7.55 49.22 47.41
N GLU A 203 8.31 49.09 48.49
CA GLU A 203 7.79 48.44 49.69
C GLU A 203 6.53 49.14 50.18
N SER A 204 6.51 50.46 50.09
CA SER A 204 5.43 51.29 50.61
C SER A 204 4.46 51.75 49.54
N ILE A 205 4.69 51.41 48.27
CA ILE A 205 3.83 51.83 47.18
C ILE A 205 2.83 50.71 46.89
N ARG A 206 1.55 50.99 47.03
CA ARG A 206 0.52 49.98 46.88
C ARG A 206 0.02 50.03 45.44
N VAL A 207 -0.50 48.91 44.95
CA VAL A 207 -0.92 48.80 43.57
C VAL A 207 -2.38 49.25 43.47
N THR A 208 -2.62 50.28 42.66
CA THR A 208 -3.93 50.87 42.42
C THR A 208 -4.25 50.79 40.94
N GLU A 209 -5.45 51.26 40.58
CA GLU A 209 -5.84 51.31 39.18
C GLU A 209 -4.93 52.26 38.41
N GLU A 210 -4.40 53.29 39.08
CA GLU A 210 -3.53 54.27 38.46
C GLU A 210 -2.07 53.81 38.43
N ASN A 211 -1.76 52.73 39.16
CA ASN A 211 -0.47 52.07 39.28
C ASN A 211 -0.31 50.91 38.30
N LYS A 212 -1.43 50.24 38.03
CA LYS A 212 -1.55 48.92 37.42
C LYS A 212 -0.58 48.58 36.30
N GLU A 213 -0.62 49.40 35.25
CA GLU A 213 0.15 49.10 34.03
C GLU A 213 1.64 49.08 34.32
N GLU A 214 2.13 50.05 35.10
CA GLU A 214 3.52 50.07 35.49
C GLU A 214 3.88 48.85 36.33
N TYR A 215 3.01 48.48 37.27
CA TYR A 215 3.28 47.31 38.10
C TYR A 215 3.38 46.06 37.24
N ILE A 216 2.47 45.91 36.27
CA ILE A 216 2.43 44.70 35.45
C ILE A 216 3.68 44.56 34.60
N MET A 217 4.18 45.66 34.01
CA MET A 217 5.37 45.51 33.17
C MET A 217 6.66 45.42 33.99
N LEU A 218 6.69 45.96 35.20
CA LEU A 218 7.84 45.73 36.06
C LEU A 218 7.83 44.29 36.59
N LEU A 219 6.64 43.78 36.91
CA LEU A 219 6.51 42.41 37.42
C LEU A 219 6.83 41.40 36.33
N THR A 220 6.36 41.67 35.11
CA THR A 220 6.62 40.79 33.98
C THR A 220 8.12 40.60 33.78
N ASP A 221 8.85 41.71 33.66
CA ASP A 221 10.30 41.64 33.53
C ASP A 221 10.91 40.87 34.69
N TRP A 222 10.46 41.16 35.92
CA TRP A 222 11.05 40.51 37.09
C TRP A 222 10.82 39.00 37.09
N ARG A 223 9.70 38.55 36.53
CA ARG A 223 9.40 37.12 36.51
C ARG A 223 10.39 36.35 35.64
N PHE A 224 10.98 37.01 34.64
CA PHE A 224 11.97 36.37 33.77
C PHE A 224 13.41 36.61 34.18
N THR A 225 13.69 37.64 34.97
CA THR A 225 15.07 38.00 35.31
C THR A 225 15.51 37.59 36.71
N ARG A 226 14.57 37.33 37.62
CA ARG A 226 14.87 37.14 39.03
C ARG A 226 15.92 36.05 39.25
N GLY A 227 16.98 36.41 39.97
CA GLY A 227 18.02 35.50 40.41
C GLY A 227 18.97 34.99 39.34
N VAL A 228 18.83 35.43 38.08
CA VAL A 228 19.67 34.91 37.01
C VAL A 228 20.31 36.05 36.24
N GLU A 229 20.29 37.26 36.82
CA GLU A 229 20.85 38.43 36.15
C GLU A 229 22.34 38.25 35.87
N GLU A 230 23.11 37.81 36.87
CA GLU A 230 24.56 37.70 36.73
C GLU A 230 24.93 36.56 35.79
N GLN A 231 24.22 35.44 35.88
CA GLN A 231 24.49 34.32 34.98
C GLN A 231 24.15 34.68 33.55
N THR A 232 23.04 35.41 33.36
CA THR A 232 22.65 35.83 32.01
C THR A 232 23.68 36.80 31.42
N LYS A 233 24.18 37.72 32.25
CA LYS A 233 25.19 38.66 31.78
C LYS A 233 26.46 37.93 31.36
N ALA A 234 26.84 36.88 32.09
CA ALA A 234 28.04 36.15 31.75
C ALA A 234 27.88 35.40 30.43
N PHE A 235 26.69 34.85 30.19
CA PHE A 235 26.41 34.20 28.91
C PHE A 235 26.52 35.19 27.76
N LEU A 236 25.86 36.34 27.88
CA LEU A 236 25.85 37.30 26.79
C LEU A 236 27.24 37.82 26.48
N ASP A 237 28.05 38.05 27.52
CA ASP A 237 29.44 38.47 27.30
C ASP A 237 30.21 37.41 26.55
N GLY A 238 30.08 36.14 26.96
CA GLY A 238 30.78 35.07 26.29
C GLY A 238 30.41 34.97 24.82
N PHE A 239 29.12 35.10 24.51
CA PHE A 239 28.68 35.15 23.12
C PHE A 239 29.29 36.34 22.39
N ASN A 240 29.14 37.53 22.97
CA ASN A 240 29.55 38.76 22.30
C ASN A 240 31.04 38.80 22.00
N GLU A 241 31.85 38.21 22.88
CA GLU A 241 33.28 38.04 22.62
C GLU A 241 33.55 37.43 21.26
N VAL A 242 32.71 36.49 20.84
CA VAL A 242 32.96 35.68 19.65
C VAL A 242 32.18 36.20 18.44
N ALA A 243 30.88 36.37 18.59
CA ALA A 243 30.03 36.93 17.54
C ALA A 243 29.32 38.15 18.12
N PRO A 244 29.61 39.36 17.65
CA PRO A 244 28.91 40.53 18.19
C PRO A 244 27.41 40.35 18.16
N LEU A 245 26.77 40.60 19.30
CA LEU A 245 25.32 40.52 19.36
C LEU A 245 24.68 41.49 18.38
N GLU A 246 25.41 42.53 17.96
CA GLU A 246 24.92 43.49 16.98
C GLU A 246 24.58 42.83 15.66
N TRP A 247 25.25 41.72 15.33
CA TRP A 247 25.02 41.00 14.09
C TRP A 247 23.64 40.34 14.02
N LEU A 248 22.93 40.21 15.14
CA LEU A 248 21.61 39.61 15.14
C LEU A 248 20.48 40.64 15.01
N ARG A 249 20.80 41.88 14.59
CA ARG A 249 19.84 42.97 14.64
C ARG A 249 18.54 42.65 13.90
N TYR A 250 18.63 41.95 12.76
CA TYR A 250 17.42 41.74 11.96
C TYR A 250 16.53 40.59 12.43
N PHE A 251 17.09 39.58 13.11
CA PHE A 251 16.31 38.38 13.41
C PHE A 251 15.25 38.65 14.47
N ASP A 252 14.17 37.87 14.43
CA ASP A 252 13.29 37.72 15.58
C ASP A 252 13.64 36.44 16.33
N GLU A 253 12.99 36.24 17.48
CA GLU A 253 13.39 35.15 18.37
C GLU A 253 13.15 33.79 17.73
N LYS A 254 12.07 33.65 16.96
CA LYS A 254 11.78 32.38 16.31
C LYS A 254 12.78 32.11 15.19
N GLU A 255 13.21 33.15 14.47
CA GLU A 255 14.23 32.98 13.45
C GLU A 255 15.58 32.65 14.06
N LEU A 256 15.93 33.31 15.17
CA LEU A 256 17.19 32.98 15.85
C LEU A 256 17.19 31.53 16.31
N GLU A 257 16.05 31.02 16.81
CA GLU A 257 16.03 29.62 17.22
C GLU A 257 16.31 28.69 16.03
N LEU A 258 15.80 29.02 14.83
CA LEU A 258 16.10 28.22 13.66
C LEU A 258 17.56 28.30 13.27
N MET A 259 18.18 29.47 13.42
CA MET A 259 19.60 29.55 13.03
C MET A 259 20.44 28.61 13.87
N LEU A 260 20.03 28.37 15.12
CA LEU A 260 20.81 27.53 16.03
C LEU A 260 20.36 26.07 15.99
N CYS A 261 19.10 25.80 15.66
CA CYS A 261 18.59 24.43 15.66
C CYS A 261 18.61 23.79 14.28
N GLY A 262 18.59 24.58 13.21
CA GLY A 262 18.52 23.96 11.91
C GLY A 262 17.08 23.66 11.52
N MET A 263 16.82 23.72 10.22
CA MET A 263 15.50 23.42 9.68
C MET A 263 15.44 21.96 9.28
N GLN A 264 14.43 21.25 9.75
CA GLN A 264 14.23 19.89 9.29
C GLN A 264 12.84 19.75 8.68
N GLU A 265 12.69 18.79 7.77
CA GLU A 265 11.42 18.58 7.10
C GLU A 265 10.38 18.01 8.05
N ILE A 266 9.21 18.65 8.11
CA ILE A 266 8.17 18.28 9.05
C ILE A 266 7.30 17.17 8.44
N ASP A 267 7.11 16.10 9.21
CA ASP A 267 6.28 14.97 8.83
C ASP A 267 4.79 15.35 8.95
N MET A 268 4.15 15.57 7.81
CA MET A 268 2.73 15.96 7.80
C MET A 268 1.83 14.87 8.39
N SER A 269 2.13 13.59 8.11
CA SER A 269 1.32 12.51 8.65
C SER A 269 1.44 12.43 10.17
N ASP A 270 2.66 12.47 10.69
CA ASP A 270 2.86 12.48 12.13
C ASP A 270 2.07 13.61 12.80
N TRP A 271 2.07 14.79 12.17
CA TRP A 271 1.35 15.94 12.69
C TRP A 271 -0.16 15.66 12.79
N GLN A 272 -0.77 15.24 11.68
CA GLN A 272 -2.22 15.06 11.67
C GLN A 272 -2.67 13.90 12.55
N LYS A 273 -1.93 12.78 12.54
CA LYS A 273 -2.30 11.67 13.41
C LYS A 273 -2.29 12.07 14.88
N SER A 274 -1.36 12.93 15.27
CA SER A 274 -1.18 13.24 16.69
C SER A 274 -1.90 14.51 17.12
N THR A 275 -2.75 15.09 16.28
CA THR A 275 -3.49 16.30 16.64
C THR A 275 -4.80 15.93 17.31
N ILE A 276 -5.11 16.59 18.42
CA ILE A 276 -6.38 16.38 19.11
C ILE A 276 -7.20 17.66 18.99
N TYR A 277 -8.48 17.56 19.35
CA TYR A 277 -9.43 18.62 19.05
C TYR A 277 -10.31 18.90 20.26
N ARG A 278 -10.64 20.16 20.43
CA ARG A 278 -11.59 20.61 21.45
C ARG A 278 -12.72 21.36 20.76
N HIS A 279 -13.96 20.95 21.05
CA HIS A 279 -15.16 21.48 20.39
C HIS A 279 -15.17 21.21 18.88
N TYR A 280 -14.03 21.35 18.22
CA TYR A 280 -13.92 20.88 16.84
C TYR A 280 -13.77 19.35 16.86
N THR A 281 -13.90 18.74 15.68
CA THR A 281 -13.40 17.38 15.49
C THR A 281 -12.56 17.37 14.22
N LYS A 282 -12.01 16.18 13.90
CA LYS A 282 -11.34 16.03 12.62
C LYS A 282 -12.28 16.25 11.44
N ASN A 283 -13.59 16.22 11.66
CA ASN A 283 -14.56 16.41 10.58
C ASN A 283 -15.18 17.80 10.58
N SER A 284 -14.54 18.78 11.20
CA SER A 284 -15.13 20.11 11.25
C SER A 284 -14.70 20.94 10.05
N LYS A 285 -15.63 21.80 9.61
CA LYS A 285 -15.42 22.74 8.50
C LYS A 285 -14.07 23.43 8.60
N GLN A 286 -13.84 24.11 9.73
CA GLN A 286 -12.64 24.91 9.89
C GLN A 286 -11.38 24.06 10.01
N ILE A 287 -11.50 22.83 10.54
CA ILE A 287 -10.32 21.97 10.69
C ILE A 287 -9.83 21.48 9.34
N GLN A 288 -10.75 21.04 8.48
CA GLN A 288 -10.35 20.60 7.16
C GLN A 288 -9.81 21.77 6.35
N TRP A 289 -10.28 23.00 6.61
CA TRP A 289 -9.66 24.18 6.03
C TRP A 289 -8.25 24.38 6.57
N PHE A 290 -8.10 24.27 7.90
CA PHE A 290 -6.78 24.41 8.53
C PHE A 290 -5.74 23.56 7.83
N TRP A 291 -6.03 22.28 7.63
CA TRP A 291 -5.04 21.36 7.08
C TRP A 291 -4.77 21.64 5.60
N GLN A 292 -5.74 22.21 4.88
CA GLN A 292 -5.44 22.66 3.52
C GLN A 292 -4.46 23.83 3.54
N VAL A 293 -4.61 24.76 4.50
CA VAL A 293 -3.67 25.86 4.58
C VAL A 293 -2.28 25.34 4.92
N VAL A 294 -2.20 24.34 5.80
CA VAL A 294 -0.90 23.79 6.16
C VAL A 294 -0.31 22.99 5.02
N LYS A 295 -1.17 22.28 4.24
CA LYS A 295 -0.67 21.56 3.07
C LYS A 295 -0.10 22.48 2.01
N GLU A 296 -0.67 23.67 1.88
CA GLU A 296 -0.21 24.64 0.90
C GLU A 296 1.02 25.41 1.36
N MET A 297 1.33 25.35 2.65
CA MET A 297 2.53 26.00 3.16
C MET A 297 3.78 25.26 2.70
N ASP A 298 4.86 26.02 2.52
CA ASP A 298 6.15 25.37 2.39
C ASP A 298 6.68 25.05 3.79
N ASN A 299 7.76 24.26 3.85
CA ASN A 299 8.23 23.76 5.12
C ASN A 299 8.60 24.88 6.08
N GLU A 300 9.19 25.97 5.56
CA GLU A 300 9.55 27.09 6.41
C GLU A 300 8.35 27.62 7.19
N LYS A 301 7.19 27.71 6.52
CA LYS A 301 6.01 28.27 7.14
C LYS A 301 5.39 27.30 8.13
N ARG A 302 5.53 26.00 7.88
CA ARG A 302 5.03 24.99 8.80
C ARG A 302 5.78 25.06 10.13
N ILE A 303 7.11 25.17 10.06
CA ILE A 303 7.92 25.33 11.27
C ILE A 303 7.45 26.56 12.02
N ARG A 304 7.19 27.65 11.30
CA ARG A 304 6.69 28.86 11.93
C ARG A 304 5.35 28.62 12.63
N LEU A 305 4.47 27.83 12.01
CA LEU A 305 3.23 27.43 12.68
C LEU A 305 3.50 26.63 13.92
N LEU A 306 4.47 25.72 13.86
CA LEU A 306 4.85 24.92 15.03
C LEU A 306 5.34 25.82 16.16
N GLN A 307 6.17 26.82 15.83
CA GLN A 307 6.70 27.73 16.85
C GLN A 307 5.59 28.59 17.45
N PHE A 308 4.64 29.03 16.63
CA PHE A 308 3.55 29.87 17.12
C PHE A 308 2.70 29.13 18.15
N VAL A 309 2.40 27.86 17.90
CA VAL A 309 1.50 27.11 18.76
C VAL A 309 2.22 26.46 19.93
N THR A 310 3.40 25.87 19.70
CA THR A 310 4.10 25.12 20.75
C THR A 310 5.22 25.91 21.43
N GLY A 311 5.64 27.03 20.84
CA GLY A 311 6.73 27.78 21.42
C GLY A 311 8.12 27.33 21.01
N THR A 312 8.24 26.40 20.06
CA THR A 312 9.55 25.95 19.61
C THR A 312 9.39 25.19 18.30
N CYS A 313 10.49 25.12 17.55
CA CYS A 313 10.60 24.32 16.35
C CYS A 313 11.10 22.89 16.64
N ARG A 314 11.43 22.59 17.88
CA ARG A 314 12.05 21.32 18.23
C ARG A 314 10.98 20.26 18.48
N LEU A 315 11.22 19.07 17.94
CA LEU A 315 10.30 17.97 18.17
C LEU A 315 10.96 16.90 19.03
N PRO A 316 10.22 16.27 19.95
CA PRO A 316 10.81 15.20 20.76
C PRO A 316 11.04 13.94 19.94
N VAL A 317 11.81 13.04 20.55
N VAL A 317 11.75 12.99 20.54
CA VAL A 317 11.95 11.68 20.06
CA VAL A 317 12.39 11.91 19.77
C VAL A 317 10.58 11.03 20.05
C VAL A 317 11.39 11.00 19.03
N GLY A 318 10.20 10.50 18.91
N GLY A 318 10.14 10.92 19.50
CA GLY A 318 8.87 9.95 18.77
CA GLY A 318 9.14 10.09 18.87
C GLY A 318 7.85 10.89 18.18
C GLY A 318 8.07 10.82 18.06
N GLY A 319 8.25 12.10 17.80
CA GLY A 319 7.33 12.89 17.00
C GLY A 319 6.20 13.53 17.79
N PHE A 320 5.14 13.87 17.06
CA PHE A 320 4.08 14.71 17.60
C PHE A 320 3.29 14.00 18.70
N ALA A 321 3.28 12.67 18.71
CA ALA A 321 2.57 11.95 19.76
C ALA A 321 3.16 12.21 21.15
N GLU A 322 4.43 12.63 21.21
CA GLU A 322 5.17 12.78 22.45
C GLU A 322 5.27 14.22 22.93
N LEU A 323 4.55 15.15 22.29
CA LEU A 323 4.60 16.56 22.68
C LEU A 323 4.36 16.76 24.16
N ILE A 324 5.01 17.79 24.70
CA ILE A 324 5.03 18.07 26.13
C ILE A 324 4.47 19.47 26.35
N GLY A 325 3.65 19.61 27.40
CA GLY A 325 3.16 20.91 27.82
C GLY A 325 3.67 21.29 29.19
N SER A 326 3.10 22.36 29.79
CA SER A 326 3.51 22.78 31.11
C SER A 326 3.03 21.83 32.20
N ASN A 327 1.93 21.11 31.97
CA ASN A 327 1.37 20.23 32.97
C ASN A 327 1.55 18.76 32.61
N GLY A 328 2.43 18.44 31.67
CA GLY A 328 2.71 17.08 31.29
C GLY A 328 2.53 16.86 29.81
N PRO A 329 2.41 15.60 29.39
CA PRO A 329 2.16 15.31 27.98
C PRO A 329 0.95 16.08 27.46
N GLN A 330 1.05 16.52 26.21
CA GLN A 330 0.08 17.49 25.69
C GLN A 330 0.18 17.59 24.18
N LYS A 331 -0.60 16.76 23.47
CA LYS A 331 -0.55 16.76 22.02
C LYS A 331 -1.00 18.10 21.45
N PHE A 332 -0.53 18.38 20.23
CA PHE A 332 -1.00 19.52 19.45
C PHE A 332 -2.53 19.54 19.42
N CYS A 333 -3.13 20.66 19.81
CA CYS A 333 -4.56 20.74 20.02
C CYS A 333 -5.15 21.98 19.33
N ILE A 334 -6.34 21.81 18.75
CA ILE A 334 -7.06 22.91 18.10
C ILE A 334 -8.43 23.04 18.76
N ASP A 335 -8.73 24.23 19.26
CA ASP A 335 -9.93 24.53 20.03
C ASP A 335 -10.78 25.56 19.29
N LYS A 336 -12.10 25.37 19.31
CA LYS A 336 -13.03 26.37 18.76
C LYS A 336 -13.24 27.48 19.77
N VAL A 337 -12.45 28.55 19.68
CA VAL A 337 -12.51 29.65 20.63
C VAL A 337 -12.39 30.95 19.85
N GLY A 338 -13.20 31.95 20.22
CA GLY A 338 -13.07 33.28 19.67
C GLY A 338 -14.15 33.59 18.65
N LYS A 339 -14.24 34.87 18.31
CA LYS A 339 -15.16 35.32 17.28
C LYS A 339 -14.45 35.39 15.92
N GLU A 340 -15.28 35.46 14.88
CA GLU A 340 -14.80 35.55 13.51
C GLU A 340 -13.96 36.79 13.25
N THR A 341 -14.08 37.81 14.11
CA THR A 341 -13.30 39.02 13.98
C THR A 341 -11.94 38.93 14.66
N TRP A 342 -11.69 37.90 15.47
CA TRP A 342 -10.39 37.75 16.11
C TRP A 342 -9.43 37.01 15.19
N LEU A 343 -8.14 37.17 15.48
CA LEU A 343 -7.09 36.35 14.93
C LEU A 343 -6.99 35.04 15.71
N PRO A 344 -6.35 34.02 15.15
CA PRO A 344 -6.00 32.85 15.96
C PRO A 344 -4.94 33.22 16.97
N ARG A 345 -5.10 32.71 18.19
CA ARG A 345 -4.13 32.95 19.25
C ARG A 345 -3.71 31.60 19.81
N SER A 346 -2.45 31.52 20.25
CA SER A 346 -1.90 30.29 20.80
C SER A 346 -1.79 30.36 22.32
N HIS A 347 -1.89 29.19 22.94
CA HIS A 347 -1.53 28.94 24.33
C HIS A 347 -0.40 27.92 24.27
N THR A 348 0.86 28.39 24.25
CA THR A 348 1.97 27.47 24.02
C THR A 348 2.14 26.47 25.16
N CYS A 349 1.70 26.83 26.37
CA CYS A 349 1.81 25.90 27.50
C CYS A 349 0.94 24.66 27.30
N PHE A 350 -0.17 24.80 26.59
CA PHE A 350 -1.05 23.67 26.30
C PHE A 350 -0.94 23.22 24.84
N ASN A 351 0.02 23.79 24.08
CA ASN A 351 0.20 23.47 22.68
C ASN A 351 -1.11 23.63 21.91
N ARG A 352 -1.82 24.71 22.23
CA ARG A 352 -3.18 24.91 21.75
C ARG A 352 -3.27 26.09 20.78
N LEU A 353 -4.02 25.88 19.71
CA LEU A 353 -4.39 26.94 18.78
C LEU A 353 -5.88 27.21 18.98
N ASP A 354 -6.22 28.42 19.43
CA ASP A 354 -7.61 28.88 19.46
C ASP A 354 -7.99 29.27 18.05
N LEU A 355 -8.69 28.40 17.33
CA LEU A 355 -9.04 28.70 15.94
C LEU A 355 -10.49 29.13 15.86
N PRO A 356 -10.76 30.41 15.62
CA PRO A 356 -12.14 30.87 15.60
C PRO A 356 -12.94 30.23 14.51
N PRO A 357 -14.26 30.12 14.66
CA PRO A 357 -15.09 29.50 13.62
C PRO A 357 -15.27 30.44 12.43
N TYR A 358 -14.25 30.47 11.58
CA TYR A 358 -14.24 31.36 10.44
C TYR A 358 -15.32 31.00 9.42
N LYS A 359 -15.67 32.00 8.61
CA LYS A 359 -16.76 31.90 7.66
C LYS A 359 -16.36 31.35 6.31
N SER A 360 -15.07 31.35 5.97
CA SER A 360 -14.62 30.90 4.66
C SER A 360 -13.20 30.36 4.75
N TYR A 361 -12.82 29.55 3.75
CA TYR A 361 -11.43 29.13 3.63
C TYR A 361 -10.50 30.33 3.47
N GLU A 362 -10.87 31.28 2.60
CA GLU A 362 -10.04 32.46 2.35
C GLU A 362 -9.87 33.30 3.60
N GLN A 363 -10.89 33.35 4.46
CA GLN A 363 -10.77 34.10 5.70
C GLN A 363 -9.79 33.43 6.65
N LEU A 364 -9.94 32.12 6.83
CA LEU A 364 -9.04 31.38 7.71
C LEU A 364 -7.60 31.45 7.21
N ARG A 365 -7.40 31.27 5.89
CA ARG A 365 -6.04 31.30 5.35
C ARG A 365 -5.34 32.62 5.64
N GLU A 366 -6.02 33.75 5.36
CA GLU A 366 -5.35 35.03 5.55
C GLU A 366 -5.12 35.34 7.02
N LYS A 367 -6.09 35.04 7.89
CA LYS A 367 -5.89 35.32 9.31
C LYS A 367 -4.88 34.40 9.95
N LEU A 368 -4.85 33.12 9.54
CA LEU A 368 -3.84 32.21 10.07
C LEU A 368 -2.45 32.64 9.66
N LEU A 369 -2.26 32.94 8.37
CA LEU A 369 -0.93 33.31 7.88
C LEU A 369 -0.47 34.63 8.50
N TYR A 370 -1.38 35.56 8.71
CA TYR A 370 -1.03 36.83 9.35
C TYR A 370 -0.56 36.62 10.79
N ALA A 371 -1.27 35.78 11.55
CA ALA A 371 -0.93 35.58 12.95
C ALA A 371 0.42 34.91 13.13
N ILE A 372 0.69 33.86 12.34
CA ILE A 372 1.93 33.08 12.42
C ILE A 372 3.15 33.89 11.99
N GLU A 373 2.91 35.05 11.36
CA GLU A 373 4.00 35.93 10.89
C GLU A 373 4.21 37.21 11.68
N GLU A 374 3.20 37.71 12.39
CA GLU A 374 3.24 39.05 12.98
C GLU A 374 2.93 39.09 14.46
N THR A 375 2.33 38.04 15.01
CA THR A 375 1.97 37.94 16.42
C THR A 375 2.71 36.76 17.02
N GLU A 376 2.61 36.62 18.33
CA GLU A 376 3.24 35.49 19.02
C GLU A 376 2.27 34.62 19.79
N ASP B 3 -44.06 32.11 -19.45
CA ASP B 3 -42.75 31.71 -18.97
C ASP B 3 -42.14 30.69 -19.91
N ARG B 4 -41.00 30.12 -19.51
CA ARG B 4 -40.19 29.35 -20.44
C ARG B 4 -40.53 27.87 -20.32
N SER B 5 -40.03 27.09 -21.28
CA SER B 5 -40.29 25.67 -21.20
C SER B 5 -39.26 25.02 -20.30
N PHE B 6 -39.56 23.79 -19.85
CA PHE B 6 -38.58 23.08 -19.05
C PHE B 6 -37.34 22.77 -19.87
N ARG B 7 -37.53 22.33 -21.13
CA ARG B 7 -36.43 22.05 -22.03
C ARG B 7 -35.54 23.28 -22.21
N TRP B 8 -36.14 24.44 -22.47
CA TRP B 8 -35.36 25.66 -22.62
C TRP B 8 -34.55 25.97 -21.37
N LYS B 9 -35.19 25.90 -20.21
CA LYS B 9 -34.51 26.20 -18.94
C LYS B 9 -33.37 25.22 -18.70
N TYR B 10 -33.58 23.96 -19.05
CA TYR B 10 -32.56 22.93 -18.87
C TYR B 10 -31.31 23.20 -19.71
N HIS B 11 -31.50 23.60 -20.97
CA HIS B 11 -30.38 23.90 -21.84
C HIS B 11 -29.62 25.14 -21.39
N GLN B 12 -30.34 26.12 -20.86
N GLN B 12 -30.30 26.14 -20.84
CA GLN B 12 -29.74 27.33 -20.30
CA GLN B 12 -29.57 27.30 -20.36
C GLN B 12 -28.91 27.01 -19.07
C GLN B 12 -28.93 27.09 -18.99
N PHE B 13 -29.41 26.12 -18.21
CA PHE B 13 -28.65 25.70 -17.04
C PHE B 13 -27.46 24.84 -17.44
N ARG B 14 -27.69 23.86 -18.32
CA ARG B 14 -26.62 23.00 -18.80
C ARG B 14 -25.49 23.80 -19.43
N PHE B 15 -25.83 24.71 -20.35
CA PHE B 15 -24.80 25.52 -20.99
C PHE B 15 -24.03 26.33 -19.95
N LEU B 16 -24.74 26.88 -18.96
CA LEU B 16 -24.09 27.67 -17.92
C LEU B 16 -23.17 26.81 -17.06
N CYS B 17 -23.46 25.52 -16.93
CA CYS B 17 -22.52 24.58 -16.30
C CYS B 17 -21.33 24.34 -17.22
N HIS B 18 -21.59 23.96 -18.47
CA HIS B 18 -20.53 23.75 -19.45
C HIS B 18 -19.59 24.96 -19.48
N SER B 19 -20.15 26.15 -19.31
CA SER B 19 -19.42 27.40 -19.42
C SER B 19 -18.50 27.66 -18.24
N ASN B 20 -18.76 27.03 -17.10
CA ASN B 20 -17.95 27.23 -15.91
C ASN B 20 -17.12 26.01 -15.57
N ALA B 21 -16.93 25.11 -16.53
CA ALA B 21 -16.18 23.89 -16.27
C ALA B 21 -14.69 24.18 -16.10
N LEU B 22 -14.02 23.25 -15.45
CA LEU B 22 -12.57 23.27 -15.28
C LEU B 22 -11.98 22.04 -15.96
N PRO B 23 -10.71 22.08 -16.34
CA PRO B 23 -10.10 20.95 -17.03
C PRO B 23 -9.74 19.84 -16.05
N SER B 24 -9.20 18.76 -16.59
CA SER B 24 -8.69 17.62 -15.82
C SER B 24 -9.80 16.88 -15.08
N HIS B 25 -9.45 16.26 -13.95
CA HIS B 25 -10.33 15.30 -13.28
C HIS B 25 -10.04 15.31 -11.79
N VAL B 26 -10.93 14.67 -11.02
CA VAL B 26 -10.69 14.35 -9.61
C VAL B 26 -11.10 12.90 -9.37
N LYS B 27 -10.26 12.17 -8.66
CA LYS B 27 -10.56 10.80 -8.27
C LYS B 27 -11.20 10.74 -6.89
N ILE B 28 -12.22 9.89 -6.75
CA ILE B 28 -12.84 9.60 -5.45
C ILE B 28 -12.91 8.09 -5.30
N SER B 29 -12.21 7.56 -4.31
CA SER B 29 -12.09 6.11 -4.10
C SER B 29 -12.94 5.69 -2.90
N VAL B 30 -13.83 4.70 -3.10
CA VAL B 30 -14.70 4.22 -2.02
C VAL B 30 -14.86 2.71 -2.08
N SER B 31 -15.33 2.16 -0.95
CA SER B 31 -15.78 0.78 -0.81
C SER B 31 -17.27 0.80 -0.45
N ARG B 32 -17.99 -0.25 -0.84
CA ARG B 32 -19.43 -0.31 -0.51
C ARG B 32 -19.65 -0.27 0.99
N GLN B 33 -18.70 -0.79 1.76
CA GLN B 33 -18.87 -0.92 3.20
C GLN B 33 -18.60 0.38 3.93
N THR B 34 -17.87 1.31 3.30
CA THR B 34 -17.54 2.59 3.90
C THR B 34 -17.89 3.72 2.94
N LEU B 35 -19.01 3.57 2.22
CA LEU B 35 -19.43 4.53 1.21
C LEU B 35 -19.49 5.96 1.76
N PHE B 36 -20.35 6.17 2.76
CA PHE B 36 -20.54 7.49 3.33
C PHE B 36 -19.25 8.12 3.83
N GLU B 37 -18.53 7.41 4.69
CA GLU B 37 -17.37 8.02 5.36
C GLU B 37 -16.25 8.30 4.38
N ASP B 38 -15.98 7.36 3.47
CA ASP B 38 -14.96 7.58 2.46
C ASP B 38 -15.32 8.80 1.60
N SER B 39 -16.56 8.84 1.14
CA SER B 39 -17.03 9.97 0.32
C SER B 39 -16.93 11.28 1.08
N PHE B 40 -17.40 11.31 2.33
CA PHE B 40 -17.35 12.53 3.13
C PHE B 40 -15.93 13.09 3.23
N GLN B 41 -14.97 12.24 3.61
CA GLN B 41 -13.61 12.70 3.85
C GLN B 41 -12.99 13.27 2.59
N GLN B 42 -13.07 12.51 1.48
CA GLN B 42 -12.46 12.94 0.22
C GLN B 42 -13.08 14.24 -0.31
N ILE B 43 -14.41 14.33 -0.31
CA ILE B 43 -15.07 15.49 -0.91
C ILE B 43 -14.86 16.75 -0.06
N MET B 44 -14.99 16.64 1.27
CA MET B 44 -14.91 17.83 2.11
C MET B 44 -13.48 18.33 2.29
N ASN B 45 -12.48 17.49 2.05
CA ASN B 45 -11.09 17.90 2.14
C ASN B 45 -10.52 18.26 0.79
N MET B 46 -11.38 18.37 -0.21
CA MET B 46 -11.09 18.84 -1.55
C MET B 46 -11.61 20.27 -1.70
N LYS B 47 -11.05 21.02 -2.68
CA LYS B 47 -11.61 22.35 -2.83
C LYS B 47 -12.89 22.29 -3.67
N PRO B 48 -13.94 23.00 -3.27
CA PRO B 48 -15.27 22.80 -3.90
C PRO B 48 -15.29 22.95 -5.41
N TYR B 49 -14.60 23.96 -5.96
CA TYR B 49 -14.64 24.14 -7.41
C TYR B 49 -14.03 22.95 -8.14
N ASP B 50 -13.10 22.23 -7.51
CA ASP B 50 -12.50 21.05 -8.15
C ASP B 50 -13.53 19.96 -8.39
N LEU B 51 -14.66 20.00 -7.72
CA LEU B 51 -15.70 19.00 -7.93
C LEU B 51 -16.44 19.22 -9.25
N ARG B 52 -16.10 20.27 -9.98
CA ARG B 52 -16.61 20.51 -11.33
C ARG B 52 -15.74 19.89 -12.41
N ARG B 53 -14.61 19.29 -12.05
CA ARG B 53 -13.81 18.58 -13.02
C ARG B 53 -14.49 17.23 -13.33
N ARG B 54 -13.91 16.47 -14.24
CA ARG B 54 -14.45 15.14 -14.54
C ARG B 54 -14.38 14.29 -13.28
N LEU B 55 -15.48 13.62 -12.93
CA LEU B 55 -15.45 12.73 -11.79
C LEU B 55 -14.99 11.35 -12.24
N TYR B 56 -13.94 10.86 -11.58
CA TYR B 56 -13.52 9.47 -11.67
C TYR B 56 -13.82 8.88 -10.30
N ILE B 57 -14.91 8.11 -10.21
CA ILE B 57 -15.31 7.45 -8.97
C ILE B 57 -14.75 6.04 -9.01
N ILE B 58 -13.99 5.66 -8.00
CA ILE B 58 -13.36 4.35 -7.95
C ILE B 58 -14.03 3.54 -6.85
N MET B 59 -14.77 2.50 -7.24
CA MET B 59 -15.37 1.58 -6.27
C MET B 59 -14.39 0.43 -6.04
N ARG B 60 -13.58 0.55 -4.98
CA ARG B 60 -12.54 -0.43 -4.71
C ARG B 60 -13.16 -1.81 -4.58
N GLY B 61 -12.68 -2.76 -5.37
CA GLY B 61 -13.27 -4.08 -5.24
C GLY B 61 -14.40 -4.38 -6.19
N GLU B 62 -14.90 -3.41 -6.96
CA GLU B 62 -15.92 -3.69 -7.97
C GLU B 62 -15.35 -3.76 -9.37
N GLU B 63 -16.13 -4.42 -10.23
CA GLU B 63 -15.71 -4.90 -11.54
C GLU B 63 -15.96 -3.96 -12.71
N GLY B 64 -17.18 -3.94 -13.24
CA GLY B 64 -17.43 -3.37 -14.55
C GLY B 64 -17.80 -1.91 -14.56
N LEU B 65 -18.38 -1.49 -15.67
CA LEU B 65 -18.93 -0.15 -15.86
C LEU B 65 -17.86 0.90 -16.10
N ASP B 66 -18.25 1.95 -16.79
CA ASP B 66 -17.40 3.08 -17.15
C ASP B 66 -17.46 4.09 -16.02
N TYR B 67 -16.63 5.14 -16.12
CA TYR B 67 -16.66 6.15 -15.07
C TYR B 67 -18.06 6.72 -14.92
N GLY B 68 -18.77 6.94 -16.03
CA GLY B 68 -20.13 7.43 -15.90
C GLY B 68 -21.14 6.40 -15.43
N GLY B 69 -20.78 5.12 -15.45
CA GLY B 69 -21.64 4.06 -14.95
C GLY B 69 -21.37 3.84 -13.47
N ILE B 70 -20.12 4.02 -13.06
CA ILE B 70 -19.79 3.97 -11.63
C ILE B 70 -20.34 5.22 -10.98
N ALA B 71 -20.35 6.33 -11.72
CA ALA B 71 -20.98 7.55 -11.23
C ALA B 71 -22.47 7.36 -10.98
N ARG B 72 -23.19 6.75 -11.92
CA ARG B 72 -24.62 6.47 -11.73
C ARG B 72 -24.88 5.74 -10.42
N GLU B 73 -24.15 4.65 -10.17
CA GLU B 73 -24.40 3.85 -8.98
C GLU B 73 -23.98 4.59 -7.70
N TRP B 74 -22.83 5.27 -7.73
CA TRP B 74 -22.36 6.00 -6.57
C TRP B 74 -23.37 7.05 -6.12
N PHE B 75 -23.76 7.94 -7.04
CA PHE B 75 -24.77 8.95 -6.74
C PHE B 75 -26.04 8.34 -6.15
N PHE B 76 -26.49 7.22 -6.71
CA PHE B 76 -27.68 6.53 -6.22
C PHE B 76 -27.47 6.00 -4.81
N LEU B 77 -26.44 5.17 -4.62
CA LEU B 77 -26.21 4.53 -3.33
C LEU B 77 -26.00 5.56 -2.22
N LEU B 78 -25.20 6.60 -2.49
CA LEU B 78 -24.91 7.58 -1.46
C LEU B 78 -26.11 8.45 -1.15
N SER B 79 -26.97 8.71 -2.14
CA SER B 79 -28.18 9.49 -1.90
C SER B 79 -29.16 8.78 -0.97
N HIS B 80 -29.03 7.46 -0.85
CA HIS B 80 -29.81 6.66 0.10
C HIS B 80 -29.11 6.57 1.44
N GLU B 81 -27.78 6.46 1.42
CA GLU B 81 -26.99 6.21 2.61
C GLU B 81 -26.94 7.41 3.55
N VAL B 82 -27.15 8.62 3.03
CA VAL B 82 -27.27 9.79 3.91
C VAL B 82 -28.54 9.74 4.74
N LEU B 83 -29.49 8.88 4.37
CA LEU B 83 -30.72 8.71 5.14
C LEU B 83 -30.59 7.71 6.28
N ASN B 84 -29.43 7.07 6.41
CA ASN B 84 -29.22 6.10 7.48
C ASN B 84 -29.50 6.74 8.83
N PRO B 85 -30.36 6.16 9.66
CA PRO B 85 -30.64 6.76 10.97
C PRO B 85 -29.43 6.90 11.88
N MET B 86 -28.31 6.22 11.59
CA MET B 86 -27.13 6.37 12.45
C MET B 86 -26.69 7.82 12.51
N TYR B 87 -26.81 8.54 11.39
CA TYR B 87 -26.29 9.90 11.32
C TYR B 87 -27.25 10.89 11.95
N CYS B 88 -28.50 10.50 12.17
CA CYS B 88 -29.50 11.31 12.87
C CYS B 88 -29.73 12.63 12.13
N LEU B 89 -29.50 12.63 10.82
CA LEU B 89 -29.62 13.84 10.03
C LEU B 89 -31.04 14.06 9.51
N PHE B 90 -31.76 12.98 9.23
CA PHE B 90 -33.08 13.06 8.61
C PHE B 90 -34.11 12.25 9.37
N GLU B 91 -35.36 12.60 9.10
CA GLU B 91 -36.51 11.89 9.61
C GLU B 91 -37.66 12.09 8.63
N TYR B 92 -38.80 11.48 8.93
CA TYR B 92 -39.99 11.58 8.12
C TYR B 92 -41.13 12.18 8.93
N ALA B 93 -41.82 13.16 8.35
CA ALA B 93 -42.94 13.79 9.03
C ALA B 93 -44.10 12.83 9.25
N GLY B 94 -44.23 11.79 8.42
CA GLY B 94 -45.34 10.86 8.52
C GLY B 94 -44.88 9.42 8.52
N LYS B 95 -45.86 8.52 8.63
CA LYS B 95 -45.59 7.09 8.68
C LYS B 95 -45.07 6.57 7.34
N ASN B 96 -44.39 5.43 7.39
CA ASN B 96 -43.93 4.70 6.20
C ASN B 96 -42.99 5.56 5.36
N ASN B 97 -42.10 6.29 6.04
CA ASN B 97 -41.12 7.16 5.36
C ASN B 97 -41.82 8.17 4.46
N TYR B 98 -42.85 8.81 4.99
CA TYR B 98 -43.60 9.81 4.26
C TYR B 98 -43.05 11.19 4.61
N CYS B 99 -42.70 11.95 3.57
CA CYS B 99 -42.33 13.35 3.71
C CYS B 99 -41.04 13.58 4.50
N LEU B 100 -39.91 13.39 3.83
CA LEU B 100 -38.59 13.65 4.41
C LEU B 100 -38.44 15.10 4.87
N GLN B 101 -37.74 15.27 5.99
CA GLN B 101 -37.40 16.57 6.53
C GLN B 101 -36.10 16.44 7.33
N ILE B 102 -35.44 17.57 7.55
CA ILE B 102 -34.25 17.57 8.40
C ILE B 102 -34.67 17.33 9.84
N ASN B 103 -33.88 16.52 10.56
CA ASN B 103 -34.12 16.22 11.95
C ASN B 103 -33.70 17.39 12.83
N PRO B 104 -34.63 18.06 13.53
CA PRO B 104 -34.22 19.16 14.43
C PRO B 104 -33.30 18.70 15.54
N ALA B 105 -33.32 17.42 15.90
CA ALA B 105 -32.46 16.85 16.93
C ALA B 105 -31.09 16.41 16.39
N SER B 106 -30.78 16.75 15.14
CA SER B 106 -29.55 16.29 14.50
C SER B 106 -28.29 16.74 15.22
N SER B 107 -28.36 17.76 16.08
CA SER B 107 -27.18 18.19 16.82
C SER B 107 -26.66 17.10 17.77
N ILE B 108 -27.44 16.06 18.04
CA ILE B 108 -26.90 14.86 18.71
C ILE B 108 -25.74 14.27 17.95
N ASN B 109 -25.62 14.56 16.65
CA ASN B 109 -24.47 14.16 15.88
C ASN B 109 -23.55 15.37 15.87
N PRO B 110 -22.40 15.31 16.54
CA PRO B 110 -21.60 16.55 16.72
C PRO B 110 -21.09 17.14 15.42
N ASP B 111 -21.00 16.35 14.36
CA ASP B 111 -20.52 16.82 13.08
C ASP B 111 -21.64 17.16 12.12
N HIS B 112 -22.88 17.29 12.62
CA HIS B 112 -24.04 17.31 11.72
C HIS B 112 -23.97 18.48 10.74
N LEU B 113 -23.52 19.66 11.18
CA LEU B 113 -23.48 20.79 10.26
C LEU B 113 -22.49 20.59 9.12
N THR B 114 -21.35 19.96 9.38
CA THR B 114 -20.41 19.71 8.30
C THR B 114 -20.93 18.60 7.39
N TYR B 115 -21.66 17.63 7.96
CA TYR B 115 -22.32 16.63 7.15
C TYR B 115 -23.37 17.25 6.25
N PHE B 116 -24.04 18.29 6.73
CA PHE B 116 -25.05 18.95 5.89
C PHE B 116 -24.41 19.74 4.77
N ARG B 117 -23.28 20.39 5.07
N ARG B 117 -23.26 20.38 5.04
CA ARG B 117 -22.48 21.02 4.02
CA ARG B 117 -22.55 21.03 3.95
C ARG B 117 -22.08 20.00 2.96
C ARG B 117 -22.04 20.02 2.94
N PHE B 118 -21.71 18.81 3.40
CA PHE B 118 -21.26 17.76 2.49
C PHE B 118 -22.40 17.30 1.58
N ILE B 119 -23.58 17.07 2.17
CA ILE B 119 -24.74 16.69 1.37
C ILE B 119 -25.12 17.81 0.41
N GLY B 120 -24.98 19.06 0.86
CA GLY B 120 -25.14 20.20 -0.04
C GLY B 120 -24.22 20.12 -1.24
N ARG B 121 -22.93 19.90 -0.99
CA ARG B 121 -21.98 19.72 -2.08
C ARG B 121 -22.39 18.58 -2.99
N PHE B 122 -22.75 17.44 -2.38
CA PHE B 122 -23.08 16.22 -3.13
C PHE B 122 -24.28 16.43 -4.04
N ILE B 123 -25.31 17.13 -3.56
CA ILE B 123 -26.48 17.39 -4.38
C ILE B 123 -26.13 18.32 -5.54
N ALA B 124 -25.26 19.31 -5.29
CA ALA B 124 -24.82 20.20 -6.35
C ALA B 124 -23.94 19.48 -7.38
N MET B 125 -23.16 18.49 -6.93
CA MET B 125 -22.37 17.70 -7.88
C MET B 125 -23.29 16.96 -8.85
N ALA B 126 -24.38 16.39 -8.33
CA ALA B 126 -25.33 15.66 -9.16
C ALA B 126 -25.92 16.55 -10.23
N LEU B 127 -26.45 17.71 -9.83
CA LEU B 127 -26.98 18.66 -10.80
C LEU B 127 -25.93 19.07 -11.82
N TYR B 128 -24.72 19.39 -11.36
CA TYR B 128 -23.67 19.89 -12.25
C TYR B 128 -23.29 18.86 -13.29
N HIS B 129 -23.23 17.59 -12.89
CA HIS B 129 -22.78 16.52 -13.76
C HIS B 129 -23.93 15.77 -14.44
N GLY B 130 -25.15 16.29 -14.33
CA GLY B 130 -26.32 15.63 -14.90
C GLY B 130 -26.54 14.22 -14.41
N LYS B 131 -26.22 13.96 -13.14
CA LYS B 131 -26.41 12.66 -12.52
C LYS B 131 -27.59 12.75 -11.56
N PHE B 132 -28.15 11.59 -11.23
CA PHE B 132 -29.44 11.56 -10.55
C PHE B 132 -29.29 10.99 -9.14
N ILE B 133 -30.20 11.41 -8.26
CA ILE B 133 -30.22 11.00 -6.86
C ILE B 133 -31.63 10.56 -6.50
N ASP B 134 -31.74 9.76 -5.44
CA ASP B 134 -33.01 9.22 -4.98
C ASP B 134 -33.25 9.54 -3.50
N THR B 135 -32.85 10.73 -3.06
CA THR B 135 -32.94 11.05 -1.64
C THR B 135 -34.38 11.31 -1.20
N GLY B 136 -35.19 11.95 -2.04
CA GLY B 136 -36.58 12.15 -1.70
C GLY B 136 -36.92 13.38 -0.87
N PHE B 137 -36.12 14.46 -0.98
CA PHE B 137 -36.43 15.79 -0.44
C PHE B 137 -37.87 16.21 -0.78
N THR B 138 -38.51 17.11 -0.06
CA THR B 138 -39.85 17.51 -0.45
C THR B 138 -39.81 18.77 -1.32
N LEU B 139 -40.92 19.04 -2.02
CA LEU B 139 -40.98 20.24 -2.84
C LEU B 139 -40.74 21.52 -2.04
N PRO B 140 -41.30 21.70 -0.85
CA PRO B 140 -40.88 22.84 -0.01
C PRO B 140 -39.37 22.89 0.19
N PHE B 141 -38.70 21.75 0.30
CA PHE B 141 -37.23 21.75 0.39
C PHE B 141 -36.62 22.36 -0.87
N TYR B 142 -37.07 21.94 -2.05
CA TYR B 142 -36.56 22.57 -3.27
C TYR B 142 -36.95 24.03 -3.38
N LYS B 143 -38.15 24.40 -2.88
CA LYS B 143 -38.53 25.80 -2.87
C LYS B 143 -37.48 26.66 -2.18
N ARG B 144 -36.99 26.19 -1.03
CA ARG B 144 -35.95 26.93 -0.31
C ARG B 144 -34.70 27.08 -1.15
N MET B 145 -34.36 26.05 -1.93
CA MET B 145 -33.22 26.18 -2.82
C MET B 145 -33.46 27.21 -3.91
N LEU B 146 -34.72 27.55 -4.18
CA LEU B 146 -35.07 28.53 -5.20
C LEU B 146 -35.53 29.85 -4.59
N ASN B 147 -35.32 30.03 -3.29
CA ASN B 147 -35.73 31.25 -2.59
C ASN B 147 -37.23 31.50 -2.69
N LYS B 148 -38.02 30.44 -2.79
CA LYS B 148 -39.47 30.53 -2.73
C LYS B 148 -39.92 30.22 -1.30
N ARG B 149 -40.76 31.05 -0.77
CA ARG B 149 -41.22 30.80 0.57
C ARG B 149 -42.37 29.80 0.52
N PRO B 150 -42.44 28.86 1.46
CA PRO B 150 -43.52 27.88 1.45
C PRO B 150 -44.87 28.54 1.67
N THR B 151 -45.92 27.90 1.14
CA THR B 151 -47.25 28.45 1.13
C THR B 151 -48.16 27.68 2.07
N LEU B 152 -49.35 28.26 2.29
CA LEU B 152 -50.39 27.60 3.06
C LEU B 152 -50.71 26.23 2.48
N LYS B 153 -50.84 26.13 1.15
CA LYS B 153 -51.08 24.85 0.51
C LYS B 153 -49.99 23.85 0.83
N ASP B 154 -48.74 24.29 0.89
CA ASP B 154 -47.63 23.36 1.16
C ASP B 154 -47.78 22.70 2.52
N LEU B 155 -48.40 23.40 3.49
CA LEU B 155 -48.61 22.82 4.81
C LEU B 155 -49.43 21.54 4.75
N GLU B 156 -50.33 21.43 3.77
CA GLU B 156 -51.22 20.27 3.67
C GLU B 156 -50.46 18.98 3.40
N SER B 157 -49.31 19.05 2.73
CA SER B 157 -48.51 17.84 2.50
C SER B 157 -47.94 17.30 3.80
N ILE B 158 -47.46 18.17 4.68
CA ILE B 158 -46.72 17.76 5.87
C ILE B 158 -47.59 17.63 7.11
N ASP B 159 -48.71 18.33 7.18
CA ASP B 159 -49.50 18.37 8.40
C ASP B 159 -50.92 18.81 8.05
N PRO B 160 -51.74 17.90 7.50
CA PRO B 160 -53.10 18.30 7.12
C PRO B 160 -53.92 18.86 8.28
N GLU B 161 -53.64 18.44 9.52
CA GLU B 161 -54.40 18.95 10.65
C GLU B 161 -54.02 20.40 10.92
N PHE B 162 -52.72 20.72 10.88
CA PHE B 162 -52.25 22.09 10.98
C PHE B 162 -52.85 22.96 9.88
N TYR B 163 -52.75 22.48 8.64
CA TYR B 163 -53.32 23.17 7.49
C TYR B 163 -54.80 23.48 7.69
N ASN B 164 -55.57 22.50 8.16
CA ASN B 164 -57.01 22.72 8.31
C ASN B 164 -57.30 23.74 9.41
N SER B 165 -56.50 23.72 10.47
CA SER B 165 -56.68 24.69 11.55
C SER B 165 -56.38 26.11 11.08
N ILE B 166 -55.39 26.27 10.20
CA ILE B 166 -55.09 27.60 9.67
C ILE B 166 -56.20 28.06 8.71
N VAL B 167 -56.71 27.15 7.88
CA VAL B 167 -57.82 27.52 7.00
C VAL B 167 -59.02 27.93 7.82
N TRP B 168 -59.32 27.17 8.88
CA TRP B 168 -60.44 27.49 9.76
C TRP B 168 -60.30 28.88 10.37
N ILE B 169 -59.12 29.19 10.92
CA ILE B 169 -58.87 30.55 11.39
C ILE B 169 -59.09 31.54 10.27
N LYS B 170 -58.64 31.20 9.07
CA LYS B 170 -58.66 32.14 7.95
C LYS B 170 -60.08 32.57 7.61
N GLU B 171 -61.04 31.64 7.70
CA GLU B 171 -62.40 31.89 7.21
C GLU B 171 -63.44 31.89 8.32
N ASN B 172 -63.03 32.08 9.58
CA ASN B 172 -63.96 32.24 10.69
C ASN B 172 -63.61 33.53 11.44
N ASN B 173 -64.64 34.19 11.98
CA ASN B 173 -64.39 35.39 12.77
C ASN B 173 -63.84 35.01 14.13
N LEU B 174 -62.66 35.54 14.45
CA LEU B 174 -62.01 35.24 15.72
C LEU B 174 -62.69 35.93 16.90
N GLU B 175 -63.19 37.15 16.70
CA GLU B 175 -63.85 37.80 17.83
C GLU B 175 -65.23 37.21 18.12
N GLU B 176 -65.80 36.41 17.20
CA GLU B 176 -67.11 35.83 17.47
C GLU B 176 -67.00 34.46 18.15
N CYS B 177 -65.78 33.98 18.37
CA CYS B 177 -65.50 32.74 19.06
C CYS B 177 -64.50 33.03 20.16
N GLY B 178 -64.32 32.09 21.08
CA GLY B 178 -63.38 32.31 22.17
C GLY B 178 -61.96 31.85 21.94
N LEU B 179 -61.50 31.83 20.67
CA LEU B 179 -60.15 31.36 20.39
C LEU B 179 -59.13 32.30 21.00
N GLU B 180 -58.23 31.76 21.82
CA GLU B 180 -57.14 32.52 22.43
C GLU B 180 -55.80 31.96 21.96
N LEU B 181 -55.14 32.68 21.04
CA LEU B 181 -53.83 32.31 20.56
C LEU B 181 -52.91 33.52 20.70
N TYR B 182 -51.60 33.26 20.73
CA TYR B 182 -50.62 34.33 20.81
C TYR B 182 -49.49 34.07 19.81
N PHE B 183 -48.74 35.13 19.50
CA PHE B 183 -47.66 35.07 18.52
C PHE B 183 -46.41 34.38 19.12
N ILE B 184 -46.62 33.19 19.66
CA ILE B 184 -45.53 32.46 20.31
C ILE B 184 -45.79 30.96 20.15
N GLN B 185 -44.71 30.19 20.12
CA GLN B 185 -44.75 28.75 19.85
C GLN B 185 -43.80 28.01 20.77
N ASP B 186 -44.26 26.89 21.31
CA ASP B 186 -43.41 25.98 22.08
C ASP B 186 -42.72 25.00 21.14
N MET B 187 -41.54 24.54 21.56
CA MET B 187 -40.85 23.50 20.81
C MET B 187 -39.90 22.75 21.75
N GLU B 188 -39.83 21.44 21.57
CA GLU B 188 -39.00 20.55 22.39
C GLU B 188 -38.04 19.77 21.51
N ILE B 189 -36.74 20.05 21.66
CA ILE B 189 -35.65 19.41 20.92
C ILE B 189 -34.67 18.80 21.91
N LEU B 190 -34.44 17.48 21.79
CA LEU B 190 -33.52 16.74 22.65
C LEU B 190 -33.81 16.98 24.14
N GLY B 191 -35.10 16.95 24.50
CA GLY B 191 -35.51 17.10 25.88
C GLY B 191 -35.54 18.51 26.43
N LYS B 192 -34.82 19.44 25.83
CA LYS B 192 -34.81 20.86 26.24
C LYS B 192 -35.92 21.63 25.53
N VAL B 193 -36.81 22.26 26.33
CA VAL B 193 -37.97 22.99 25.81
C VAL B 193 -37.61 24.46 25.59
N THR B 194 -37.90 24.96 24.38
CA THR B 194 -37.66 26.34 24.00
C THR B 194 -38.94 26.99 23.48
N THR B 195 -39.01 28.32 23.60
CA THR B 195 -40.11 29.11 23.06
C THR B 195 -39.61 30.02 21.95
N HIS B 196 -40.45 30.21 20.92
CA HIS B 196 -40.10 31.07 19.80
C HIS B 196 -41.19 32.12 19.61
N GLU B 197 -40.79 33.40 19.68
CA GLU B 197 -41.71 34.48 19.39
C GLU B 197 -41.79 34.69 17.89
N LEU B 198 -43.01 34.68 17.34
CA LEU B 198 -43.18 34.89 15.91
C LEU B 198 -42.76 36.30 15.52
N LYS B 199 -42.95 37.25 16.41
CA LYS B 199 -42.46 38.61 16.25
C LYS B 199 -42.17 39.20 17.63
N GLU B 200 -41.43 40.31 17.62
CA GLU B 200 -41.02 41.01 18.83
C GLU B 200 -42.19 41.29 19.78
N GLY B 201 -42.05 40.86 21.03
CA GLY B 201 -43.08 41.01 22.04
C GLY B 201 -44.29 40.14 21.83
N GLY B 202 -44.17 39.14 20.94
CA GLY B 202 -45.29 38.30 20.56
C GLY B 202 -45.82 37.38 21.64
N GLU B 203 -45.05 37.17 22.72
CA GLU B 203 -45.57 36.38 23.83
C GLU B 203 -46.86 36.97 24.39
N SER B 204 -46.96 38.29 24.43
CA SER B 204 -48.11 38.97 25.01
C SER B 204 -49.10 39.48 23.97
N ILE B 205 -48.82 39.30 22.68
CA ILE B 205 -49.73 39.77 21.64
C ILE B 205 -50.66 38.64 21.24
N ARG B 206 -51.96 38.88 21.38
CA ARG B 206 -53.00 37.91 21.14
C ARG B 206 -53.45 37.98 19.69
N VAL B 207 -53.94 36.87 19.17
CA VAL B 207 -54.28 36.79 17.75
C VAL B 207 -55.71 37.27 17.58
N THR B 208 -55.88 38.32 16.79
CA THR B 208 -57.17 38.95 16.54
C THR B 208 -57.48 38.89 15.05
N GLU B 209 -58.66 39.41 14.69
CA GLU B 209 -59.05 39.47 13.28
C GLU B 209 -58.11 40.36 12.47
N GLU B 210 -57.50 41.35 13.11
CA GLU B 210 -56.59 42.24 12.38
C GLU B 210 -55.14 41.73 12.39
N ASN B 211 -54.77 40.90 13.37
CA ASN B 211 -53.48 40.21 13.34
C ASN B 211 -53.48 39.07 12.35
N LYS B 212 -54.64 38.44 12.15
CA LYS B 212 -54.78 37.09 11.62
C LYS B 212 -53.90 36.80 10.43
N GLU B 213 -53.89 37.69 9.44
CA GLU B 213 -53.10 37.43 8.24
C GLU B 213 -51.61 37.39 8.53
N GLU B 214 -51.11 38.33 9.34
CA GLU B 214 -49.69 38.29 9.70
C GLU B 214 -49.37 37.04 10.53
N TYR B 215 -50.25 36.68 11.46
CA TYR B 215 -50.02 35.48 12.28
C TYR B 215 -49.90 34.25 11.40
N ILE B 216 -50.79 34.11 10.41
CA ILE B 216 -50.79 32.96 9.52
C ILE B 216 -49.52 32.92 8.67
N MET B 217 -49.02 34.09 8.24
CA MET B 217 -47.82 34.09 7.41
C MET B 217 -46.58 33.76 8.22
N LEU B 218 -46.55 34.18 9.49
CA LEU B 218 -45.45 33.84 10.39
C LEU B 218 -45.55 32.40 10.87
N LEU B 219 -46.75 31.92 11.15
CA LEU B 219 -46.92 30.55 11.62
C LEU B 219 -46.59 29.55 10.52
N THR B 220 -47.00 29.86 9.28
CA THR B 220 -46.68 29.00 8.15
C THR B 220 -45.18 28.85 7.99
N ASP B 221 -44.46 29.98 7.86
CA ASP B 221 -43.01 29.95 7.73
C ASP B 221 -42.38 29.16 8.86
N TRP B 222 -42.80 29.41 10.10
CA TRP B 222 -42.20 28.75 11.25
C TRP B 222 -42.39 27.24 11.21
N ARG B 223 -43.51 26.79 10.65
CA ARG B 223 -43.80 25.35 10.61
C ARG B 223 -42.80 24.59 9.73
N PHE B 224 -42.19 25.27 8.75
CA PHE B 224 -41.21 24.68 7.85
C PHE B 224 -39.76 24.89 8.28
N THR B 225 -39.49 25.93 9.07
CA THR B 225 -38.13 26.31 9.41
C THR B 225 -37.72 25.93 10.82
N ARG B 226 -38.68 25.69 11.71
CA ARG B 226 -38.40 25.52 13.14
C ARG B 226 -37.33 24.45 13.38
N GLY B 227 -36.29 24.84 14.12
CA GLY B 227 -35.27 23.92 14.55
C GLY B 227 -34.33 23.39 13.48
N VAL B 228 -34.44 23.82 12.23
CA VAL B 228 -33.60 23.26 11.17
C VAL B 228 -32.90 24.37 10.40
N GLU B 229 -32.93 25.60 10.95
CA GLU B 229 -32.36 26.76 10.26
C GLU B 229 -30.87 26.59 9.99
N GLU B 230 -30.11 26.16 11.00
CA GLU B 230 -28.67 26.06 10.88
C GLU B 230 -28.28 24.95 9.92
N GLN B 231 -29.00 23.83 9.98
CA GLN B 231 -28.74 22.72 9.06
C GLN B 231 -29.08 23.11 7.64
N THR B 232 -30.18 23.83 7.44
CA THR B 232 -30.58 24.24 6.10
C THR B 232 -29.55 25.19 5.49
N LYS B 233 -29.05 26.15 6.29
CA LYS B 233 -28.04 27.07 5.76
C LYS B 233 -26.76 26.33 5.41
N ALA B 234 -26.37 25.33 6.21
CA ALA B 234 -25.14 24.58 5.92
C ALA B 234 -25.28 23.80 4.62
N PHE B 235 -26.45 23.21 4.39
CA PHE B 235 -26.73 22.55 3.13
C PHE B 235 -26.63 23.51 1.96
N LEU B 236 -27.29 24.68 2.07
CA LEU B 236 -27.27 25.65 0.99
C LEU B 236 -25.87 26.18 0.76
N ASP B 237 -25.13 26.40 1.83
CA ASP B 237 -23.73 26.82 1.71
C ASP B 237 -22.92 25.79 0.93
N GLY B 238 -23.08 24.51 1.29
CA GLY B 238 -22.38 23.47 0.57
C GLY B 238 -22.75 23.41 -0.91
N PHE B 239 -24.05 23.54 -1.20
CA PHE B 239 -24.49 23.54 -2.58
C PHE B 239 -23.89 24.72 -3.34
N ASN B 240 -24.02 25.92 -2.78
CA ASN B 240 -23.59 27.12 -3.48
C ASN B 240 -22.09 27.12 -3.74
N GLU B 241 -21.32 26.52 -2.85
CA GLU B 241 -19.89 26.32 -3.09
C GLU B 241 -19.61 25.65 -4.43
N VAL B 242 -20.46 24.72 -4.83
CA VAL B 242 -20.17 23.85 -5.99
C VAL B 242 -20.89 24.38 -7.22
N ALA B 243 -22.21 24.52 -7.12
CA ALA B 243 -23.01 25.10 -8.21
C ALA B 243 -23.81 26.26 -7.61
N PRO B 244 -23.50 27.50 -7.98
CA PRO B 244 -24.20 28.66 -7.40
C PRO B 244 -25.72 28.53 -7.49
N LEU B 245 -26.38 28.81 -6.36
CA LEU B 245 -27.84 28.72 -6.31
C LEU B 245 -28.51 29.66 -7.29
N GLU B 246 -27.86 30.79 -7.62
CA GLU B 246 -28.45 31.73 -8.57
C GLU B 246 -28.59 31.14 -9.96
N TRP B 247 -27.84 30.09 -10.29
CA TRP B 247 -28.01 29.42 -11.57
C TRP B 247 -29.38 28.75 -11.69
N LEU B 248 -30.08 28.56 -10.58
CA LEU B 248 -31.39 27.93 -10.58
C LEU B 248 -32.53 28.93 -10.70
N ARG B 249 -32.24 30.16 -11.15
CA ARG B 249 -33.24 31.24 -11.12
C ARG B 249 -34.53 30.87 -11.85
N TYR B 250 -34.42 30.22 -13.02
CA TYR B 250 -35.62 30.03 -13.84
C TYR B 250 -36.48 28.85 -13.39
N PHE B 251 -35.90 27.84 -12.74
CA PHE B 251 -36.66 26.63 -12.45
C PHE B 251 -37.70 26.89 -11.37
N ASP B 252 -38.78 26.12 -11.41
CA ASP B 252 -39.67 26.02 -10.25
C ASP B 252 -39.33 24.75 -9.50
N GLU B 253 -40.00 24.55 -8.36
CA GLU B 253 -39.63 23.46 -7.47
C GLU B 253 -39.88 22.10 -8.10
N LYS B 254 -40.96 21.96 -8.87
CA LYS B 254 -41.23 20.69 -9.52
C LYS B 254 -40.23 20.40 -10.63
N GLU B 255 -39.82 21.43 -11.36
CA GLU B 255 -38.78 21.25 -12.38
C GLU B 255 -37.43 20.94 -11.75
N LEU B 256 -37.09 21.61 -10.64
CA LEU B 256 -35.86 21.28 -9.93
C LEU B 256 -35.85 19.83 -9.47
N GLU B 257 -36.99 19.33 -8.96
CA GLU B 257 -37.06 17.92 -8.59
C GLU B 257 -36.80 17.02 -9.79
N LEU B 258 -37.29 17.42 -10.98
CA LEU B 258 -37.07 16.60 -12.16
C LEU B 258 -35.61 16.55 -12.53
N MET B 259 -34.91 17.68 -12.41
CA MET B 259 -33.50 17.73 -12.80
C MET B 259 -32.66 16.78 -11.95
N LEU B 260 -33.05 16.57 -10.70
CA LEU B 260 -32.28 15.74 -9.78
C LEU B 260 -32.74 14.30 -9.75
N CYS B 261 -34.02 14.03 -10.02
CA CYS B 261 -34.53 12.68 -9.93
C CYS B 261 -34.50 11.96 -11.27
N GLY B 262 -34.53 12.71 -12.36
CA GLY B 262 -34.55 12.16 -13.70
C GLY B 262 -35.96 11.83 -14.14
N MET B 263 -36.21 11.99 -15.43
CA MET B 263 -37.49 11.64 -16.00
C MET B 263 -37.47 10.19 -16.46
N GLN B 264 -38.47 9.43 -16.04
CA GLN B 264 -38.70 8.10 -16.54
C GLN B 264 -40.09 8.07 -17.16
N GLU B 265 -40.26 7.15 -18.09
CA GLU B 265 -41.54 6.97 -18.76
C GLU B 265 -42.55 6.33 -17.80
N ILE B 266 -43.73 6.94 -17.68
CA ILE B 266 -44.73 6.50 -16.73
C ILE B 266 -45.55 5.38 -17.34
N ASP B 267 -45.72 4.29 -16.58
CA ASP B 267 -46.52 3.15 -17.00
C ASP B 267 -47.99 3.55 -16.93
N MET B 268 -48.59 3.83 -18.10
CA MET B 268 -49.99 4.25 -18.14
C MET B 268 -50.93 3.18 -17.61
N SER B 269 -50.65 1.91 -17.91
CA SER B 269 -51.50 0.82 -17.43
C SER B 269 -51.44 0.70 -15.92
N ASP B 270 -50.23 0.71 -15.34
CA ASP B 270 -50.08 0.66 -13.89
C ASP B 270 -50.86 1.79 -13.21
N TRP B 271 -50.80 2.99 -13.78
CA TRP B 271 -51.51 4.14 -13.23
C TRP B 271 -53.01 3.91 -13.22
N GLN B 272 -53.60 3.53 -14.37
CA GLN B 272 -55.05 3.39 -14.44
C GLN B 272 -55.55 2.22 -13.58
N LYS B 273 -54.80 1.12 -13.57
CA LYS B 273 -55.16 -0.03 -12.75
C LYS B 273 -55.17 0.32 -11.27
N SER B 274 -54.28 1.20 -10.83
CA SER B 274 -54.12 1.51 -9.41
C SER B 274 -54.86 2.77 -8.97
N THR B 275 -55.70 3.36 -9.83
CA THR B 275 -56.44 4.55 -9.46
C THR B 275 -57.76 4.16 -8.82
N ILE B 276 -58.11 4.85 -7.73
CA ILE B 276 -59.38 4.64 -7.05
C ILE B 276 -60.21 5.91 -7.17
N TYR B 277 -61.49 5.79 -6.86
CA TYR B 277 -62.45 6.84 -7.20
C TYR B 277 -63.39 7.09 -6.02
N ARG B 278 -63.75 8.35 -5.82
CA ARG B 278 -64.75 8.75 -4.84
C ARG B 278 -65.85 9.53 -5.53
N HIS B 279 -67.10 9.10 -5.33
CA HIS B 279 -68.26 9.71 -5.98
C HIS B 279 -68.19 9.63 -7.51
N TYR B 280 -67.17 8.95 -8.03
CA TYR B 280 -66.97 8.61 -9.44
C TYR B 280 -66.84 7.09 -9.57
N THR B 281 -66.83 6.61 -10.82
CA THR B 281 -66.30 5.29 -11.17
C THR B 281 -65.32 5.46 -12.33
N LYS B 282 -64.77 4.33 -12.79
N LYS B 282 -64.78 4.34 -12.80
CA LYS B 282 -63.95 4.35 -13.99
CA LYS B 282 -63.94 4.35 -13.99
C LYS B 282 -64.74 4.74 -15.22
C LYS B 282 -64.75 4.70 -15.23
N ASN B 283 -66.07 4.59 -15.17
CA ASN B 283 -66.95 4.98 -16.27
C ASN B 283 -67.82 6.15 -15.77
N SER B 284 -67.26 7.34 -15.89
CA SER B 284 -67.96 8.58 -15.64
C SER B 284 -67.54 9.52 -16.76
N LYS B 285 -68.46 10.39 -17.15
CA LYS B 285 -68.18 11.36 -18.20
C LYS B 285 -66.83 12.03 -17.96
N GLN B 286 -66.64 12.57 -16.75
CA GLN B 286 -65.41 13.29 -16.43
C GLN B 286 -64.19 12.37 -16.26
N ILE B 287 -64.38 11.12 -15.82
CA ILE B 287 -63.25 10.22 -15.64
C ILE B 287 -62.68 9.75 -16.98
N GLN B 288 -63.54 9.37 -17.92
CA GLN B 288 -63.02 8.98 -19.24
C GLN B 288 -62.36 10.16 -19.95
N TRP B 289 -62.88 11.36 -19.74
CA TRP B 289 -62.25 12.55 -20.30
C TRP B 289 -60.88 12.75 -19.70
N PHE B 290 -60.81 12.65 -18.38
CA PHE B 290 -59.55 12.76 -17.68
C PHE B 290 -58.48 11.88 -18.31
N TRP B 291 -58.80 10.59 -18.49
CA TRP B 291 -57.79 9.66 -18.99
C TRP B 291 -57.48 9.91 -20.45
N GLN B 292 -58.45 10.45 -21.20
CA GLN B 292 -58.17 10.85 -22.58
C GLN B 292 -57.19 12.01 -22.61
N VAL B 293 -57.34 12.96 -21.68
CA VAL B 293 -56.42 14.09 -21.60
C VAL B 293 -55.02 13.60 -21.22
N VAL B 294 -54.94 12.61 -20.32
CA VAL B 294 -53.63 12.13 -19.89
C VAL B 294 -52.96 11.31 -20.98
N LYS B 295 -53.74 10.54 -21.75
CA LYS B 295 -53.17 9.83 -22.88
C LYS B 295 -52.64 10.79 -23.94
N GLU B 296 -53.28 11.93 -24.12
CA GLU B 296 -52.80 12.86 -25.14
C GLU B 296 -51.61 13.68 -24.68
N MET B 297 -51.30 13.66 -23.39
CA MET B 297 -50.12 14.35 -22.89
C MET B 297 -48.83 13.65 -23.33
N ASP B 298 -47.77 14.42 -23.46
CA ASP B 298 -46.44 13.83 -23.51
C ASP B 298 -46.01 13.46 -22.09
N ASN B 299 -44.95 12.67 -21.98
CA ASN B 299 -44.57 12.13 -20.67
C ASN B 299 -44.25 13.25 -19.69
N GLU B 300 -43.62 14.33 -20.18
CA GLU B 300 -43.28 15.48 -19.35
C GLU B 300 -44.51 16.07 -18.67
N LYS B 301 -45.64 16.13 -19.37
CA LYS B 301 -46.87 16.64 -18.79
C LYS B 301 -47.53 15.63 -17.86
N ARG B 302 -47.33 14.34 -18.12
CA ARG B 302 -47.84 13.30 -17.24
C ARG B 302 -47.15 13.38 -15.88
N ILE B 303 -45.83 13.55 -15.87
CA ILE B 303 -45.09 13.71 -14.62
C ILE B 303 -45.58 14.93 -13.86
N ARG B 304 -45.81 16.04 -14.57
CA ARG B 304 -46.31 17.25 -13.93
C ARG B 304 -47.65 17.02 -13.26
N LEU B 305 -48.51 16.22 -13.92
CA LEU B 305 -49.76 15.79 -13.28
C LEU B 305 -49.47 14.94 -12.04
N LEU B 306 -48.51 14.02 -12.14
CA LEU B 306 -48.14 13.20 -10.99
C LEU B 306 -47.67 14.06 -9.81
N GLN B 307 -46.88 15.08 -10.10
CA GLN B 307 -46.38 15.95 -9.04
C GLN B 307 -47.52 16.77 -8.45
N PHE B 308 -48.45 17.24 -9.29
CA PHE B 308 -49.54 18.08 -8.82
C PHE B 308 -50.43 17.33 -7.82
N VAL B 309 -50.70 16.06 -8.08
CA VAL B 309 -51.60 15.28 -7.23
C VAL B 309 -50.87 14.64 -6.06
N THR B 310 -49.69 14.07 -6.28
CA THR B 310 -48.99 13.32 -5.24
C THR B 310 -47.88 14.12 -4.56
N GLY B 311 -47.47 15.24 -5.13
CA GLY B 311 -46.40 16.01 -4.54
C GLY B 311 -44.99 15.60 -4.91
N THR B 312 -44.81 14.65 -5.84
CA THR B 312 -43.48 14.22 -6.23
C THR B 312 -43.56 13.47 -7.55
N CYS B 313 -42.42 13.42 -8.24
CA CYS B 313 -42.29 12.63 -9.46
C CYS B 313 -41.87 11.19 -9.21
N ARG B 314 -41.51 10.83 -7.98
CA ARG B 314 -40.97 9.51 -7.69
C ARG B 314 -42.10 8.54 -7.36
N LEU B 315 -41.97 7.32 -7.87
CA LEU B 315 -42.89 6.23 -7.62
C LEU B 315 -42.22 5.18 -6.74
N PRO B 316 -42.93 4.55 -5.82
CA PRO B 316 -42.31 3.52 -4.98
C PRO B 316 -41.99 2.24 -5.76
N VAL B 317 -41.20 1.40 -5.10
N VAL B 317 -41.27 1.33 -5.10
CA VAL B 317 -40.96 0.01 -5.48
CA VAL B 317 -40.65 0.20 -5.80
C VAL B 317 -42.30 -0.69 -5.61
C VAL B 317 -41.67 -0.61 -6.59
N GLY B 318 -42.57 -1.25 -6.78
N GLY B 318 -42.88 -0.79 -6.04
CA GLY B 318 -43.86 -1.86 -7.02
CA GLY B 318 -43.87 -1.64 -6.67
C GLY B 318 -44.87 -0.97 -7.71
C GLY B 318 -44.86 -0.94 -7.58
N GLY B 319 -44.56 0.30 -7.95
CA GLY B 319 -45.41 1.11 -8.81
C GLY B 319 -46.59 1.74 -8.09
N PHE B 320 -47.60 2.11 -8.90
CA PHE B 320 -48.69 2.94 -8.42
C PHE B 320 -49.52 2.25 -7.34
N ALA B 321 -49.52 0.92 -7.29
CA ALA B 321 -50.28 0.22 -6.26
C ALA B 321 -49.77 0.50 -4.85
N GLU B 322 -48.49 0.89 -4.70
CA GLU B 322 -47.85 1.00 -3.39
C GLU B 322 -47.76 2.42 -2.88
N LEU B 323 -48.44 3.38 -3.53
CA LEU B 323 -48.40 4.78 -3.13
C LEU B 323 -48.71 4.96 -1.64
N ILE B 324 -48.07 5.96 -1.05
CA ILE B 324 -48.14 6.22 0.38
C ILE B 324 -48.67 7.62 0.59
N GLY B 325 -49.53 7.80 1.59
CA GLY B 325 -50.00 9.10 1.99
C GLY B 325 -49.53 9.48 3.38
N SER B 326 -50.13 10.54 3.92
CA SER B 326 -49.76 10.98 5.25
C SER B 326 -50.27 10.03 6.33
N ASN B 327 -51.33 9.28 6.05
CA ASN B 327 -51.88 8.32 7.00
C ASN B 327 -51.58 6.87 6.64
N GLY B 328 -50.70 6.62 5.68
CA GLY B 328 -50.38 5.27 5.33
C GLY B 328 -50.63 5.02 3.86
N PRO B 329 -50.77 3.75 3.48
CA PRO B 329 -51.05 3.41 2.09
C PRO B 329 -52.27 4.17 1.56
N GLN B 330 -52.16 4.65 0.31
CA GLN B 330 -53.10 5.63 -0.21
C GLN B 330 -52.94 5.71 -1.74
N LYS B 331 -53.72 4.88 -2.45
CA LYS B 331 -53.68 4.89 -3.91
C LYS B 331 -54.10 6.25 -4.48
N PHE B 332 -53.61 6.51 -5.71
CA PHE B 332 -54.06 7.65 -6.50
C PHE B 332 -55.57 7.70 -6.59
N CYS B 333 -56.14 8.85 -6.22
CA CYS B 333 -57.58 9.00 -6.04
C CYS B 333 -58.12 10.21 -6.78
N ILE B 334 -59.29 10.06 -7.39
CA ILE B 334 -60.03 11.14 -8.04
C ILE B 334 -61.41 11.22 -7.42
N ASP B 335 -61.76 12.40 -6.93
CA ASP B 335 -63.00 12.66 -6.19
C ASP B 335 -63.85 13.68 -6.95
N LYS B 336 -65.17 13.45 -6.99
CA LYS B 336 -66.11 14.44 -7.53
C LYS B 336 -66.41 15.48 -6.45
N VAL B 337 -65.62 16.55 -6.46
CA VAL B 337 -65.75 17.63 -5.49
C VAL B 337 -65.54 18.93 -6.23
N GLY B 338 -66.39 19.92 -5.95
CA GLY B 338 -66.25 21.24 -6.51
C GLY B 338 -67.29 21.54 -7.57
N LYS B 339 -67.37 22.83 -7.89
CA LYS B 339 -68.28 23.32 -8.93
C LYS B 339 -67.56 23.37 -10.27
N GLU B 340 -68.35 23.39 -11.35
CA GLU B 340 -67.72 23.43 -12.67
C GLU B 340 -66.97 24.73 -12.92
N THR B 341 -67.19 25.75 -12.09
CA THR B 341 -66.45 26.98 -12.19
C THR B 341 -65.11 26.93 -11.47
N TRP B 342 -64.85 25.88 -10.69
CA TRP B 342 -63.56 25.77 -10.02
C TRP B 342 -62.53 25.11 -10.93
N LEU B 343 -61.27 25.35 -10.59
CA LEU B 343 -60.17 24.58 -11.13
C LEU B 343 -60.07 23.25 -10.39
N PRO B 344 -59.41 22.24 -10.97
CA PRO B 344 -59.12 21.04 -10.18
C PRO B 344 -58.07 21.34 -9.13
N ARG B 345 -58.27 20.80 -7.92
CA ARG B 345 -57.33 21.02 -6.82
C ARG B 345 -56.90 19.67 -6.27
N SER B 346 -55.65 19.62 -5.79
CA SER B 346 -55.07 18.42 -5.23
C SER B 346 -54.97 18.50 -3.71
N HIS B 347 -55.03 17.33 -3.06
CA HIS B 347 -54.63 17.14 -1.67
C HIS B 347 -53.50 16.11 -1.68
N THR B 348 -52.25 16.57 -1.75
CA THR B 348 -51.14 15.63 -1.93
C THR B 348 -50.99 14.68 -0.75
N CYS B 349 -51.47 15.06 0.43
CA CYS B 349 -51.40 14.15 1.58
C CYS B 349 -52.24 12.90 1.35
N PHE B 350 -53.34 13.01 0.59
CA PHE B 350 -54.19 11.88 0.27
C PHE B 350 -54.05 11.42 -1.17
N ASN B 351 -53.10 11.97 -1.92
CA ASN B 351 -52.89 11.63 -3.33
C ASN B 351 -54.19 11.76 -4.11
N ARG B 352 -54.94 12.81 -3.79
CA ARG B 352 -56.31 12.98 -4.25
C ARG B 352 -56.39 14.14 -5.24
N LEU B 353 -57.17 13.93 -6.30
CA LEU B 353 -57.52 14.96 -7.25
C LEU B 353 -59.00 15.29 -7.10
N ASP B 354 -59.29 16.52 -6.68
CA ASP B 354 -60.66 17.04 -6.68
C ASP B 354 -61.01 17.47 -8.10
N LEU B 355 -61.76 16.63 -8.80
CA LEU B 355 -62.12 16.91 -10.19
C LEU B 355 -63.58 17.37 -10.27
N PRO B 356 -63.85 18.64 -10.53
CA PRO B 356 -65.24 19.09 -10.60
C PRO B 356 -65.99 18.37 -11.72
N PRO B 357 -67.31 18.21 -11.59
CA PRO B 357 -68.06 17.54 -12.68
C PRO B 357 -68.27 18.49 -13.85
N TYR B 358 -67.23 18.62 -14.66
CA TYR B 358 -67.25 19.52 -15.80
C TYR B 358 -68.28 19.06 -16.83
N LYS B 359 -68.70 20.01 -17.67
CA LYS B 359 -69.73 19.75 -18.68
C LYS B 359 -69.16 19.30 -20.02
N SER B 360 -67.86 19.44 -20.25
CA SER B 360 -67.33 19.13 -21.57
C SER B 360 -65.91 18.59 -21.44
N TYR B 361 -65.51 17.82 -22.47
CA TYR B 361 -64.12 17.41 -22.55
C TYR B 361 -63.22 18.63 -22.63
N GLU B 362 -63.61 19.60 -23.45
CA GLU B 362 -62.79 20.78 -23.64
C GLU B 362 -62.68 21.61 -22.36
N GLN B 363 -63.73 21.62 -21.54
CA GLN B 363 -63.64 22.36 -20.28
C GLN B 363 -62.69 21.66 -19.31
N LEU B 364 -62.87 20.35 -19.13
CA LEU B 364 -62.00 19.59 -18.24
C LEU B 364 -60.55 19.65 -18.72
N ARG B 365 -60.35 19.46 -20.03
CA ARG B 365 -59.00 19.48 -20.61
C ARG B 365 -58.32 20.82 -20.35
N GLU B 366 -59.04 21.92 -20.58
CA GLU B 366 -58.45 23.24 -20.49
C GLU B 366 -58.06 23.56 -19.06
N LYS B 367 -58.97 23.27 -18.12
CA LYS B 367 -58.74 23.60 -16.70
C LYS B 367 -57.71 22.69 -16.07
N LEU B 368 -57.69 21.41 -16.44
CA LEU B 368 -56.69 20.50 -15.89
C LEU B 368 -55.29 20.92 -16.32
N LEU B 369 -55.13 21.26 -17.60
CA LEU B 369 -53.83 21.66 -18.11
C LEU B 369 -53.39 22.97 -17.47
N TYR B 370 -54.33 23.88 -17.24
CA TYR B 370 -54.00 25.13 -16.59
C TYR B 370 -53.55 24.89 -15.15
N ALA B 371 -54.29 24.05 -14.42
CA ALA B 371 -53.97 23.81 -13.02
C ALA B 371 -52.63 23.12 -12.87
N ILE B 372 -52.33 22.19 -13.77
CA ILE B 372 -51.08 21.45 -13.71
C ILE B 372 -49.89 22.34 -13.97
N GLU B 373 -50.09 23.46 -14.64
CA GLU B 373 -48.96 24.29 -15.03
C GLU B 373 -48.87 25.57 -14.23
N GLU B 374 -49.98 26.04 -13.66
CA GLU B 374 -49.96 27.34 -13.03
C GLU B 374 -50.34 27.34 -11.56
N THR B 375 -50.94 26.26 -11.05
CA THR B 375 -51.28 26.20 -9.64
C THR B 375 -50.56 25.03 -8.99
N GLU B 376 -50.68 24.97 -7.67
CA GLU B 376 -50.18 23.85 -6.90
C GLU B 376 -51.33 23.22 -6.12
N ARG C 4 -14.41 -7.33 -22.49
CA ARG C 4 -13.87 -7.33 -21.13
C ARG C 4 -13.56 -8.71 -20.55
N SER C 5 -13.66 -8.80 -19.23
CA SER C 5 -13.25 -9.96 -18.46
C SER C 5 -14.30 -11.07 -18.48
N PHE C 6 -13.93 -12.21 -17.89
CA PHE C 6 -14.81 -13.36 -17.82
C PHE C 6 -16.05 -13.05 -17.01
N ARG C 7 -15.87 -12.38 -15.87
CA ARG C 7 -16.99 -12.01 -14.99
C ARG C 7 -18.05 -11.22 -15.74
N TRP C 8 -17.64 -10.16 -16.43
CA TRP C 8 -18.57 -9.38 -17.24
C TRP C 8 -19.24 -10.23 -18.31
N LYS C 9 -18.47 -11.06 -19.00
CA LYS C 9 -19.05 -11.91 -20.03
C LYS C 9 -20.05 -12.89 -19.41
N TYR C 10 -19.72 -13.42 -18.23
CA TYR C 10 -20.62 -14.36 -17.58
C TYR C 10 -21.92 -13.66 -17.19
N HIS C 11 -21.78 -12.45 -16.65
CA HIS C 11 -22.87 -11.60 -16.18
C HIS C 11 -23.73 -11.01 -17.29
N GLN C 12 -23.21 -10.82 -18.50
CA GLN C 12 -24.07 -10.46 -19.61
C GLN C 12 -24.80 -11.67 -20.20
N PHE C 13 -24.24 -12.86 -20.01
CA PHE C 13 -24.95 -14.09 -20.35
C PHE C 13 -26.10 -14.34 -19.39
N ARG C 14 -25.84 -14.14 -18.08
CA ARG C 14 -26.86 -14.28 -17.06
C ARG C 14 -28.06 -13.41 -17.35
N PHE C 15 -27.82 -12.13 -17.66
CA PHE C 15 -28.88 -11.22 -18.08
C PHE C 15 -29.63 -11.78 -19.27
N LEU C 16 -28.88 -12.28 -20.25
CA LEU C 16 -29.47 -12.77 -21.48
C LEU C 16 -30.32 -14.01 -21.21
N CYS C 17 -29.96 -14.78 -20.19
CA CYS C 17 -30.80 -15.88 -19.71
C CYS C 17 -31.98 -15.37 -18.87
N HIS C 18 -31.69 -14.59 -17.81
CA HIS C 18 -32.77 -14.07 -16.95
C HIS C 18 -33.87 -13.40 -17.74
N SER C 19 -33.50 -12.58 -18.73
CA SER C 19 -34.48 -11.75 -19.44
C SER C 19 -35.27 -12.50 -20.51
N ASN C 20 -34.79 -13.63 -21.01
CA ASN C 20 -35.56 -14.44 -21.95
C ASN C 20 -36.22 -15.63 -21.28
N ALA C 21 -36.26 -15.62 -19.95
CA ALA C 21 -36.91 -16.68 -19.20
C ALA C 21 -38.43 -16.54 -19.33
N LEU C 22 -39.12 -17.63 -19.04
CA LEU C 22 -40.57 -17.66 -19.04
C LEU C 22 -41.07 -17.98 -17.63
N PRO C 23 -42.31 -17.62 -17.32
CA PRO C 23 -42.82 -17.83 -15.96
C PRO C 23 -43.19 -19.29 -15.72
N SER C 24 -43.70 -19.54 -14.52
CA SER C 24 -44.20 -20.85 -14.11
C SER C 24 -43.06 -21.86 -14.06
N HIS C 25 -43.38 -23.13 -14.27
CA HIS C 25 -42.43 -24.20 -13.94
C HIS C 25 -42.64 -25.41 -14.84
N VAL C 26 -41.68 -26.31 -14.79
CA VAL C 26 -41.82 -27.66 -15.30
C VAL C 26 -41.32 -28.65 -14.26
N LYS C 27 -42.11 -29.68 -14.02
CA LYS C 27 -41.74 -30.78 -13.15
C LYS C 27 -41.16 -31.88 -14.05
N ILE C 28 -40.07 -32.50 -13.60
CA ILE C 28 -39.49 -33.65 -14.29
C ILE C 28 -39.32 -34.76 -13.27
N SER C 29 -40.05 -35.86 -13.47
CA SER C 29 -40.09 -36.95 -12.53
C SER C 29 -39.17 -38.06 -13.02
N VAL C 30 -38.24 -38.48 -12.17
CA VAL C 30 -37.30 -39.54 -12.52
C VAL C 30 -37.15 -40.46 -11.31
N SER C 31 -36.65 -41.65 -11.58
CA SER C 31 -36.17 -42.54 -10.53
C SER C 31 -34.69 -42.77 -10.77
N ARG C 32 -33.91 -42.82 -9.70
CA ARG C 32 -32.47 -43.08 -9.86
C ARG C 32 -32.23 -44.48 -10.45
N GLN C 33 -33.22 -45.38 -10.38
CA GLN C 33 -33.08 -46.70 -10.96
C GLN C 33 -33.27 -46.67 -12.47
N THR C 34 -34.02 -45.68 -12.97
CA THR C 34 -34.25 -45.47 -14.41
C THR C 34 -34.05 -44.01 -14.79
N LEU C 35 -33.06 -43.37 -14.17
CA LEU C 35 -32.82 -41.94 -14.34
C LEU C 35 -32.68 -41.55 -15.82
N PHE C 36 -31.73 -42.17 -16.53
CA PHE C 36 -31.46 -41.82 -17.92
C PHE C 36 -32.72 -41.91 -18.78
N GLU C 37 -33.38 -43.06 -18.78
CA GLU C 37 -34.53 -43.28 -19.64
C GLU C 37 -35.69 -42.38 -19.26
N ASP C 38 -35.95 -42.18 -17.97
CA ASP C 38 -36.98 -41.23 -17.58
C ASP C 38 -36.65 -39.82 -18.06
N SER C 39 -35.41 -39.35 -17.81
CA SER C 39 -35.03 -38.01 -18.24
C SER C 39 -35.15 -37.84 -19.75
N PHE C 40 -34.68 -38.84 -20.52
CA PHE C 40 -34.78 -38.75 -21.98
C PHE C 40 -36.23 -38.53 -22.42
N GLN C 41 -37.15 -39.35 -21.92
CA GLN C 41 -38.56 -39.24 -22.33
C GLN C 41 -39.17 -37.91 -21.91
N GLN C 42 -38.99 -37.53 -20.63
CA GLN C 42 -39.60 -36.29 -20.14
C GLN C 42 -39.16 -35.10 -20.96
N ILE C 43 -37.85 -34.96 -21.17
CA ILE C 43 -37.30 -33.79 -21.81
C ILE C 43 -37.65 -33.75 -23.29
N MET C 44 -37.59 -34.90 -23.96
CA MET C 44 -37.84 -34.90 -25.40
C MET C 44 -39.31 -34.75 -25.74
N ASN C 45 -40.22 -34.90 -24.77
CA ASN C 45 -41.63 -34.65 -24.98
C ASN C 45 -42.04 -33.26 -24.52
N MET C 46 -41.07 -32.43 -24.18
CA MET C 46 -41.30 -31.04 -23.82
C MET C 46 -40.92 -30.14 -24.97
N LYS C 47 -41.49 -28.95 -24.98
CA LYS C 47 -41.07 -28.00 -25.97
C LYS C 47 -39.84 -27.24 -25.48
N PRO C 48 -38.89 -27.00 -26.38
CA PRO C 48 -37.59 -26.42 -25.97
C PRO C 48 -37.73 -25.15 -25.15
N TYR C 49 -38.70 -24.28 -25.47
CA TYR C 49 -38.85 -23.03 -24.73
C TYR C 49 -39.11 -23.30 -23.26
N ASP C 50 -39.92 -24.34 -22.98
CA ASP C 50 -40.39 -24.59 -21.63
C ASP C 50 -39.27 -25.01 -20.68
N LEU C 51 -38.15 -25.47 -21.22
CA LEU C 51 -37.03 -25.84 -20.36
C LEU C 51 -36.30 -24.62 -19.80
N ARG C 52 -36.72 -23.42 -20.19
CA ARG C 52 -36.21 -22.19 -19.60
C ARG C 52 -37.05 -21.73 -18.41
N ARG C 53 -38.15 -22.43 -18.11
CA ARG C 53 -38.95 -22.15 -16.93
C ARG C 53 -38.24 -22.71 -15.69
N ARG C 54 -38.83 -22.43 -14.52
CA ARG C 54 -38.26 -22.94 -13.28
C ARG C 54 -38.29 -24.46 -13.27
N LEU C 55 -37.14 -25.08 -13.02
CA LEU C 55 -37.03 -26.53 -13.01
C LEU C 55 -37.30 -27.08 -11.61
N TYR C 56 -38.24 -28.01 -11.52
CA TYR C 56 -38.44 -28.85 -10.36
C TYR C 56 -38.17 -30.29 -10.79
N ILE C 57 -37.07 -30.87 -10.33
CA ILE C 57 -36.77 -32.28 -10.61
C ILE C 57 -37.34 -33.14 -9.48
N ILE C 58 -38.12 -34.14 -9.85
CA ILE C 58 -38.84 -34.98 -8.91
C ILE C 58 -38.12 -36.33 -8.83
N MET C 59 -37.54 -36.63 -7.66
CA MET C 59 -36.96 -37.94 -7.39
C MET C 59 -38.03 -38.82 -6.73
N ARG C 60 -38.68 -39.66 -7.53
CA ARG C 60 -39.77 -40.50 -7.03
C ARG C 60 -39.31 -41.38 -5.86
N GLY C 61 -40.07 -41.36 -4.78
CA GLY C 61 -39.79 -42.17 -3.62
C GLY C 61 -38.94 -41.50 -2.57
N GLU C 62 -38.32 -40.37 -2.90
CA GLU C 62 -37.52 -39.57 -2.00
C GLU C 62 -38.27 -38.29 -1.64
N GLU C 63 -38.00 -37.76 -0.43
CA GLU C 63 -38.70 -36.60 0.11
C GLU C 63 -37.89 -35.33 -0.13
N GLY C 64 -38.14 -34.70 -1.28
CA GLY C 64 -37.43 -33.50 -1.67
C GLY C 64 -38.11 -32.15 -1.45
N LEU C 65 -37.63 -31.40 -0.47
CA LEU C 65 -38.00 -30.00 -0.33
C LEU C 65 -36.85 -29.11 -0.76
N ASP C 66 -35.72 -29.71 -1.11
CA ASP C 66 -34.51 -29.01 -1.55
C ASP C 66 -34.43 -29.11 -3.08
N TYR C 67 -35.25 -28.32 -3.75
CA TYR C 67 -35.31 -28.38 -5.21
C TYR C 67 -33.96 -28.06 -5.84
N GLY C 68 -33.25 -27.06 -5.31
CA GLY C 68 -31.94 -26.74 -5.82
C GLY C 68 -30.87 -27.74 -5.46
N GLY C 69 -31.16 -28.61 -4.50
CA GLY C 69 -30.24 -29.68 -4.14
C GLY C 69 -30.50 -30.93 -4.96
N ILE C 70 -31.76 -31.19 -5.30
CA ILE C 70 -32.06 -32.34 -6.14
C ILE C 70 -31.68 -32.05 -7.58
N ALA C 71 -31.88 -30.81 -8.02
CA ALA C 71 -31.45 -30.40 -9.35
C ALA C 71 -29.95 -30.56 -9.50
N ARG C 72 -29.19 -30.10 -8.51
CA ARG C 72 -27.74 -30.28 -8.49
C ARG C 72 -27.36 -31.74 -8.70
N GLU C 73 -27.97 -32.65 -7.92
CA GLU C 73 -27.58 -34.05 -8.02
C GLU C 73 -27.98 -34.65 -9.35
N TRP C 74 -29.18 -34.30 -9.82
CA TRP C 74 -29.68 -34.78 -11.11
C TRP C 74 -28.72 -34.42 -12.24
N PHE C 75 -28.39 -33.13 -12.38
CA PHE C 75 -27.43 -32.70 -13.38
C PHE C 75 -26.13 -33.48 -13.27
N PHE C 76 -25.67 -33.71 -12.04
CA PHE C 76 -24.44 -34.48 -11.85
C PHE C 76 -24.63 -35.92 -12.30
N LEU C 77 -25.64 -36.61 -11.74
CA LEU C 77 -25.82 -38.03 -12.05
C LEU C 77 -26.10 -38.25 -13.54
N LEU C 78 -26.94 -37.39 -14.13
CA LEU C 78 -27.27 -37.60 -15.54
C LEU C 78 -26.07 -37.33 -16.43
N SER C 79 -25.21 -36.37 -16.05
CA SER C 79 -24.01 -36.10 -16.83
C SER C 79 -23.01 -37.25 -16.79
N HIS C 80 -23.10 -38.13 -15.80
CA HIS C 80 -22.26 -39.33 -15.77
C HIS C 80 -22.94 -40.50 -16.48
N GLU C 81 -24.26 -40.60 -16.36
CA GLU C 81 -25.00 -41.74 -16.86
C GLU C 81 -25.02 -41.79 -18.38
N VAL C 82 -24.86 -40.65 -19.05
CA VAL C 82 -24.76 -40.65 -20.51
C VAL C 82 -23.46 -41.28 -20.97
N LEU C 83 -22.49 -41.45 -20.07
CA LEU C 83 -21.20 -42.05 -20.35
C LEU C 83 -21.22 -43.57 -20.24
N ASN C 84 -22.35 -44.16 -19.87
CA ASN C 84 -22.49 -45.61 -19.75
C ASN C 84 -22.10 -46.27 -21.07
N PRO C 85 -21.14 -47.20 -21.08
CA PRO C 85 -20.78 -47.87 -22.35
C PRO C 85 -21.93 -48.63 -22.96
N MET C 86 -22.95 -48.97 -22.18
CA MET C 86 -24.13 -49.67 -22.72
C MET C 86 -24.85 -48.85 -23.78
N TYR C 87 -24.82 -47.51 -23.68
CA TYR C 87 -25.52 -46.67 -24.62
C TYR C 87 -24.71 -46.37 -25.88
N CYS C 88 -23.40 -46.61 -25.87
CA CYS C 88 -22.52 -46.45 -27.03
C CYS C 88 -22.51 -45.02 -27.57
N LEU C 89 -22.78 -44.03 -26.73
CA LEU C 89 -22.76 -42.64 -27.19
C LEU C 89 -21.38 -41.99 -27.07
N PHE C 90 -20.63 -42.32 -26.01
CA PHE C 90 -19.34 -41.71 -25.72
C PHE C 90 -18.29 -42.77 -25.45
N GLU C 91 -17.03 -42.36 -25.60
CA GLU C 91 -15.89 -43.23 -25.34
C GLU C 91 -14.69 -42.35 -24.97
N TYR C 92 -13.57 -43.01 -24.65
CA TYR C 92 -12.34 -42.32 -24.29
C TYR C 92 -11.23 -42.70 -25.24
N ALA C 93 -10.50 -41.68 -25.72
CA ALA C 93 -9.38 -41.92 -26.64
C ALA C 93 -8.23 -42.65 -25.98
N GLY C 94 -8.07 -42.52 -24.66
CA GLY C 94 -6.96 -43.14 -23.95
C GLY C 94 -7.41 -43.88 -22.70
N LYS C 95 -6.42 -44.48 -22.04
CA LYS C 95 -6.67 -45.22 -20.81
C LYS C 95 -7.14 -44.27 -19.71
N ASN C 96 -7.81 -44.83 -18.71
CA ASN C 96 -8.18 -44.10 -17.49
C ASN C 96 -9.08 -42.92 -17.79
N ASN C 97 -10.06 -43.11 -18.68
CA ASN C 97 -11.04 -42.07 -19.02
C ASN C 97 -10.36 -40.80 -19.50
N TYR C 98 -9.39 -40.96 -20.40
CA TYR C 98 -8.67 -39.82 -20.95
C TYR C 98 -9.28 -39.39 -22.28
N CYS C 99 -9.61 -38.11 -22.39
CA CYS C 99 -10.03 -37.47 -23.63
C CYS C 99 -11.37 -38.04 -24.11
N LEU C 100 -12.45 -37.63 -23.47
CA LEU C 100 -13.79 -37.98 -23.91
C LEU C 100 -14.03 -37.55 -25.35
N GLN C 101 -14.73 -38.39 -26.10
CA GLN C 101 -15.10 -38.07 -27.48
C GLN C 101 -16.38 -38.80 -27.84
N ILE C 102 -17.06 -38.33 -28.89
CA ILE C 102 -18.25 -39.02 -29.36
C ILE C 102 -17.84 -40.35 -29.97
N ASN C 103 -18.64 -41.38 -29.68
CA ASN C 103 -18.39 -42.73 -30.18
C ASN C 103 -18.85 -42.83 -31.63
N PRO C 104 -17.96 -43.11 -32.59
CA PRO C 104 -18.40 -43.26 -33.99
C PRO C 104 -19.38 -44.41 -34.19
N ALA C 105 -19.36 -45.40 -33.31
CA ALA C 105 -20.24 -46.56 -33.40
C ALA C 105 -21.61 -46.30 -32.80
N SER C 106 -21.93 -45.06 -32.41
CA SER C 106 -23.21 -44.78 -31.79
C SER C 106 -24.38 -45.15 -32.69
N SER C 107 -24.15 -45.20 -34.00
CA SER C 107 -25.15 -45.63 -34.96
C SER C 107 -25.56 -47.09 -34.78
N ILE C 108 -24.86 -47.84 -33.93
CA ILE C 108 -25.30 -49.18 -33.58
C ILE C 108 -26.72 -49.15 -33.02
N ASN C 109 -27.14 -48.02 -32.45
CA ASN C 109 -28.51 -47.75 -32.06
C ASN C 109 -29.11 -46.71 -32.99
N PRO C 110 -30.18 -47.04 -33.73
CA PRO C 110 -30.68 -46.11 -34.76
C PRO C 110 -31.20 -44.79 -34.20
N ASP C 111 -31.59 -44.76 -32.92
CA ASP C 111 -32.09 -43.52 -32.30
C ASP C 111 -30.97 -42.54 -31.95
N HIS C 112 -29.70 -42.92 -32.14
CA HIS C 112 -28.59 -42.23 -31.49
C HIS C 112 -28.62 -40.72 -31.75
N LEU C 113 -29.01 -40.30 -32.96
CA LEU C 113 -29.04 -38.87 -33.23
C LEU C 113 -30.05 -38.15 -32.34
N THR C 114 -31.17 -38.81 -32.03
CA THR C 114 -32.15 -38.19 -31.15
C THR C 114 -31.63 -38.12 -29.72
N TYR C 115 -30.87 -39.13 -29.29
CA TYR C 115 -30.22 -39.08 -27.99
C TYR C 115 -29.16 -37.99 -27.92
N PHE C 116 -28.48 -37.71 -29.03
CA PHE C 116 -27.48 -36.65 -29.00
C PHE C 116 -28.14 -35.28 -28.96
N ARG C 117 -29.27 -35.11 -29.65
CA ARG C 117 -30.03 -33.88 -29.50
C ARG C 117 -30.51 -33.70 -28.06
N PHE C 118 -30.85 -34.80 -27.38
CA PHE C 118 -31.27 -34.74 -25.99
C PHE C 118 -30.14 -34.28 -25.09
N ILE C 119 -28.95 -34.86 -25.27
CA ILE C 119 -27.80 -34.45 -24.46
C ILE C 119 -27.47 -32.99 -24.72
N GLY C 120 -27.61 -32.54 -25.97
CA GLY C 120 -27.47 -31.12 -26.25
C GLY C 120 -28.40 -30.26 -25.43
N ARG C 121 -29.69 -30.62 -25.42
CA ARG C 121 -30.67 -29.90 -24.61
C ARG C 121 -30.25 -29.88 -23.14
N PHE C 122 -29.82 -31.03 -22.62
CA PHE C 122 -29.46 -31.15 -21.21
C PHE C 122 -28.29 -30.23 -20.87
N ILE C 123 -27.31 -30.14 -21.75
CA ILE C 123 -26.16 -29.27 -21.52
C ILE C 123 -26.56 -27.80 -21.58
N ALA C 124 -27.45 -27.44 -22.50
CA ALA C 124 -27.94 -26.05 -22.57
C ALA C 124 -28.80 -25.71 -21.36
N MET C 125 -29.52 -26.68 -20.82
CA MET C 125 -30.26 -26.46 -19.58
C MET C 125 -29.33 -26.14 -18.42
N ALA C 126 -28.19 -26.83 -18.34
CA ALA C 126 -27.21 -26.57 -17.30
C ALA C 126 -26.76 -25.11 -17.32
N LEU C 127 -26.32 -24.62 -18.49
CA LEU C 127 -25.94 -23.21 -18.63
C LEU C 127 -27.08 -22.30 -18.23
N TYR C 128 -28.28 -22.55 -18.77
CA TYR C 128 -29.39 -21.62 -18.63
C TYR C 128 -29.79 -21.47 -17.17
N HIS C 129 -29.70 -22.55 -16.40
CA HIS C 129 -30.11 -22.58 -15.00
C HIS C 129 -28.95 -22.45 -14.02
N GLY C 130 -27.75 -22.12 -14.49
CA GLY C 130 -26.57 -21.99 -13.62
C GLY C 130 -26.22 -23.23 -12.85
N LYS C 131 -26.43 -24.40 -13.44
CA LYS C 131 -26.10 -25.68 -12.82
C LYS C 131 -24.91 -26.32 -13.53
N PHE C 132 -24.30 -27.31 -12.87
CA PHE C 132 -23.01 -27.84 -13.26
C PHE C 132 -23.09 -29.29 -13.72
N ILE C 133 -22.13 -29.66 -14.58
CA ILE C 133 -22.04 -31.01 -15.13
C ILE C 133 -20.62 -31.52 -14.97
N ASP C 134 -20.48 -32.85 -15.02
CA ASP C 134 -19.18 -33.50 -14.87
C ASP C 134 -18.91 -34.45 -16.03
N THR C 135 -19.36 -34.10 -17.24
CA THR C 135 -19.24 -35.02 -18.36
C THR C 135 -17.80 -35.13 -18.83
N GLY C 136 -17.06 -34.04 -18.77
CA GLY C 136 -15.67 -34.05 -19.16
C GLY C 136 -15.43 -33.80 -20.64
N PHE C 137 -16.33 -33.09 -21.32
CA PHE C 137 -16.05 -32.63 -22.68
C PHE C 137 -14.69 -31.95 -22.72
N THR C 138 -14.02 -32.07 -23.86
CA THR C 138 -12.70 -31.48 -24.00
C THR C 138 -12.80 -30.10 -24.64
N LEU C 139 -11.70 -29.35 -24.54
CA LEU C 139 -11.67 -28.02 -25.13
C LEU C 139 -11.96 -27.99 -26.62
N PRO C 140 -11.40 -28.89 -27.45
CA PRO C 140 -11.84 -28.93 -28.86
C PRO C 140 -13.34 -29.10 -29.02
N PHE C 141 -13.98 -29.89 -28.15
CA PHE C 141 -15.43 -30.02 -28.19
C PHE C 141 -16.11 -28.68 -27.91
N TYR C 142 -15.66 -27.97 -26.88
CA TYR C 142 -16.20 -26.65 -26.59
C TYR C 142 -15.90 -25.68 -27.73
N LYS C 143 -14.71 -25.79 -28.33
CA LYS C 143 -14.36 -24.93 -29.45
C LYS C 143 -15.39 -25.00 -30.58
N ARG C 144 -15.85 -26.21 -30.89
CA ARG C 144 -16.87 -26.38 -31.93
C ARG C 144 -18.14 -25.62 -31.58
N MET C 145 -18.48 -25.59 -30.29
CA MET C 145 -19.67 -24.86 -29.84
C MET C 145 -19.51 -23.36 -30.02
N LEU C 146 -18.29 -22.87 -30.17
CA LEU C 146 -18.01 -21.45 -30.32
C LEU C 146 -17.60 -21.11 -31.75
N ASN C 147 -17.80 -22.03 -32.69
CA ASN C 147 -17.42 -21.88 -34.10
C ASN C 147 -15.94 -21.61 -34.29
N LYS C 148 -15.12 -22.19 -33.40
CA LYS C 148 -13.67 -22.18 -33.56
C LYS C 148 -13.26 -23.54 -34.14
N ARG C 149 -12.40 -23.51 -35.16
CA ARG C 149 -11.92 -24.78 -35.69
C ARG C 149 -10.75 -25.28 -34.87
N PRO C 150 -10.64 -26.60 -34.70
CA PRO C 150 -9.54 -27.16 -33.93
C PRO C 150 -8.21 -26.85 -34.60
N THR C 151 -7.16 -26.80 -33.79
CA THR C 151 -5.85 -26.39 -34.22
C THR C 151 -4.89 -27.57 -34.23
N LEU C 152 -3.72 -27.35 -34.83
CA LEU C 152 -2.65 -28.35 -34.76
C LEU C 152 -2.32 -28.66 -33.31
N LYS C 153 -2.23 -27.63 -32.46
CA LYS C 153 -1.94 -27.81 -31.05
C LYS C 153 -2.94 -28.75 -30.38
N ASP C 154 -4.23 -28.64 -30.76
CA ASP C 154 -5.26 -29.45 -30.13
C ASP C 154 -5.02 -30.95 -30.35
N LEU C 155 -4.41 -31.32 -31.47
CA LEU C 155 -4.13 -32.72 -31.73
C LEU C 155 -3.26 -33.33 -30.65
N GLU C 156 -2.38 -32.52 -30.04
CA GLU C 156 -1.50 -33.07 -29.01
C GLU C 156 -2.32 -33.54 -27.81
N SER C 157 -3.47 -32.91 -27.56
CA SER C 157 -4.35 -33.36 -26.48
C SER C 157 -5.02 -34.69 -26.82
N ILE C 158 -5.56 -34.82 -28.03
CA ILE C 158 -6.42 -35.97 -28.32
C ILE C 158 -5.67 -37.13 -28.97
N ASP C 159 -4.53 -36.87 -29.60
CA ASP C 159 -3.79 -37.89 -30.33
C ASP C 159 -2.34 -37.46 -30.48
N PRO C 160 -1.55 -37.54 -29.41
CA PRO C 160 -0.16 -37.06 -29.48
C PRO C 160 0.72 -37.77 -30.51
N GLU C 161 0.48 -39.04 -30.84
CA GLU C 161 1.30 -39.66 -31.89
C GLU C 161 0.98 -39.06 -33.25
N PHE C 162 -0.30 -38.77 -33.49
CA PHE C 162 -0.71 -38.08 -34.70
C PHE C 162 -0.02 -36.72 -34.81
N TYR C 163 -0.12 -35.92 -33.74
CA TYR C 163 0.49 -34.60 -33.68
C TYR C 163 1.99 -34.65 -33.98
N ASN C 164 2.69 -35.60 -33.36
CA ASN C 164 4.14 -35.71 -33.55
C ASN C 164 4.47 -36.16 -34.96
N SER C 165 3.62 -37.01 -35.55
CA SER C 165 3.84 -37.41 -36.93
C SER C 165 3.68 -36.22 -37.89
N ILE C 166 2.73 -35.33 -37.60
CA ILE C 166 2.55 -34.14 -38.42
C ILE C 166 3.70 -33.16 -38.20
N VAL C 167 4.15 -33.02 -36.97
CA VAL C 167 5.31 -32.17 -36.69
C VAL C 167 6.51 -32.69 -37.46
N TRP C 168 6.69 -34.01 -37.49
CA TRP C 168 7.78 -34.60 -38.26
C TRP C 168 7.70 -34.22 -39.74
N ILE C 169 6.50 -34.34 -40.33
CA ILE C 169 6.31 -33.86 -41.70
C ILE C 169 6.67 -32.39 -41.84
N LYS C 170 6.30 -31.57 -40.85
CA LYS C 170 6.50 -30.13 -41.00
C LYS C 170 7.97 -29.77 -41.17
N GLU C 171 8.87 -30.51 -40.52
CA GLU C 171 10.25 -30.10 -40.41
C GLU C 171 11.28 -31.07 -41.04
N ASN C 172 10.90 -31.89 -42.04
CA ASN C 172 11.89 -32.81 -42.65
C ASN C 172 12.08 -32.80 -44.17
N ASN C 173 11.15 -32.31 -44.98
CA ASN C 173 11.19 -32.55 -46.43
C ASN C 173 10.91 -34.03 -46.69
N LEU C 174 9.64 -34.40 -46.76
CA LEU C 174 9.23 -35.79 -47.01
C LEU C 174 9.48 -36.27 -48.44
N GLU C 175 9.55 -35.37 -49.43
CA GLU C 175 9.76 -35.90 -50.78
C GLU C 175 11.19 -36.38 -50.96
N GLU C 176 12.15 -35.70 -50.32
CA GLU C 176 13.56 -36.07 -50.31
C GLU C 176 13.82 -37.07 -49.19
N CYS C 177 12.77 -37.81 -48.84
CA CYS C 177 12.86 -38.82 -47.79
C CYS C 177 12.10 -40.11 -48.13
N GLY C 178 11.25 -40.09 -49.16
CA GLY C 178 10.57 -41.32 -49.53
C GLY C 178 9.16 -41.50 -49.03
N LEU C 179 8.64 -40.59 -48.20
CA LEU C 179 7.30 -40.75 -47.64
C LEU C 179 6.27 -40.77 -48.75
N GLU C 180 5.40 -41.78 -48.73
CA GLU C 180 4.31 -41.90 -49.68
C GLU C 180 2.96 -41.81 -48.95
N LEU C 181 2.31 -40.66 -49.07
CA LEU C 181 0.97 -40.44 -48.53
C LEU C 181 0.11 -39.84 -49.64
N TYR C 182 -1.21 -39.95 -49.48
CA TYR C 182 -2.15 -39.36 -50.43
C TYR C 182 -3.26 -38.62 -49.68
N PHE C 183 -3.93 -37.71 -50.41
CA PHE C 183 -4.98 -36.90 -49.81
C PHE C 183 -6.24 -37.73 -49.58
N ILE C 184 -6.11 -38.83 -48.83
CA ILE C 184 -7.21 -39.77 -48.65
C ILE C 184 -7.00 -40.50 -47.32
N GLN C 185 -8.10 -40.86 -46.67
CA GLN C 185 -8.08 -41.42 -45.32
C GLN C 185 -9.06 -42.59 -45.19
N ASP C 186 -8.70 -43.53 -44.33
N ASP C 186 -8.70 -43.53 -44.33
CA ASP C 186 -9.51 -44.71 -44.07
CA ASP C 186 -9.51 -44.71 -44.07
C ASP C 186 -10.17 -44.61 -42.70
C ASP C 186 -10.17 -44.61 -42.70
N MET C 187 -11.34 -45.23 -42.58
CA MET C 187 -12.05 -45.31 -41.31
C MET C 187 -12.81 -46.61 -41.25
N GLU C 188 -12.82 -47.22 -40.06
CA GLU C 188 -13.54 -48.46 -39.79
C GLU C 188 -14.50 -48.25 -38.63
N ILE C 189 -15.79 -48.32 -38.94
CA ILE C 189 -16.83 -48.22 -37.92
C ILE C 189 -17.68 -49.48 -38.03
N LEU C 190 -17.71 -50.27 -36.95
CA LEU C 190 -18.51 -51.50 -36.88
C LEU C 190 -18.21 -52.45 -38.04
N GLY C 191 -16.93 -52.64 -38.35
CA GLY C 191 -16.56 -53.53 -39.44
C GLY C 191 -16.69 -52.97 -40.83
N LYS C 192 -17.48 -51.92 -41.04
CA LYS C 192 -17.59 -51.30 -42.35
C LYS C 192 -16.46 -50.30 -42.52
N VAL C 193 -15.63 -50.50 -43.54
CA VAL C 193 -14.51 -49.61 -43.83
C VAL C 193 -14.99 -48.54 -44.79
N THR C 194 -14.72 -47.28 -44.47
CA THR C 194 -15.13 -46.17 -45.30
C THR C 194 -13.88 -45.46 -45.80
N THR C 195 -14.02 -44.82 -46.95
CA THR C 195 -12.95 -44.02 -47.53
C THR C 195 -13.38 -42.57 -47.56
N HIS C 196 -12.48 -41.66 -47.20
CA HIS C 196 -12.76 -40.23 -47.28
C HIS C 196 -11.64 -39.55 -48.03
N GLU C 197 -12.00 -38.86 -49.11
CA GLU C 197 -11.04 -38.03 -49.83
C GLU C 197 -10.94 -36.67 -49.15
N LEU C 198 -9.72 -36.25 -48.81
CA LEU C 198 -9.53 -34.94 -48.20
C LEU C 198 -9.91 -33.82 -49.17
N LYS C 199 -9.74 -34.04 -50.47
CA LYS C 199 -10.22 -33.11 -51.47
C LYS C 199 -10.66 -33.91 -52.68
N GLU C 200 -11.43 -33.28 -53.56
CA GLU C 200 -12.00 -33.96 -54.72
C GLU C 200 -10.89 -34.61 -55.53
N GLY C 201 -10.99 -35.92 -55.74
CA GLY C 201 -9.94 -36.65 -56.41
C GLY C 201 -8.69 -36.87 -55.59
N GLY C 202 -8.76 -36.72 -54.27
CA GLY C 202 -7.58 -36.84 -53.43
C GLY C 202 -6.96 -38.21 -53.44
N GLU C 203 -7.69 -39.22 -53.93
CA GLU C 203 -7.15 -40.56 -54.10
C GLU C 203 -5.88 -40.57 -54.95
N SER C 204 -5.84 -39.74 -55.99
CA SER C 204 -4.72 -39.74 -56.93
C SER C 204 -3.70 -38.66 -56.63
N ILE C 205 -3.94 -37.84 -55.61
CA ILE C 205 -3.07 -36.73 -55.29
C ILE C 205 -2.06 -37.22 -54.27
N ARG C 206 -0.77 -37.09 -54.60
CA ARG C 206 0.28 -37.67 -53.79
C ARG C 206 0.35 -36.92 -52.46
N VAL C 207 1.32 -36.01 -52.31
CA VAL C 207 1.66 -35.19 -51.14
C VAL C 207 3.13 -34.82 -51.32
N THR C 208 3.38 -33.57 -51.69
CA THR C 208 4.70 -33.08 -52.01
C THR C 208 5.09 -32.03 -50.98
N GLU C 209 6.31 -31.52 -51.08
CA GLU C 209 6.65 -30.39 -50.24
C GLU C 209 5.77 -29.21 -50.56
N GLU C 210 5.23 -29.15 -51.78
CA GLU C 210 4.44 -28.01 -52.20
C GLU C 210 2.99 -28.12 -51.76
N ASN C 211 2.59 -29.30 -51.31
N ASN C 211 2.52 -29.28 -51.32
CA ASN C 211 1.22 -29.64 -50.93
CA ASN C 211 1.15 -29.33 -50.83
C ASN C 211 1.03 -29.79 -49.43
C ASN C 211 1.00 -29.90 -49.42
N LYS C 212 2.10 -30.16 -48.71
CA LYS C 212 1.97 -30.74 -47.36
C LYS C 212 1.16 -29.83 -46.44
N GLU C 213 1.42 -28.52 -46.46
CA GLU C 213 0.68 -27.62 -45.57
C GLU C 213 -0.81 -27.69 -45.83
N GLU C 214 -1.22 -27.75 -47.10
CA GLU C 214 -2.64 -27.92 -47.41
C GLU C 214 -3.15 -29.24 -46.86
N TYR C 215 -2.36 -30.30 -47.03
CA TYR C 215 -2.71 -31.62 -46.53
C TYR C 215 -2.86 -31.63 -45.02
N ILE C 216 -1.94 -30.96 -44.31
CA ILE C 216 -1.97 -30.94 -42.84
C ILE C 216 -3.25 -30.27 -42.34
N MET C 217 -3.71 -29.22 -43.03
CA MET C 217 -4.94 -28.56 -42.59
C MET C 217 -6.18 -29.37 -42.89
N LEU C 218 -6.18 -30.13 -43.99
CA LEU C 218 -7.31 -31.01 -44.27
C LEU C 218 -7.29 -32.20 -43.33
N LEU C 219 -6.09 -32.73 -43.07
CA LEU C 219 -5.93 -33.89 -42.22
C LEU C 219 -6.29 -33.59 -40.77
N THR C 220 -5.86 -32.42 -40.29
CA THR C 220 -6.17 -32.01 -38.93
C THR C 220 -7.68 -31.95 -38.71
N ASP C 221 -8.38 -31.17 -39.54
CA ASP C 221 -9.83 -31.05 -39.43
C ASP C 221 -10.51 -32.41 -39.46
N TRP C 222 -10.12 -33.26 -40.42
CA TRP C 222 -10.77 -34.57 -40.54
C TRP C 222 -10.55 -35.42 -39.29
N ARG C 223 -9.41 -35.25 -38.64
CA ARG C 223 -9.08 -36.05 -37.45
C ARG C 223 -10.01 -35.76 -36.28
N PHE C 224 -10.60 -34.57 -36.23
CA PHE C 224 -11.51 -34.19 -35.15
C PHE C 224 -12.96 -34.51 -35.47
N THR C 225 -13.29 -34.58 -36.75
CA THR C 225 -14.67 -34.74 -37.19
C THR C 225 -15.00 -36.14 -37.66
N ARG C 226 -13.99 -36.97 -37.98
CA ARG C 226 -14.21 -38.27 -38.60
C ARG C 226 -15.22 -39.11 -37.83
N GLY C 227 -16.24 -39.58 -38.54
CA GLY C 227 -17.21 -40.52 -38.02
C GLY C 227 -18.19 -40.00 -36.99
N VAL C 228 -18.13 -38.72 -36.63
CA VAL C 228 -19.01 -38.20 -35.59
C VAL C 228 -19.71 -36.94 -36.08
N GLU C 229 -19.68 -36.70 -37.40
CA GLU C 229 -20.23 -35.47 -37.95
C GLU C 229 -21.72 -35.33 -37.62
N GLU C 230 -22.52 -36.38 -37.86
CA GLU C 230 -23.95 -36.24 -37.62
C GLU C 230 -24.29 -36.21 -36.14
N GLN C 231 -23.57 -36.99 -35.33
CA GLN C 231 -23.81 -36.94 -33.90
C GLN C 231 -23.52 -35.56 -33.34
N THR C 232 -22.46 -34.92 -33.84
CA THR C 232 -22.10 -33.59 -33.40
C THR C 232 -23.16 -32.55 -33.80
N LYS C 233 -23.68 -32.64 -35.03
CA LYS C 233 -24.70 -31.69 -35.47
C LYS C 233 -25.96 -31.83 -34.64
N ALA C 234 -26.35 -33.06 -34.30
CA ALA C 234 -27.55 -33.25 -33.50
C ALA C 234 -27.38 -32.67 -32.11
N PHE C 235 -26.18 -32.82 -31.55
CA PHE C 235 -25.89 -32.20 -30.26
C PHE C 235 -26.06 -30.69 -30.32
N LEU C 236 -25.49 -30.07 -31.35
CA LEU C 236 -25.58 -28.61 -31.48
C LEU C 236 -27.03 -28.17 -31.68
N ASP C 237 -27.82 -28.98 -32.39
CA ASP C 237 -29.25 -28.70 -32.54
C ASP C 237 -29.95 -28.66 -31.19
N GLY C 238 -29.79 -29.71 -30.39
CA GLY C 238 -30.46 -29.77 -29.11
C GLY C 238 -30.08 -28.65 -28.19
N PHE C 239 -28.77 -28.34 -28.13
CA PHE C 239 -28.31 -27.21 -27.33
C PHE C 239 -28.95 -25.92 -27.81
N ASN C 240 -28.87 -25.67 -29.13
CA ASN C 240 -29.34 -24.41 -29.70
C ASN C 240 -30.85 -24.24 -29.52
N GLU C 241 -31.62 -25.33 -29.58
CA GLU C 241 -33.05 -25.28 -29.28
C GLU C 241 -33.34 -24.58 -27.96
N VAL C 242 -32.47 -24.77 -26.96
CA VAL C 242 -32.73 -24.33 -25.60
C VAL C 242 -32.03 -23.01 -25.31
N ALA C 243 -30.72 -22.97 -25.53
CA ALA C 243 -29.92 -21.77 -25.35
C ALA C 243 -29.23 -21.44 -26.67
N PRO C 244 -29.59 -20.37 -27.36
CA PRO C 244 -28.95 -20.03 -28.64
C PRO C 244 -27.43 -19.97 -28.52
N LEU C 245 -26.76 -20.67 -29.46
CA LEU C 245 -25.30 -20.71 -29.47
C LEU C 245 -24.67 -19.33 -29.67
N GLU C 246 -25.40 -18.41 -30.30
CA GLU C 246 -24.87 -17.06 -30.49
C GLU C 246 -24.64 -16.34 -29.17
N TRP C 247 -25.31 -16.76 -28.10
CA TRP C 247 -25.11 -16.13 -26.79
C TRP C 247 -23.74 -16.40 -26.21
N LEU C 248 -23.03 -17.41 -26.70
CA LEU C 248 -21.70 -17.73 -26.23
C LEU C 248 -20.65 -17.03 -27.06
N ARG C 249 -21.05 -15.97 -27.76
CA ARG C 249 -20.24 -15.32 -28.78
C ARG C 249 -18.89 -14.85 -28.24
N TYR C 250 -18.87 -14.28 -27.04
CA TYR C 250 -17.66 -13.63 -26.52
C TYR C 250 -16.73 -14.60 -25.80
N PHE C 251 -17.22 -15.74 -25.34
CA PHE C 251 -16.42 -16.68 -24.57
C PHE C 251 -15.39 -17.40 -25.44
N ASP C 252 -14.30 -17.81 -24.81
CA ASP C 252 -13.40 -18.80 -25.38
C ASP C 252 -13.70 -20.17 -24.77
N GLU C 253 -13.01 -21.20 -25.26
CA GLU C 253 -13.36 -22.57 -24.88
C GLU C 253 -13.12 -22.85 -23.41
N LYS C 254 -12.04 -22.29 -22.85
CA LYS C 254 -11.72 -22.55 -21.45
C LYS C 254 -12.75 -21.91 -20.52
N GLU C 255 -13.23 -20.72 -20.88
CA GLU C 255 -14.27 -20.06 -20.09
C GLU C 255 -15.59 -20.82 -20.17
N LEU C 256 -15.92 -21.32 -21.36
CA LEU C 256 -17.12 -22.14 -21.50
C LEU C 256 -17.04 -23.40 -20.62
N GLU C 257 -15.86 -24.04 -20.58
CA GLU C 257 -15.74 -25.20 -19.69
C GLU C 257 -15.94 -24.80 -18.24
N LEU C 258 -15.49 -23.59 -17.86
CA LEU C 258 -15.67 -23.13 -16.49
C LEU C 258 -17.14 -22.96 -16.13
N MET C 259 -17.94 -22.38 -17.02
CA MET C 259 -19.34 -22.17 -16.68
C MET C 259 -20.10 -23.47 -16.57
N LEU C 260 -19.68 -24.51 -17.27
CA LEU C 260 -20.42 -25.76 -17.22
C LEU C 260 -19.96 -26.66 -16.09
N CYS C 261 -18.69 -26.56 -15.69
CA CYS C 261 -18.16 -27.42 -14.65
C CYS C 261 -18.20 -26.77 -13.28
N GLY C 262 -18.20 -25.46 -13.22
CA GLY C 262 -18.10 -24.85 -11.91
C GLY C 262 -16.65 -24.67 -11.49
N MET C 263 -16.44 -23.62 -10.71
CA MET C 263 -15.13 -23.28 -10.17
C MET C 263 -14.98 -23.88 -8.78
N GLN C 264 -13.85 -24.54 -8.54
CA GLN C 264 -13.47 -25.00 -7.22
C GLN C 264 -12.25 -24.26 -6.75
N GLU C 265 -12.14 -24.14 -5.43
CA GLU C 265 -10.93 -23.57 -4.85
C GLU C 265 -9.85 -24.63 -4.99
N ILE C 266 -8.73 -24.26 -5.57
CA ILE C 266 -7.66 -25.22 -5.84
C ILE C 266 -6.78 -25.33 -4.61
N ASP C 267 -6.55 -26.55 -4.17
CA ASP C 267 -5.69 -26.80 -3.02
C ASP C 267 -4.27 -26.49 -3.47
N MET C 268 -3.78 -25.31 -3.09
CA MET C 268 -2.42 -24.91 -3.45
C MET C 268 -1.40 -25.89 -2.88
N SER C 269 -1.65 -26.37 -1.67
CA SER C 269 -0.77 -27.32 -1.02
C SER C 269 -0.75 -28.66 -1.76
N ASP C 270 -1.92 -29.20 -2.06
CA ASP C 270 -2.00 -30.46 -2.81
C ASP C 270 -1.27 -30.35 -4.15
N TRP C 271 -1.51 -29.25 -4.85
CA TRP C 271 -0.89 -29.00 -6.16
C TRP C 271 0.62 -29.01 -6.06
N GLN C 272 1.17 -28.21 -5.14
CA GLN C 272 2.62 -28.06 -5.03
C GLN C 272 3.26 -29.37 -4.57
N LYS C 273 2.57 -30.11 -3.68
CA LYS C 273 3.03 -31.41 -3.23
C LYS C 273 3.10 -32.42 -4.37
N SER C 274 2.18 -32.33 -5.33
CA SER C 274 2.02 -33.32 -6.39
C SER C 274 2.74 -32.95 -7.68
N THR C 275 3.53 -31.90 -7.68
CA THR C 275 4.25 -31.46 -8.88
C THR C 275 5.59 -32.16 -8.97
N ILE C 276 5.92 -32.64 -10.18
CA ILE C 276 7.21 -33.23 -10.46
C ILE C 276 7.94 -32.37 -11.48
N TYR C 277 9.24 -32.64 -11.62
CA TYR C 277 10.12 -31.72 -12.33
C TYR C 277 11.07 -32.48 -13.23
N ARG C 278 11.38 -31.87 -14.37
CA ARG C 278 12.39 -32.39 -15.29
C ARG C 278 13.43 -31.30 -15.49
N HIS C 279 14.70 -31.64 -15.27
CA HIS C 279 15.81 -30.69 -15.31
C HIS C 279 15.67 -29.57 -14.28
N TYR C 280 14.64 -29.63 -13.44
CA TYR C 280 14.42 -28.72 -12.32
C TYR C 280 14.35 -29.51 -11.03
N THR C 281 14.39 -28.78 -9.91
CA THR C 281 13.92 -29.24 -8.61
C THR C 281 13.03 -28.16 -8.03
N LYS C 282 12.37 -28.48 -6.92
CA LYS C 282 11.44 -27.54 -6.30
C LYS C 282 12.11 -26.26 -5.85
N ASN C 283 13.43 -26.24 -5.73
CA ASN C 283 14.16 -25.07 -5.25
C ASN C 283 14.93 -24.37 -6.35
N SER C 284 14.60 -24.63 -7.61
CA SER C 284 15.26 -23.93 -8.70
C SER C 284 14.70 -22.51 -8.75
N LYS C 285 15.55 -21.56 -9.15
CA LYS C 285 15.12 -20.17 -9.22
C LYS C 285 13.76 -20.01 -9.91
N GLN C 286 13.65 -20.55 -11.13
CA GLN C 286 12.43 -20.36 -11.91
C GLN C 286 11.25 -21.11 -11.32
N ILE C 287 11.50 -22.22 -10.63
CA ILE C 287 10.42 -22.94 -9.96
C ILE C 287 9.94 -22.14 -8.75
N GLN C 288 10.86 -21.55 -7.99
CA GLN C 288 10.43 -20.68 -6.91
C GLN C 288 9.68 -19.48 -7.44
N TRP C 289 10.10 -18.95 -8.59
CA TRP C 289 9.38 -17.82 -9.17
C TRP C 289 7.99 -18.24 -9.62
N PHE C 290 7.90 -19.38 -10.31
CA PHE C 290 6.62 -19.92 -10.76
C PHE C 290 5.60 -19.97 -9.63
N TRP C 291 5.97 -20.58 -8.49
CA TRP C 291 5.01 -20.76 -7.41
C TRP C 291 4.73 -19.45 -6.68
N GLN C 292 5.66 -18.48 -6.74
CA GLN C 292 5.37 -17.15 -6.25
C GLN C 292 4.29 -16.49 -7.10
N VAL C 293 4.34 -16.69 -8.41
CA VAL C 293 3.30 -16.12 -9.29
C VAL C 293 1.95 -16.79 -9.04
N VAL C 294 1.95 -18.11 -8.80
CA VAL C 294 0.67 -18.79 -8.60
C VAL C 294 0.06 -18.41 -7.27
N LYS C 295 0.89 -18.19 -6.25
CA LYS C 295 0.36 -17.72 -4.98
C LYS C 295 -0.26 -16.34 -5.12
N GLU C 296 0.31 -15.49 -5.96
CA GLU C 296 -0.22 -14.14 -6.14
C GLU C 296 -1.43 -14.09 -7.05
N MET C 297 -1.70 -15.16 -7.79
CA MET C 297 -2.89 -15.19 -8.62
C MET C 297 -4.11 -15.37 -7.73
N ASP C 298 -5.23 -14.83 -8.18
CA ASP C 298 -6.51 -15.24 -7.60
C ASP C 298 -6.92 -16.57 -8.21
N ASN C 299 -7.97 -17.16 -7.63
CA ASN C 299 -8.36 -18.53 -7.98
C ASN C 299 -8.70 -18.68 -9.45
N GLU C 300 -9.36 -17.68 -10.05
CA GLU C 300 -9.72 -17.74 -11.46
C GLU C 300 -8.50 -17.94 -12.35
N LYS C 301 -7.40 -17.27 -12.03
CA LYS C 301 -6.21 -17.39 -12.86
C LYS C 301 -5.49 -18.71 -12.60
N ARG C 302 -5.65 -19.26 -11.39
CA ARG C 302 -5.10 -20.57 -11.08
C ARG C 302 -5.77 -21.67 -11.90
N ILE C 303 -7.11 -21.63 -11.96
CA ILE C 303 -7.82 -22.59 -12.80
C ILE C 303 -7.40 -22.43 -14.26
N ARG C 304 -7.25 -21.19 -14.71
CA ARG C 304 -6.82 -20.94 -16.09
C ARG C 304 -5.45 -21.57 -16.36
N LEU C 305 -4.53 -21.47 -15.41
CA LEU C 305 -3.24 -22.14 -15.55
C LEU C 305 -3.41 -23.66 -15.61
N LEU C 306 -4.26 -24.21 -14.76
CA LEU C 306 -4.54 -25.65 -14.79
C LEU C 306 -5.09 -26.07 -16.15
N GLN C 307 -5.95 -25.23 -16.75
CA GLN C 307 -6.51 -25.56 -18.05
C GLN C 307 -5.44 -25.55 -19.14
N PHE C 308 -4.52 -24.59 -19.07
CA PHE C 308 -3.48 -24.45 -20.07
C PHE C 308 -2.55 -25.66 -20.10
N VAL C 309 -2.22 -26.19 -18.92
CA VAL C 309 -1.24 -27.27 -18.84
C VAL C 309 -1.88 -28.63 -19.01
N THR C 310 -3.04 -28.86 -18.38
CA THR C 310 -3.65 -30.18 -18.39
C THR C 310 -4.79 -30.32 -19.40
N GLY C 311 -5.29 -29.23 -19.96
CA GLY C 311 -6.39 -29.30 -20.91
C GLY C 311 -7.77 -29.31 -20.30
N THR C 312 -7.90 -29.11 -18.99
CA THR C 312 -9.19 -29.09 -18.33
C THR C 312 -9.04 -28.41 -16.98
N CYS C 313 -10.17 -27.92 -16.48
CA CYS C 313 -10.26 -27.38 -15.12
C CYS C 313 -10.58 -28.43 -14.07
N ARG C 314 -10.83 -29.66 -14.48
CA ARG C 314 -11.31 -30.72 -13.60
C ARG C 314 -10.15 -31.46 -12.92
N LEU C 315 -10.34 -31.80 -11.64
CA LEU C 315 -9.39 -32.64 -10.94
C LEU C 315 -9.97 -34.02 -10.70
N PRO C 316 -9.17 -35.06 -10.79
CA PRO C 316 -9.67 -36.42 -10.52
C PRO C 316 -9.95 -36.61 -9.04
N VAL C 317 -10.77 -37.63 -8.74
CA VAL C 317 -10.88 -38.08 -7.38
C VAL C 317 -9.50 -38.41 -6.85
N GLY C 318 -9.18 -37.91 -5.66
CA GLY C 318 -7.87 -38.09 -5.09
C GLY C 318 -6.93 -36.92 -5.25
N GLY C 319 -7.34 -35.86 -5.95
CA GLY C 319 -6.56 -34.65 -6.06
C GLY C 319 -5.44 -34.76 -7.08
N PHE C 320 -4.45 -33.88 -6.90
CA PHE C 320 -3.41 -33.71 -7.91
C PHE C 320 -2.52 -34.94 -8.04
N ALA C 321 -2.43 -35.77 -6.99
CA ALA C 321 -1.60 -36.97 -7.05
C ALA C 321 -2.11 -37.98 -8.08
N GLU C 322 -3.40 -37.95 -8.39
CA GLU C 322 -4.01 -38.99 -9.23
C GLU C 322 -4.16 -38.52 -10.67
N LEU C 323 -3.57 -37.38 -11.02
CA LEU C 323 -3.69 -36.78 -12.34
C LEU C 323 -3.37 -37.78 -13.44
N ILE C 324 -4.07 -37.65 -14.58
CA ILE C 324 -4.04 -38.64 -15.64
C ILE C 324 -3.55 -38.00 -16.93
N GLY C 325 -2.71 -38.72 -17.67
CA GLY C 325 -2.27 -38.32 -18.98
C GLY C 325 -2.75 -39.26 -20.06
N SER C 326 -2.19 -39.07 -21.27
CA SER C 326 -2.58 -39.89 -22.41
C SER C 326 -2.07 -41.32 -22.31
N ASN C 327 -0.97 -41.57 -21.60
CA ASN C 327 -0.47 -42.93 -21.46
C ASN C 327 -0.60 -43.46 -20.03
N GLY C 328 -1.45 -42.84 -19.21
CA GLY C 328 -1.66 -43.32 -17.87
C GLY C 328 -1.44 -42.23 -16.85
N PRO C 329 -1.18 -42.63 -15.60
CA PRO C 329 -0.89 -41.65 -14.55
C PRO C 329 0.22 -40.71 -14.97
N GLN C 330 0.04 -39.43 -14.66
N GLN C 330 0.02 -39.42 -14.72
CA GLN C 330 0.93 -38.39 -15.16
CA GLN C 330 0.96 -38.40 -15.16
C GLN C 330 0.75 -37.13 -14.30
C GLN C 330 0.74 -37.16 -14.29
N LYS C 331 1.65 -36.93 -13.35
CA LYS C 331 1.55 -35.78 -12.45
C LYS C 331 1.89 -34.48 -13.17
N PHE C 332 1.35 -33.38 -12.66
CA PHE C 332 1.70 -32.04 -13.11
C PHE C 332 3.21 -31.86 -13.14
N CYS C 333 3.75 -31.48 -14.30
CA CYS C 333 5.19 -31.49 -14.54
C CYS C 333 5.67 -30.18 -15.14
N ILE C 334 6.84 -29.74 -14.68
CA ILE C 334 7.51 -28.56 -15.22
C ILE C 334 8.92 -28.93 -15.67
N ASP C 335 9.23 -28.65 -16.93
CA ASP C 335 10.49 -29.03 -17.57
C ASP C 335 11.23 -27.76 -17.95
N LYS C 336 12.55 -27.77 -17.77
CA LYS C 336 13.37 -26.64 -18.25
C LYS C 336 13.58 -26.82 -19.74
N VAL C 337 12.67 -26.25 -20.52
CA VAL C 337 12.69 -26.40 -21.97
C VAL C 337 12.30 -25.08 -22.62
N GLY C 338 13.03 -24.71 -23.65
CA GLY C 338 12.71 -23.54 -24.46
C GLY C 338 13.66 -22.39 -24.22
N LYS C 339 13.57 -21.43 -25.14
CA LYS C 339 14.39 -20.24 -25.11
C LYS C 339 13.70 -19.13 -24.33
N GLU C 340 14.53 -18.24 -23.80
CA GLU C 340 13.97 -17.12 -23.06
C GLU C 340 13.25 -16.13 -23.98
N THR C 341 13.42 -16.22 -25.30
CA THR C 341 12.68 -15.39 -26.25
C THR C 341 11.30 -15.98 -26.53
N TRP C 342 11.07 -17.23 -26.12
CA TRP C 342 9.82 -17.94 -26.25
C TRP C 342 8.93 -17.72 -25.03
N LEU C 343 7.65 -18.00 -25.22
CA LEU C 343 6.71 -18.10 -24.10
C LEU C 343 6.84 -19.46 -23.44
N PRO C 344 6.32 -19.63 -22.23
CA PRO C 344 6.17 -20.99 -21.70
C PRO C 344 5.15 -21.75 -22.52
N ARG C 345 5.45 -23.02 -22.74
CA ARG C 345 4.63 -23.87 -23.60
C ARG C 345 4.16 -25.12 -22.86
N SER C 346 2.93 -25.55 -23.16
CA SER C 346 2.35 -26.75 -22.56
C SER C 346 2.29 -27.91 -23.55
N HIS C 347 2.44 -29.11 -23.00
CA HIS C 347 2.12 -30.39 -23.66
C HIS C 347 1.04 -31.03 -22.80
N THR C 348 -0.22 -30.79 -23.14
CA THR C 348 -1.30 -31.22 -22.25
C THR C 348 -1.36 -32.73 -22.11
N CYS C 349 -0.89 -33.47 -23.13
CA CYS C 349 -0.93 -34.93 -23.06
C CYS C 349 -0.08 -35.47 -21.93
N PHE C 350 0.99 -34.75 -21.56
CA PHE C 350 1.84 -35.12 -20.45
C PHE C 350 1.66 -34.19 -19.25
N ASN C 351 0.66 -33.30 -19.29
CA ASN C 351 0.42 -32.36 -18.21
C ASN C 351 1.68 -31.57 -17.88
N ARG C 352 2.40 -31.16 -18.92
CA ARG C 352 3.74 -30.61 -18.80
C ARG C 352 3.76 -29.15 -19.20
N LEU C 353 4.50 -28.35 -18.44
CA LEU C 353 4.79 -26.96 -18.77
C LEU C 353 6.26 -26.84 -19.16
N ASP C 354 6.52 -26.46 -20.41
CA ASP C 354 7.89 -26.13 -20.82
C ASP C 354 8.17 -24.71 -20.32
N LEU C 355 8.86 -24.61 -19.19
CA LEU C 355 9.15 -23.31 -18.60
C LEU C 355 10.60 -22.93 -18.88
N PRO C 356 10.85 -21.98 -19.78
CA PRO C 356 12.23 -21.62 -20.09
C PRO C 356 12.93 -21.02 -18.88
N PRO C 357 14.26 -21.14 -18.81
CA PRO C 357 15.03 -20.59 -17.69
C PRO C 357 15.23 -19.08 -17.79
N TYR C 358 14.17 -18.35 -17.43
CA TYR C 358 14.22 -16.90 -17.52
C TYR C 358 15.23 -16.34 -16.52
N LYS C 359 15.70 -15.12 -16.79
CA LYS C 359 16.70 -14.50 -15.91
C LYS C 359 16.11 -13.71 -14.77
N SER C 360 14.83 -13.42 -14.76
CA SER C 360 14.30 -12.63 -13.66
C SER C 360 12.87 -13.05 -13.37
N TYR C 361 12.44 -12.77 -12.13
CA TYR C 361 11.06 -12.99 -11.73
C TYR C 361 10.09 -12.19 -12.59
N GLU C 362 10.38 -10.89 -12.80
CA GLU C 362 9.47 -10.03 -13.56
C GLU C 362 9.33 -10.50 -14.98
N GLN C 363 10.38 -11.09 -15.51
CA GLN C 363 10.29 -11.63 -16.84
C GLN C 363 9.42 -12.87 -16.89
N LEU C 364 9.69 -13.85 -16.02
CA LEU C 364 8.92 -15.08 -15.99
C LEU C 364 7.44 -14.79 -15.72
N ARG C 365 7.16 -13.91 -14.76
CA ARG C 365 5.79 -13.58 -14.41
C ARG C 365 5.02 -13.05 -15.62
N GLU C 366 5.63 -12.13 -16.36
CA GLU C 366 4.96 -11.51 -17.50
C GLU C 366 4.68 -12.51 -18.61
N LYS C 367 5.65 -13.38 -18.91
CA LYS C 367 5.46 -14.38 -19.97
C LYS C 367 4.47 -15.45 -19.54
N LEU C 368 4.51 -15.87 -18.28
CA LEU C 368 3.58 -16.88 -17.79
C LEU C 368 2.14 -16.37 -17.84
N LEU C 369 1.92 -15.14 -17.40
CA LEU C 369 0.55 -14.62 -17.42
C LEU C 369 0.06 -14.41 -18.85
N TYR C 370 0.94 -13.95 -19.75
CA TYR C 370 0.54 -13.75 -21.13
C TYR C 370 0.14 -15.05 -21.80
N ALA C 371 0.96 -16.09 -21.64
CA ALA C 371 0.66 -17.37 -22.26
C ALA C 371 -0.63 -17.96 -21.71
N ILE C 372 -0.85 -17.76 -20.40
CA ILE C 372 -2.04 -18.28 -19.75
C ILE C 372 -3.32 -17.60 -20.25
N GLU C 373 -3.19 -16.39 -20.81
CA GLU C 373 -4.36 -15.62 -21.19
C GLU C 373 -4.58 -15.57 -22.69
N GLU C 374 -3.53 -15.75 -23.48
CA GLU C 374 -3.60 -15.60 -24.92
C GLU C 374 -3.18 -16.83 -25.72
N THR C 375 -2.54 -17.82 -25.12
CA THR C 375 -2.15 -19.02 -25.86
C THR C 375 -2.86 -20.27 -25.31
N GLU C 376 -2.70 -21.36 -26.05
CA GLU C 376 -3.29 -22.65 -25.65
C GLU C 376 -2.25 -23.77 -25.51
N ARG D 4 38.69 4.72 3.11
CA ARG D 4 39.17 4.87 4.47
C ARG D 4 39.57 3.52 5.09
N SER D 5 39.46 3.43 6.42
CA SER D 5 39.92 2.29 7.19
C SER D 5 38.91 1.13 7.16
N PHE D 6 39.34 0.01 7.75
CA PHE D 6 38.47 -1.16 7.84
C PHE D 6 37.23 -0.84 8.65
N ARG D 7 37.39 -0.12 9.76
CA ARG D 7 36.24 0.28 10.57
C ARG D 7 35.29 1.16 9.77
N TRP D 8 35.81 2.22 9.13
CA TRP D 8 34.92 3.05 8.31
C TRP D 8 34.24 2.23 7.23
N LYS D 9 35.01 1.38 6.56
CA LYS D 9 34.44 0.52 5.52
C LYS D 9 33.37 -0.39 6.11
N TYR D 10 33.66 -0.93 7.30
CA TYR D 10 32.72 -1.82 7.96
C TYR D 10 31.43 -1.12 8.34
N HIS D 11 31.50 0.12 8.83
CA HIS D 11 30.27 0.82 9.22
C HIS D 11 29.38 1.08 8.01
N GLN D 12 29.96 1.63 6.95
CA GLN D 12 29.21 1.80 5.72
C GLN D 12 28.52 0.50 5.29
N PHE D 13 29.04 -0.64 5.70
CA PHE D 13 28.33 -1.87 5.35
C PHE D 13 27.10 -2.05 6.24
N ARG D 14 27.24 -1.85 7.55
CA ARG D 14 26.10 -1.96 8.46
C ARG D 14 24.98 -0.99 8.06
N PHE D 15 25.31 0.28 7.82
CA PHE D 15 24.30 1.21 7.30
C PHE D 15 23.67 0.66 6.04
N LEU D 16 24.49 0.17 5.11
CA LEU D 16 23.94 -0.32 3.86
C LEU D 16 23.07 -1.56 4.11
N CYS D 17 23.38 -2.33 5.17
CA CYS D 17 22.48 -3.40 5.59
C CYS D 17 21.29 -2.87 6.40
N HIS D 18 21.55 -2.17 7.51
CA HIS D 18 20.47 -1.71 8.39
C HIS D 18 19.37 -0.98 7.64
N SER D 19 19.73 -0.13 6.68
CA SER D 19 18.74 0.70 6.01
C SER D 19 17.94 -0.04 4.97
N ASN D 20 18.44 -1.17 4.46
CA ASN D 20 17.71 -1.99 3.49
C ASN D 20 17.03 -3.17 4.16
N ALA D 21 16.96 -3.17 5.49
CA ALA D 21 16.34 -4.22 6.27
C ALA D 21 14.82 -4.13 6.18
N LEU D 22 14.17 -5.24 6.49
CA LEU D 22 12.73 -5.33 6.50
C LEU D 22 12.19 -5.57 7.90
N PRO D 23 10.95 -5.20 8.16
CA PRO D 23 10.38 -5.39 9.50
C PRO D 23 9.98 -6.85 9.69
N SER D 24 9.45 -7.14 10.88
CA SER D 24 8.95 -8.47 11.22
C SER D 24 10.11 -9.47 11.22
N HIS D 25 9.81 -10.73 10.95
CA HIS D 25 10.76 -11.79 11.27
C HIS D 25 10.55 -13.00 10.37
N VAL D 26 11.49 -13.94 10.45
CA VAL D 26 11.34 -15.27 9.89
C VAL D 26 11.78 -16.30 10.94
N LYS D 27 10.98 -17.35 11.11
CA LYS D 27 11.35 -18.49 11.94
C LYS D 27 11.97 -19.57 11.06
N ILE D 28 13.03 -20.19 11.56
CA ILE D 28 13.67 -21.34 10.92
C ILE D 28 13.82 -22.46 11.94
N SER D 29 13.13 -23.58 11.71
CA SER D 29 13.07 -24.68 12.66
C SER D 29 13.96 -25.82 12.20
N VAL D 30 14.86 -26.27 13.09
CA VAL D 30 15.75 -27.39 12.83
C VAL D 30 15.88 -28.24 14.09
N SER D 31 16.32 -29.47 13.90
CA SER D 31 16.80 -30.34 14.94
C SER D 31 18.26 -30.59 14.62
N ARG D 32 19.13 -30.67 15.65
CA ARG D 32 20.54 -30.84 15.30
C ARG D 32 20.80 -32.16 14.58
N GLN D 33 19.91 -33.15 14.68
CA GLN D 33 20.14 -34.39 13.96
C GLN D 33 19.82 -34.24 12.46
N THR D 34 19.01 -33.24 12.09
CA THR D 34 18.70 -32.94 10.70
C THR D 34 18.96 -31.49 10.38
N LEU D 35 20.00 -30.91 11.00
CA LEU D 35 20.30 -29.50 10.84
C LEU D 35 20.44 -29.12 9.37
N PHE D 36 21.37 -29.78 8.68
CA PHE D 36 21.68 -29.43 7.30
C PHE D 36 20.44 -29.45 6.42
N GLU D 37 19.72 -30.58 6.39
CA GLU D 37 18.62 -30.72 5.45
C GLU D 37 17.45 -29.81 5.83
N ASP D 38 17.15 -29.70 7.13
CA ASP D 38 16.13 -28.75 7.58
C ASP D 38 16.50 -27.34 7.16
N SER D 39 17.74 -26.94 7.42
CA SER D 39 18.18 -25.59 7.06
C SER D 39 18.06 -25.37 5.55
N PHE D 40 18.51 -26.34 4.76
CA PHE D 40 18.41 -26.23 3.31
C PHE D 40 16.97 -25.99 2.86
N GLN D 41 16.04 -26.83 3.31
CA GLN D 41 14.65 -26.74 2.85
C GLN D 41 14.02 -25.41 3.25
N GLN D 42 14.16 -25.04 4.52
CA GLN D 42 13.53 -23.82 5.03
C GLN D 42 13.99 -22.61 4.23
N ILE D 43 15.30 -22.48 4.05
CA ILE D 43 15.86 -21.28 3.44
C ILE D 43 15.57 -21.21 1.95
N MET D 44 15.68 -22.34 1.24
CA MET D 44 15.49 -22.31 -0.21
C MET D 44 14.03 -22.17 -0.61
N ASN D 45 13.09 -22.35 0.31
CA ASN D 45 11.68 -22.12 0.05
C ASN D 45 11.22 -20.74 0.52
N MET D 46 12.14 -19.86 0.90
CA MET D 46 11.81 -18.48 1.22
C MET D 46 12.25 -17.52 0.12
N LYS D 47 11.66 -16.33 0.15
CA LYS D 47 12.14 -15.32 -0.77
C LYS D 47 13.39 -14.67 -0.19
N PRO D 48 14.43 -14.45 -1.01
CA PRO D 48 15.71 -13.99 -0.47
C PRO D 48 15.60 -12.74 0.39
N TYR D 49 14.80 -11.75 -0.02
CA TYR D 49 14.68 -10.53 0.77
C TYR D 49 14.16 -10.82 2.17
N ASP D 50 13.33 -11.86 2.32
CA ASP D 50 12.79 -12.18 3.63
C ASP D 50 13.86 -12.66 4.59
N LEU D 51 15.02 -13.09 4.09
CA LEU D 51 16.11 -13.51 4.96
C LEU D 51 16.87 -12.35 5.57
N ARG D 52 16.53 -11.10 5.23
CA ARG D 52 17.08 -9.92 5.88
C ARG D 52 16.30 -9.50 7.09
N ARG D 53 15.18 -10.17 7.35
CA ARG D 53 14.39 -9.89 8.53
C ARG D 53 15.04 -10.48 9.76
N ARG D 54 14.44 -10.20 10.90
CA ARG D 54 14.93 -10.71 12.17
C ARG D 54 14.82 -12.24 12.19
N LEU D 55 15.93 -12.90 12.50
CA LEU D 55 16.00 -14.36 12.47
C LEU D 55 15.62 -14.98 13.81
N TYR D 56 14.65 -15.90 13.78
CA TYR D 56 14.35 -16.81 14.89
C TYR D 56 14.69 -18.23 14.45
N ILE D 57 15.79 -18.77 14.97
CA ILE D 57 16.12 -20.18 14.73
C ILE D 57 15.58 -21.00 15.90
N ILE D 58 14.75 -21.99 15.58
CA ILE D 58 14.09 -22.84 16.57
C ILE D 58 14.77 -24.21 16.54
N MET D 59 15.42 -24.57 17.65
CA MET D 59 16.00 -25.90 17.84
C MET D 59 14.97 -26.78 18.54
N ARG D 60 14.29 -27.63 17.76
CA ARG D 60 13.20 -28.45 18.29
C ARG D 60 13.63 -29.29 19.48
N GLY D 61 12.85 -29.21 20.55
CA GLY D 61 13.15 -30.02 21.71
C GLY D 61 14.10 -29.35 22.66
N GLU D 62 14.32 -28.06 22.49
CA GLU D 62 15.25 -27.33 23.33
C GLU D 62 14.57 -26.10 23.87
N GLU D 63 15.00 -25.71 25.06
CA GLU D 63 14.48 -24.60 25.85
C GLU D 63 14.59 -23.33 25.02
N GLY D 64 15.82 -22.86 24.87
CA GLY D 64 16.14 -21.69 24.09
C GLY D 64 15.29 -20.44 24.15
N LEU D 65 15.42 -19.68 25.24
CA LEU D 65 15.02 -18.29 25.24
C LEU D 65 16.22 -17.42 24.89
N ASP D 66 17.31 -18.08 24.50
CA ASP D 66 18.60 -17.47 24.15
C ASP D 66 18.68 -17.34 22.63
N TYR D 67 17.90 -16.41 22.09
CA TYR D 67 17.73 -16.30 20.65
C TYR D 67 19.05 -16.03 19.92
N GLY D 68 19.86 -15.10 20.44
CA GLY D 68 21.13 -14.78 19.83
C GLY D 68 22.22 -15.81 20.06
N GLY D 69 22.01 -16.72 20.99
CA GLY D 69 22.94 -17.81 21.22
C GLY D 69 22.60 -18.98 20.32
N ILE D 70 21.31 -19.18 20.07
CA ILE D 70 20.91 -20.23 19.15
C ILE D 70 21.23 -19.83 17.73
N ALA D 71 21.02 -18.55 17.41
CA ALA D 71 21.39 -18.04 16.10
C ALA D 71 22.89 -18.16 15.89
N ARG D 72 23.68 -17.68 16.85
CA ARG D 72 25.12 -17.87 16.82
C ARG D 72 25.51 -19.33 16.63
N GLU D 73 24.92 -20.22 17.42
CA GLU D 73 25.30 -21.64 17.35
C GLU D 73 24.89 -22.27 16.03
N TRP D 74 23.70 -21.97 15.54
CA TRP D 74 23.25 -22.48 14.25
C TRP D 74 24.26 -22.15 13.15
N PHE D 75 24.60 -20.87 13.02
CA PHE D 75 25.60 -20.44 12.06
C PHE D 75 26.91 -21.22 12.20
N PHE D 76 27.34 -21.47 13.43
CA PHE D 76 28.56 -22.23 13.64
C PHE D 76 28.39 -23.69 13.18
N LEU D 77 27.38 -24.37 13.72
CA LEU D 77 27.19 -25.79 13.40
C LEU D 77 27.01 -26.00 11.90
N LEU D 78 26.19 -25.15 11.27
CA LEU D 78 25.91 -25.32 9.85
C LEU D 78 27.11 -25.00 8.97
N SER D 79 27.92 -24.00 9.37
CA SER D 79 29.12 -23.69 8.60
C SER D 79 30.13 -24.82 8.65
N HIS D 80 30.01 -25.72 9.64
CA HIS D 80 30.82 -26.94 9.65
C HIS D 80 30.14 -28.08 8.91
N GLU D 81 28.80 -28.16 9.00
CA GLU D 81 28.09 -29.32 8.48
C GLU D 81 28.16 -29.41 6.97
N VAL D 82 28.38 -28.27 6.29
CA VAL D 82 28.58 -28.28 4.85
C VAL D 82 29.90 -28.93 4.45
N LEU D 83 30.81 -29.11 5.40
CA LEU D 83 32.10 -29.75 5.16
C LEU D 83 32.04 -31.26 5.28
N ASN D 84 30.90 -31.83 5.63
CA ASN D 84 30.74 -33.28 5.73
C ASN D 84 31.14 -33.94 4.42
N PRO D 85 32.10 -34.88 4.42
CA PRO D 85 32.47 -35.55 3.16
C PRO D 85 31.31 -36.32 2.53
N MET D 86 30.27 -36.62 3.31
CA MET D 86 29.10 -37.32 2.79
C MET D 86 28.42 -36.53 1.68
N TYR D 87 28.43 -35.21 1.78
CA TYR D 87 27.74 -34.35 0.83
C TYR D 87 28.57 -34.03 -0.41
N CYS D 88 29.89 -34.27 -0.38
CA CYS D 88 30.78 -34.07 -1.52
C CYS D 88 30.81 -32.62 -2.00
N LEU D 89 30.54 -31.66 -1.12
CA LEU D 89 30.54 -30.27 -1.58
C LEU D 89 31.91 -29.60 -1.46
N PHE D 90 32.64 -29.86 -0.39
CA PHE D 90 33.93 -29.23 -0.16
C PHE D 90 34.94 -30.31 0.20
N GLU D 91 36.21 -29.99 -0.03
CA GLU D 91 37.32 -30.90 0.23
C GLU D 91 38.54 -30.08 0.59
N TYR D 92 39.63 -30.77 0.91
CA TYR D 92 40.87 -30.11 1.31
C TYR D 92 41.99 -30.47 0.34
N ALA D 93 42.73 -29.45 -0.09
CA ALA D 93 43.85 -29.67 -1.01
C ALA D 93 44.99 -30.43 -0.35
N GLY D 94 45.18 -30.27 0.96
CA GLY D 94 46.27 -30.91 1.66
C GLY D 94 45.83 -31.61 2.93
N LYS D 95 46.81 -32.19 3.60
CA LYS D 95 46.55 -32.90 4.84
C LYS D 95 46.14 -31.92 5.93
N ASN D 96 45.47 -32.46 6.96
CA ASN D 96 45.11 -31.71 8.16
C ASN D 96 44.20 -30.52 7.84
N ASN D 97 43.21 -30.76 6.98
CA ASN D 97 42.18 -29.77 6.62
C ASN D 97 42.82 -28.48 6.10
N TYR D 98 43.81 -28.63 5.23
CA TYR D 98 44.53 -27.49 4.69
C TYR D 98 43.95 -27.05 3.36
N CYS D 99 43.64 -25.76 3.26
CA CYS D 99 43.22 -25.14 2.00
C CYS D 99 41.88 -25.70 1.54
N LEU D 100 40.80 -25.23 2.16
CA LEU D 100 39.46 -25.59 1.71
C LEU D 100 39.24 -25.18 0.27
N GLN D 101 38.56 -26.04 -0.49
CA GLN D 101 38.19 -25.76 -1.87
C GLN D 101 36.92 -26.52 -2.22
N ILE D 102 36.24 -26.05 -3.28
CA ILE D 102 35.06 -26.75 -3.76
C ILE D 102 35.45 -28.09 -4.37
N ASN D 103 34.65 -29.12 -4.10
CA ASN D 103 34.90 -30.45 -4.62
C ASN D 103 34.46 -30.55 -6.08
N PRO D 104 35.37 -30.83 -7.02
CA PRO D 104 34.94 -30.99 -8.42
C PRO D 104 33.97 -32.13 -8.61
N ALA D 105 33.99 -33.11 -7.71
CA ALA D 105 33.11 -34.27 -7.80
C ALA D 105 31.74 -34.01 -7.20
N SER D 106 31.43 -32.77 -6.80
CA SER D 106 30.15 -32.51 -6.17
C SER D 106 28.97 -32.85 -7.09
N SER D 107 29.21 -32.88 -8.40
CA SER D 107 28.23 -33.29 -9.40
C SER D 107 27.80 -34.74 -9.25
N ILE D 108 28.47 -35.53 -8.41
CA ILE D 108 28.02 -36.88 -8.08
C ILE D 108 26.60 -36.86 -7.53
N ASN D 109 26.16 -35.72 -6.97
CA ASN D 109 24.77 -35.48 -6.60
C ASN D 109 24.17 -34.47 -7.56
N PRO D 110 23.13 -34.82 -8.33
CA PRO D 110 22.70 -33.95 -9.44
C PRO D 110 22.19 -32.58 -9.02
N ASP D 111 21.61 -32.45 -7.82
N ASP D 111 21.65 -32.46 -7.81
CA ASP D 111 21.12 -31.16 -7.35
CA ASP D 111 21.11 -31.18 -7.32
C ASP D 111 22.19 -30.34 -6.64
C ASP D 111 22.19 -30.27 -6.72
N HIS D 112 23.48 -30.62 -6.91
CA HIS D 112 24.55 -29.97 -6.15
C HIS D 112 24.59 -28.46 -6.36
N LEU D 113 24.29 -27.99 -7.57
CA LEU D 113 24.35 -26.55 -7.82
C LEU D 113 23.35 -25.81 -6.96
N THR D 114 22.21 -26.43 -6.67
CA THR D 114 21.22 -25.80 -5.79
C THR D 114 21.72 -25.74 -4.36
N TYR D 115 22.44 -26.77 -3.91
CA TYR D 115 23.07 -26.71 -2.59
C TYR D 115 24.14 -25.63 -2.53
N PHE D 116 24.82 -25.37 -3.65
CA PHE D 116 25.81 -24.29 -3.65
C PHE D 116 25.16 -22.92 -3.63
N ARG D 117 23.98 -22.78 -4.26
CA ARG D 117 23.24 -21.53 -4.13
C ARG D 117 22.77 -21.32 -2.70
N PHE D 118 22.47 -22.41 -1.99
CA PHE D 118 22.01 -22.33 -0.61
C PHE D 118 23.13 -21.88 0.33
N ILE D 119 24.31 -22.47 0.18
CA ILE D 119 25.44 -22.08 1.01
C ILE D 119 25.80 -20.62 0.74
N GLY D 120 25.68 -20.20 -0.53
CA GLY D 120 25.81 -18.78 -0.82
C GLY D 120 24.83 -17.93 -0.02
N ARG D 121 23.56 -18.31 -0.05
CA ARG D 121 22.55 -17.60 0.74
C ARG D 121 22.91 -17.59 2.21
N PHE D 122 23.31 -18.76 2.73
CA PHE D 122 23.61 -18.88 4.15
C PHE D 122 24.77 -17.98 4.56
N ILE D 123 25.82 -17.91 3.72
CA ILE D 123 26.96 -17.06 4.01
C ILE D 123 26.57 -15.58 3.95
N ALA D 124 25.71 -15.21 3.00
CA ALA D 124 25.25 -13.82 2.92
C ALA D 124 24.37 -13.45 4.12
N MET D 125 23.65 -14.42 4.68
CA MET D 125 22.91 -14.18 5.91
C MET D 125 23.86 -13.85 7.06
N ALA D 126 24.99 -14.58 7.14
CA ALA D 126 25.97 -14.34 8.19
C ALA D 126 26.47 -12.89 8.16
N LEU D 127 26.93 -12.41 7.00
CA LEU D 127 27.34 -11.02 6.87
C LEU D 127 26.21 -10.08 7.26
N TYR D 128 25.02 -10.32 6.70
CA TYR D 128 23.92 -9.37 6.87
C TYR D 128 23.53 -9.22 8.34
N HIS D 129 23.57 -10.32 9.09
CA HIS D 129 23.15 -10.32 10.48
C HIS D 129 24.32 -10.19 11.44
N GLY D 130 25.51 -9.87 10.95
CA GLY D 130 26.68 -9.76 11.80
C GLY D 130 27.00 -10.99 12.61
N LYS D 131 26.72 -12.17 12.08
CA LYS D 131 27.08 -13.43 12.73
C LYS D 131 28.26 -14.07 12.03
N PHE D 132 28.88 -15.02 12.72
CA PHE D 132 30.17 -15.53 12.30
C PHE D 132 30.08 -17.00 11.93
N ILE D 133 30.98 -17.40 11.03
CA ILE D 133 31.04 -18.74 10.48
C ILE D 133 32.47 -19.24 10.60
N ASP D 134 32.62 -20.57 10.56
CA ASP D 134 33.91 -21.22 10.71
C ASP D 134 34.17 -22.19 9.57
N THR D 135 33.78 -21.83 8.35
CA THR D 135 33.91 -22.77 7.24
C THR D 135 35.36 -22.92 6.78
N GLY D 136 36.14 -21.84 6.84
CA GLY D 136 37.53 -21.89 6.46
C GLY D 136 37.80 -21.61 4.99
N PHE D 137 36.93 -20.85 4.33
CA PHE D 137 37.22 -20.36 2.98
C PHE D 137 38.59 -19.69 2.92
N THR D 138 39.24 -19.80 1.78
CA THR D 138 40.56 -19.24 1.59
C THR D 138 40.45 -17.84 0.99
N LEU D 139 41.57 -17.10 1.08
CA LEU D 139 41.59 -15.76 0.50
C LEU D 139 41.29 -15.78 -1.00
N PRO D 140 41.82 -16.70 -1.81
CA PRO D 140 41.37 -16.76 -3.22
C PRO D 140 39.88 -16.91 -3.38
N PHE D 141 39.23 -17.71 -2.52
CA PHE D 141 37.77 -17.84 -2.58
C PHE D 141 37.09 -16.50 -2.31
N TYR D 142 37.52 -15.78 -1.28
CA TYR D 142 36.98 -14.46 -1.00
C TYR D 142 37.27 -13.48 -2.12
N LYS D 143 38.47 -13.58 -2.70
CA LYS D 143 38.85 -12.69 -3.79
C LYS D 143 37.85 -12.74 -4.92
N ARG D 144 37.36 -13.93 -5.25
CA ARG D 144 36.35 -14.09 -6.27
C ARG D 144 35.07 -13.36 -5.91
N MET D 145 34.71 -13.35 -4.63
CA MET D 145 33.52 -12.64 -4.18
C MET D 145 33.65 -11.13 -4.38
N LEU D 146 34.87 -10.64 -4.57
CA LEU D 146 35.15 -9.22 -4.75
C LEU D 146 35.57 -8.88 -6.18
N ASN D 147 35.38 -9.80 -7.13
CA ASN D 147 35.80 -9.65 -8.53
C ASN D 147 37.30 -9.40 -8.67
N LYS D 148 38.09 -10.00 -7.77
CA LYS D 148 39.54 -9.96 -7.88
C LYS D 148 40.01 -11.28 -8.48
N ARG D 149 40.92 -11.19 -9.45
CA ARG D 149 41.43 -12.46 -9.98
C ARG D 149 42.57 -12.98 -9.11
N PRO D 150 42.64 -14.30 -8.92
CA PRO D 150 43.76 -14.85 -8.16
C PRO D 150 45.07 -14.56 -8.89
N THR D 151 46.13 -14.48 -8.12
CA THR D 151 47.43 -14.05 -8.59
C THR D 151 48.39 -15.24 -8.62
N LEU D 152 49.57 -15.00 -9.19
CA LEU D 152 50.63 -15.99 -9.13
C LEU D 152 50.92 -16.38 -7.69
N LYS D 153 51.01 -15.38 -6.81
CA LYS D 153 51.29 -15.60 -5.40
C LYS D 153 50.25 -16.50 -4.73
N ASP D 154 48.98 -16.35 -5.10
CA ASP D 154 47.92 -17.14 -4.47
C ASP D 154 48.14 -18.63 -4.68
N LEU D 155 48.79 -19.00 -5.79
CA LEU D 155 49.09 -20.40 -6.07
C LEU D 155 49.97 -21.01 -4.98
N GLU D 156 50.84 -20.20 -4.36
CA GLU D 156 51.72 -20.74 -3.34
C GLU D 156 50.94 -21.26 -2.15
N SER D 157 49.76 -20.68 -1.89
CA SER D 157 48.90 -21.18 -0.82
C SER D 157 48.26 -22.51 -1.18
N ILE D 158 47.70 -22.63 -2.39
CA ILE D 158 46.85 -23.77 -2.71
C ILE D 158 47.61 -24.91 -3.38
N ASP D 159 48.76 -24.62 -4.01
CA ASP D 159 49.52 -25.62 -4.73
C ASP D 159 50.95 -25.13 -4.88
N PRO D 160 51.75 -25.16 -3.81
CA PRO D 160 53.12 -24.63 -3.89
C PRO D 160 53.98 -25.34 -4.91
N GLU D 161 53.71 -26.62 -5.19
CA GLU D 161 54.48 -27.35 -6.19
C GLU D 161 54.19 -26.81 -7.58
N PHE D 162 52.92 -26.48 -7.83
CA PHE D 162 52.52 -25.78 -9.04
C PHE D 162 53.20 -24.41 -9.14
N TYR D 163 53.09 -23.61 -8.07
CA TYR D 163 53.68 -22.28 -8.04
C TYR D 163 55.17 -22.29 -8.37
N ASN D 164 55.91 -23.22 -7.77
CA ASN D 164 57.35 -23.28 -7.98
C ASN D 164 57.68 -23.77 -9.38
N SER D 165 56.85 -24.65 -9.94
CA SER D 165 57.05 -25.05 -11.32
C SER D 165 56.84 -23.88 -12.27
N ILE D 166 55.89 -23.00 -11.94
CA ILE D 166 55.70 -21.80 -12.74
C ILE D 166 56.85 -20.81 -12.52
N VAL D 167 57.31 -20.66 -11.28
CA VAL D 167 58.45 -19.78 -11.02
C VAL D 167 59.67 -20.26 -11.79
N TRP D 168 59.90 -21.58 -11.76
CA TRP D 168 61.02 -22.15 -12.49
C TRP D 168 60.94 -21.79 -13.97
N ILE D 169 59.77 -21.93 -14.57
CA ILE D 169 59.59 -21.48 -15.95
C ILE D 169 59.93 -20.00 -16.08
N LYS D 170 59.49 -19.19 -15.12
CA LYS D 170 59.67 -17.74 -15.22
C LYS D 170 61.14 -17.33 -15.18
N GLU D 171 61.93 -17.96 -14.32
CA GLU D 171 63.28 -17.48 -14.07
C GLU D 171 64.37 -18.43 -14.54
N ASN D 172 64.01 -19.60 -15.02
CA ASN D 172 65.04 -20.52 -15.48
C ASN D 172 65.02 -20.56 -17.00
N ASN D 173 65.32 -19.38 -17.52
CA ASN D 173 65.90 -19.22 -18.85
C ASN D 173 64.95 -19.61 -19.96
N LEU D 174 65.45 -19.56 -21.20
CA LEU D 174 64.66 -19.99 -22.33
C LEU D 174 64.45 -21.46 -22.10
N GLU D 175 63.20 -21.82 -21.86
CA GLU D 175 62.77 -23.18 -21.67
C GLU D 175 62.92 -23.92 -22.98
N GLU D 176 63.28 -23.17 -24.04
CA GLU D 176 63.51 -23.68 -25.38
C GLU D 176 64.39 -24.93 -25.34
N CYS D 177 64.99 -25.22 -24.19
CA CYS D 177 65.87 -26.37 -24.05
C CYS D 177 65.29 -27.25 -22.94
N GLY D 178 64.52 -28.25 -23.36
CA GLY D 178 63.94 -29.21 -22.45
C GLY D 178 62.43 -29.31 -22.45
N LEU D 179 61.76 -28.24 -22.00
CA LEU D 179 60.32 -28.30 -21.77
C LEU D 179 59.51 -28.51 -23.04
N GLU D 180 58.64 -29.51 -23.00
CA GLU D 180 57.60 -29.73 -24.00
C GLU D 180 56.27 -29.60 -23.25
N LEU D 181 55.64 -28.44 -23.37
CA LEU D 181 54.32 -28.17 -22.81
C LEU D 181 53.44 -27.58 -23.90
N TYR D 182 52.13 -27.69 -23.70
CA TYR D 182 51.19 -27.14 -24.66
C TYR D 182 50.08 -26.40 -23.93
N PHE D 183 49.39 -25.54 -24.68
CA PHE D 183 48.30 -24.73 -24.13
C PHE D 183 47.05 -25.58 -23.90
N ILE D 184 47.17 -26.63 -23.08
CA ILE D 184 46.07 -27.55 -22.85
C ILE D 184 46.33 -28.24 -21.51
N GLN D 185 45.25 -28.69 -20.86
CA GLN D 185 45.34 -29.31 -19.55
C GLN D 185 44.36 -30.47 -19.48
N ASP D 186 44.69 -31.47 -18.67
CA ASP D 186 43.81 -32.59 -18.40
C ASP D 186 43.17 -32.44 -17.02
N MET D 187 41.97 -32.97 -16.88
CA MET D 187 41.24 -33.02 -15.62
C MET D 187 40.62 -34.40 -15.47
N GLU D 188 40.67 -34.96 -14.27
CA GLU D 188 40.05 -36.25 -14.00
C GLU D 188 39.04 -36.08 -12.88
N ILE D 189 37.76 -36.17 -13.22
CA ILE D 189 36.67 -36.05 -12.26
C ILE D 189 35.80 -37.30 -12.37
N LEU D 190 35.72 -38.05 -11.28
CA LEU D 190 34.90 -39.26 -11.19
C LEU D 190 35.21 -40.22 -12.34
N GLY D 191 36.50 -40.40 -12.60
CA GLY D 191 36.98 -41.25 -13.68
C GLY D 191 36.98 -40.66 -15.07
N LYS D 192 35.84 -40.10 -15.50
CA LYS D 192 35.73 -39.50 -16.83
C LYS D 192 36.74 -38.37 -16.95
N VAL D 193 37.70 -38.52 -17.87
CA VAL D 193 38.79 -37.57 -18.08
C VAL D 193 38.43 -36.59 -19.18
N THR D 194 38.62 -35.31 -18.92
CA THR D 194 38.36 -34.25 -19.89
C THR D 194 39.60 -33.41 -20.13
N THR D 195 39.64 -32.78 -21.30
CA THR D 195 40.70 -31.84 -21.67
C THR D 195 40.11 -30.43 -21.81
N HIS D 196 40.91 -29.45 -21.41
CA HIS D 196 40.56 -28.04 -21.53
C HIS D 196 41.66 -27.33 -22.30
N GLU D 197 41.28 -26.67 -23.39
CA GLU D 197 42.22 -25.83 -24.12
C GLU D 197 42.30 -24.46 -23.47
N LEU D 198 43.53 -24.04 -23.14
CA LEU D 198 43.73 -22.72 -22.52
C LEU D 198 43.39 -21.58 -23.47
N LYS D 199 43.60 -21.76 -24.78
CA LYS D 199 43.16 -20.82 -25.79
C LYS D 199 42.75 -21.65 -26.99
N GLU D 200 42.01 -21.02 -27.90
CA GLU D 200 41.47 -21.73 -29.06
C GLU D 200 42.57 -22.44 -29.84
N GLY D 201 42.42 -23.75 -30.00
CA GLY D 201 43.44 -24.53 -30.69
C GLY D 201 44.72 -24.72 -29.90
N GLY D 202 44.70 -24.48 -28.59
CA GLY D 202 45.90 -24.57 -27.79
C GLY D 202 46.49 -25.98 -27.71
N GLU D 203 45.72 -26.99 -28.12
CA GLU D 203 46.25 -28.35 -28.17
C GLU D 203 47.52 -28.45 -29.02
N SER D 204 47.60 -27.70 -30.12
CA SER D 204 48.75 -27.79 -31.02
C SER D 204 49.77 -26.68 -30.78
N ILE D 205 49.52 -25.81 -29.82
CA ILE D 205 50.39 -24.66 -29.56
C ILE D 205 51.41 -25.02 -28.49
N ARG D 206 52.68 -24.88 -28.82
CA ARG D 206 53.79 -25.22 -27.94
C ARG D 206 54.14 -23.99 -27.13
N VAL D 207 54.62 -24.20 -25.91
CA VAL D 207 54.89 -23.09 -25.00
C VAL D 207 56.33 -22.67 -25.22
N THR D 208 56.55 -21.40 -25.60
CA THR D 208 57.87 -20.92 -25.95
C THR D 208 58.31 -19.80 -25.00
N GLU D 209 59.54 -19.33 -25.22
CA GLU D 209 60.01 -18.16 -24.49
C GLU D 209 59.17 -16.94 -24.82
N GLU D 210 58.57 -16.93 -26.00
CA GLU D 210 57.73 -15.84 -26.46
C GLU D 210 56.29 -15.98 -26.00
N ASN D 211 55.88 -17.17 -25.58
CA ASN D 211 54.52 -17.46 -25.14
C ASN D 211 54.36 -17.49 -23.63
N LYS D 212 55.44 -17.82 -22.90
CA LYS D 212 55.30 -18.36 -21.55
C LYS D 212 54.50 -17.42 -20.65
N GLU D 213 54.76 -16.11 -20.72
CA GLU D 213 54.03 -15.17 -19.88
C GLU D 213 52.52 -15.26 -20.12
N GLU D 214 52.12 -15.35 -21.39
CA GLU D 214 50.71 -15.57 -21.70
C GLU D 214 50.23 -16.91 -21.15
N TYR D 215 51.04 -17.95 -21.34
CA TYR D 215 50.70 -19.28 -20.87
C TYR D 215 50.51 -19.29 -19.36
N ILE D 216 51.39 -18.60 -18.64
CA ILE D 216 51.34 -18.56 -17.18
C ILE D 216 50.04 -17.93 -16.69
N MET D 217 49.54 -16.89 -17.39
CA MET D 217 48.32 -16.26 -16.90
C MET D 217 47.10 -17.13 -17.15
N LEU D 218 47.11 -17.89 -18.24
CA LEU D 218 46.01 -18.80 -18.51
C LEU D 218 46.07 -20.01 -17.58
N LEU D 219 47.28 -20.49 -17.30
CA LEU D 219 47.44 -21.64 -16.42
C LEU D 219 47.08 -21.27 -14.99
N THR D 220 47.48 -20.07 -14.54
CA THR D 220 47.16 -19.63 -13.19
C THR D 220 45.65 -19.59 -12.96
N ASP D 221 44.93 -18.85 -13.82
CA ASP D 221 43.48 -18.75 -13.70
C ASP D 221 42.82 -20.12 -13.70
N TRP D 222 43.18 -20.97 -14.66
CA TRP D 222 42.53 -22.27 -14.79
C TRP D 222 42.72 -23.13 -13.56
N ARG D 223 43.86 -22.99 -12.87
CA ARG D 223 44.15 -23.81 -11.70
C ARG D 223 43.21 -23.52 -10.53
N PHE D 224 42.61 -22.32 -10.48
CA PHE D 224 41.70 -21.98 -9.39
C PHE D 224 40.26 -22.33 -9.72
N THR D 225 39.93 -22.38 -11.01
CA THR D 225 38.57 -22.56 -11.47
C THR D 225 38.27 -23.98 -11.93
N ARG D 226 39.30 -24.77 -12.21
CA ARG D 226 39.14 -26.06 -12.87
C ARG D 226 38.12 -26.94 -12.15
N GLY D 227 37.13 -27.39 -12.92
CA GLY D 227 36.14 -28.33 -12.44
C GLY D 227 35.15 -27.78 -11.44
N VAL D 228 35.26 -26.50 -11.06
CA VAL D 228 34.37 -25.95 -10.04
C VAL D 228 33.78 -24.62 -10.49
N GLU D 229 33.93 -24.29 -11.78
CA GLU D 229 33.42 -23.01 -12.26
C GLU D 229 31.92 -22.89 -12.02
N GLU D 230 31.16 -23.93 -12.34
CA GLU D 230 29.71 -23.82 -12.22
C GLU D 230 29.25 -23.75 -10.77
N GLN D 231 29.89 -24.52 -9.89
CA GLN D 231 29.51 -24.46 -8.49
C GLN D 231 29.80 -23.08 -7.93
N THR D 232 30.91 -22.48 -8.35
CA THR D 232 31.26 -21.14 -7.89
C THR D 232 30.22 -20.12 -8.31
N LYS D 233 29.72 -20.20 -9.55
CA LYS D 233 28.70 -19.24 -9.96
C LYS D 233 27.43 -19.41 -9.15
N ALA D 234 27.06 -20.66 -8.84
CA ALA D 234 25.84 -20.87 -8.07
C ALA D 234 25.98 -20.31 -6.65
N PHE D 235 27.15 -20.47 -6.04
CA PHE D 235 27.41 -19.86 -4.73
C PHE D 235 27.27 -18.35 -4.79
N LEU D 236 27.93 -17.71 -5.76
CA LEU D 236 27.89 -16.25 -5.86
C LEU D 236 26.48 -15.79 -6.17
N ASP D 237 25.77 -16.57 -6.98
CA ASP D 237 24.38 -16.29 -7.29
C ASP D 237 23.54 -16.28 -6.02
N GLY D 238 23.69 -17.32 -5.21
CA GLY D 238 22.96 -17.40 -3.94
C GLY D 238 23.30 -16.28 -2.99
N PHE D 239 24.59 -15.95 -2.90
CA PHE D 239 25.01 -14.82 -2.07
C PHE D 239 24.39 -13.52 -2.56
N ASN D 240 24.50 -13.25 -3.85
CA ASN D 240 24.00 -11.99 -4.40
C ASN D 240 22.49 -11.83 -4.20
N GLU D 241 21.74 -12.93 -4.26
CA GLU D 241 20.31 -12.90 -3.95
C GLU D 241 20.01 -12.19 -2.64
N VAL D 242 20.86 -12.37 -1.63
CA VAL D 242 20.58 -11.92 -0.28
C VAL D 242 21.30 -10.62 0.04
N ALA D 243 22.61 -10.61 -0.15
CA ALA D 243 23.41 -9.40 0.05
C ALA D 243 24.12 -9.10 -1.26
N PRO D 244 23.73 -8.02 -1.95
CA PRO D 244 24.35 -7.67 -3.23
C PRO D 244 25.88 -7.61 -3.12
N LEU D 245 26.55 -8.28 -4.05
CA LEU D 245 28.00 -8.38 -3.99
C LEU D 245 28.70 -7.03 -4.06
N GLU D 246 28.09 -6.05 -4.72
CA GLU D 246 28.65 -4.72 -4.81
C GLU D 246 28.68 -3.98 -3.48
N TRP D 247 27.93 -4.44 -2.48
CA TRP D 247 28.05 -3.85 -1.14
C TRP D 247 29.42 -4.10 -0.51
N LEU D 248 30.18 -5.07 -1.03
CA LEU D 248 31.51 -5.38 -0.55
C LEU D 248 32.59 -4.63 -1.34
N ARG D 249 32.19 -3.57 -2.03
CA ARG D 249 33.04 -2.89 -3.03
C ARG D 249 34.39 -2.48 -2.46
N TYR D 250 34.40 -1.92 -1.25
CA TYR D 250 35.59 -1.29 -0.72
C TYR D 250 36.51 -2.29 -0.04
N PHE D 251 35.99 -3.45 0.38
CA PHE D 251 36.75 -4.43 1.13
C PHE D 251 37.76 -5.16 0.25
N ASP D 252 38.86 -5.61 0.87
CA ASP D 252 39.74 -6.60 0.29
C ASP D 252 39.46 -7.98 0.89
N GLU D 253 40.15 -9.00 0.36
CA GLU D 253 39.83 -10.38 0.74
C GLU D 253 40.10 -10.63 2.22
N LYS D 254 41.16 -10.04 2.76
CA LYS D 254 41.48 -10.24 4.16
C LYS D 254 40.45 -9.59 5.09
N GLU D 255 39.98 -8.40 4.73
CA GLU D 255 38.96 -7.74 5.53
C GLU D 255 37.63 -8.50 5.46
N LEU D 256 37.29 -9.01 4.28
CA LEU D 256 36.09 -9.84 4.14
C LEU D 256 36.16 -11.07 5.04
N GLU D 257 37.33 -11.72 5.12
CA GLU D 257 37.47 -12.86 6.01
C GLU D 257 37.27 -12.47 7.48
N LEU D 258 37.71 -11.26 7.84
CA LEU D 258 37.54 -10.78 9.21
C LEU D 258 36.07 -10.64 9.57
N MET D 259 35.26 -10.14 8.65
CA MET D 259 33.85 -9.95 8.92
C MET D 259 33.07 -11.25 9.08
N LEU D 260 33.51 -12.33 8.42
CA LEU D 260 32.77 -13.59 8.48
C LEU D 260 33.24 -14.50 9.59
N CYS D 261 34.51 -14.39 9.99
CA CYS D 261 35.06 -15.26 11.02
C CYS D 261 35.03 -14.62 12.39
N GLY D 262 35.00 -13.29 12.46
CA GLY D 262 35.04 -12.54 13.69
C GLY D 262 36.45 -12.30 14.19
N MET D 263 36.68 -11.14 14.79
CA MET D 263 37.99 -10.80 15.33
C MET D 263 38.08 -11.28 16.77
N GLN D 264 39.14 -12.00 17.08
CA GLN D 264 39.36 -12.39 18.46
C GLN D 264 40.73 -11.90 18.90
N GLU D 265 40.90 -11.69 20.21
CA GLU D 265 42.17 -11.17 20.70
C GLU D 265 43.25 -12.25 20.58
N ILE D 266 44.39 -11.86 20.03
CA ILE D 266 45.47 -12.80 19.78
C ILE D 266 46.36 -12.91 21.02
N ASP D 267 46.62 -14.14 21.44
CA ASP D 267 47.51 -14.40 22.58
C ASP D 267 48.95 -14.14 22.15
N MET D 268 49.48 -12.97 22.56
CA MET D 268 50.85 -12.61 22.21
C MET D 268 51.86 -13.61 22.78
N SER D 269 51.62 -14.08 24.00
CA SER D 269 52.51 -15.03 24.63
C SER D 269 52.52 -16.36 23.87
N ASP D 270 51.32 -16.89 23.57
CA ASP D 270 51.20 -18.12 22.79
C ASP D 270 51.92 -17.99 21.45
N TRP D 271 51.71 -16.86 20.77
CA TRP D 271 52.35 -16.59 19.48
C TRP D 271 53.86 -16.61 19.60
N GLN D 272 54.39 -15.86 20.56
CA GLN D 272 55.85 -15.70 20.68
C GLN D 272 56.51 -17.00 21.10
N LYS D 273 55.86 -17.75 21.99
CA LYS D 273 56.39 -19.06 22.39
C LYS D 273 56.41 -20.06 21.25
N SER D 274 55.44 -20.01 20.33
CA SER D 274 55.32 -21.03 19.29
C SER D 274 55.98 -20.62 17.97
N THR D 275 56.75 -19.54 17.96
CA THR D 275 57.42 -19.09 16.75
C THR D 275 58.79 -19.76 16.63
N ILE D 276 59.12 -20.21 15.42
CA ILE D 276 60.43 -20.79 15.15
C ILE D 276 61.16 -19.90 14.14
N TYR D 277 62.46 -20.16 13.99
CA TYR D 277 63.37 -19.27 13.30
C TYR D 277 64.32 -20.05 12.40
N ARG D 278 64.64 -19.46 11.24
CA ARG D 278 65.64 -19.98 10.32
C ARG D 278 66.64 -18.85 10.05
N HIS D 279 67.94 -19.14 10.23
CA HIS D 279 69.01 -18.14 10.05
C HIS D 279 68.79 -16.93 10.95
N TYR D 280 68.00 -17.12 12.00
CA TYR D 280 67.75 -16.15 13.07
C TYR D 280 67.67 -16.87 14.42
N THR D 281 67.70 -16.07 15.49
CA THR D 281 67.22 -16.51 16.79
C THR D 281 66.29 -15.44 17.36
N LYS D 282 65.72 -15.75 18.52
CA LYS D 282 64.76 -14.88 19.19
C LYS D 282 65.40 -13.61 19.76
N ASN D 283 66.72 -13.49 19.76
CA ASN D 283 67.39 -12.30 20.26
C ASN D 283 68.16 -11.59 19.17
N SER D 284 67.75 -11.77 17.91
CA SER D 284 68.45 -11.08 16.84
C SER D 284 67.90 -9.68 16.76
N LYS D 285 68.76 -8.75 16.33
CA LYS D 285 68.37 -7.36 16.24
C LYS D 285 66.99 -7.22 15.59
N GLN D 286 66.82 -7.84 14.42
CA GLN D 286 65.58 -7.70 13.66
C GLN D 286 64.40 -8.43 14.31
N ILE D 287 64.65 -9.54 15.01
CA ILE D 287 63.57 -10.26 15.67
C ILE D 287 63.04 -9.47 16.87
N GLN D 288 63.95 -8.89 17.67
CA GLN D 288 63.54 -8.04 18.77
C GLN D 288 62.78 -6.82 18.28
N TRP D 289 63.16 -6.31 17.11
CA TRP D 289 62.41 -5.22 16.48
C TRP D 289 61.03 -5.68 16.03
N PHE D 290 60.97 -6.84 15.35
CA PHE D 290 59.72 -7.42 14.90
C PHE D 290 58.68 -7.48 16.02
N TRP D 291 59.07 -8.06 17.18
CA TRP D 291 58.10 -8.24 18.26
C TRP D 291 57.76 -6.92 18.95
N GLN D 292 58.67 -5.95 18.93
CA GLN D 292 58.31 -4.62 19.43
C GLN D 292 57.26 -3.98 18.55
N VAL D 293 57.37 -4.17 17.22
CA VAL D 293 56.39 -3.62 16.30
C VAL D 293 55.03 -4.31 16.50
N VAL D 294 55.05 -5.62 16.74
CA VAL D 294 53.79 -6.34 16.92
C VAL D 294 53.16 -5.99 18.27
N LYS D 295 53.99 -5.79 19.30
CA LYS D 295 53.47 -5.34 20.58
C LYS D 295 52.86 -3.95 20.46
N GLU D 296 53.43 -3.11 19.61
CA GLU D 296 52.97 -1.75 19.43
C GLU D 296 51.70 -1.64 18.58
N MET D 297 51.33 -2.70 17.86
CA MET D 297 50.15 -2.73 17.03
C MET D 297 48.88 -2.85 17.84
N ASP D 298 47.77 -2.36 17.29
CA ASP D 298 46.48 -2.72 17.82
C ASP D 298 46.11 -4.11 17.30
N ASN D 299 45.07 -4.71 17.89
CA ASN D 299 44.75 -6.10 17.59
C ASN D 299 44.39 -6.31 16.12
N GLU D 300 43.67 -5.36 15.52
CA GLU D 300 43.30 -5.48 14.10
C GLU D 300 44.52 -5.74 13.24
N LYS D 301 45.62 -5.06 13.54
CA LYS D 301 46.83 -5.16 12.74
C LYS D 301 47.60 -6.46 13.02
N ARG D 302 47.47 -7.02 14.22
CA ARG D 302 48.09 -8.31 14.50
C ARG D 302 47.45 -9.42 13.67
N ILE D 303 46.12 -9.42 13.61
CA ILE D 303 45.42 -10.39 12.77
C ILE D 303 45.85 -10.25 11.33
N ARG D 304 45.98 -9.00 10.86
CA ARG D 304 46.41 -8.73 9.51
C ARG D 304 47.80 -9.31 9.23
N LEU D 305 48.72 -9.19 10.19
CA LEU D 305 50.01 -9.85 10.06
C LEU D 305 49.86 -11.36 10.00
N LEU D 306 48.98 -11.92 10.86
CA LEU D 306 48.68 -13.34 10.82
C LEU D 306 48.12 -13.75 9.46
N GLN D 307 47.26 -12.93 8.88
CA GLN D 307 46.70 -13.25 7.57
C GLN D 307 47.77 -13.17 6.50
N PHE D 308 48.68 -12.20 6.61
CA PHE D 308 49.73 -12.03 5.63
C PHE D 308 50.69 -13.22 5.61
N VAL D 309 51.02 -13.76 6.78
CA VAL D 309 52.02 -14.82 6.88
C VAL D 309 51.39 -16.19 6.69
N THR D 310 50.22 -16.42 7.29
CA THR D 310 49.60 -17.75 7.28
C THR D 310 48.48 -17.90 6.27
N GLY D 311 47.99 -16.82 5.68
CA GLY D 311 46.90 -16.93 4.72
C GLY D 311 45.52 -16.97 5.32
N THR D 312 45.39 -16.80 6.63
CA THR D 312 44.09 -16.78 7.28
C THR D 312 44.22 -16.12 8.64
N CYS D 313 43.08 -15.62 9.12
CA CYS D 313 42.98 -15.09 10.47
C CYS D 313 42.63 -16.17 11.49
N ARG D 314 42.35 -17.37 11.03
CA ARG D 314 41.83 -18.44 11.87
C ARG D 314 42.98 -19.18 12.53
N LEU D 315 42.79 -19.51 13.80
CA LEU D 315 43.75 -20.28 14.54
C LEU D 315 43.19 -21.67 14.85
N PRO D 316 44.01 -22.70 14.79
CA PRO D 316 43.54 -24.05 15.08
C PRO D 316 43.24 -24.22 16.56
N VAL D 317 42.55 -25.32 16.87
CA VAL D 317 42.40 -25.73 18.25
C VAL D 317 43.78 -26.07 18.80
N GLY D 318 44.08 -25.55 20.00
CA GLY D 318 45.39 -25.72 20.56
C GLY D 318 46.34 -24.55 20.31
N GLY D 319 45.89 -23.50 19.62
CA GLY D 319 46.69 -22.32 19.46
C GLY D 319 47.84 -22.50 18.48
N PHE D 320 48.84 -21.62 18.65
CA PHE D 320 49.90 -21.49 17.65
C PHE D 320 50.78 -22.73 17.55
N ALA D 321 50.86 -23.53 18.62
CA ALA D 321 51.66 -24.75 18.58
C ALA D 321 51.14 -25.76 17.57
N GLU D 322 49.85 -25.69 17.22
CA GLU D 322 49.22 -26.70 16.38
C GLU D 322 49.08 -26.26 14.93
N LEU D 323 49.70 -25.12 14.58
CA LEU D 323 49.60 -24.55 13.25
C LEU D 323 49.96 -25.55 12.14
N ILE D 324 49.31 -25.41 10.99
CA ILE D 324 49.36 -26.36 9.88
C ILE D 324 49.87 -25.68 8.60
N GLY D 325 50.67 -26.41 7.83
CA GLY D 325 51.11 -26.02 6.51
C GLY D 325 50.55 -26.92 5.43
N SER D 326 51.13 -26.80 4.23
CA SER D 326 50.61 -27.56 3.09
C SER D 326 50.90 -29.05 3.20
N ASN D 327 52.01 -29.44 3.84
CA ASN D 327 52.32 -30.85 4.01
C ASN D 327 52.38 -31.27 5.48
N GLY D 328 51.61 -30.60 6.33
CA GLY D 328 51.50 -31.00 7.71
C GLY D 328 51.78 -29.89 8.71
N PRO D 329 52.03 -30.27 9.97
CA PRO D 329 52.32 -29.27 11.00
C PRO D 329 53.45 -28.34 10.60
N GLN D 330 53.23 -27.04 10.82
CA GLN D 330 54.21 -26.03 10.43
C GLN D 330 53.98 -24.81 11.31
N LYS D 331 54.92 -24.54 12.21
CA LYS D 331 54.82 -23.40 13.09
C LYS D 331 55.12 -22.10 12.37
N PHE D 332 54.57 -21.00 12.89
CA PHE D 332 54.93 -19.67 12.45
C PHE D 332 56.45 -19.50 12.44
N CYS D 333 57.00 -19.11 11.30
CA CYS D 333 58.44 -19.13 11.08
C CYS D 333 58.94 -17.81 10.53
N ILE D 334 60.12 -17.39 10.98
CA ILE D 334 60.78 -16.18 10.49
C ILE D 334 62.17 -16.56 9.99
N ASP D 335 62.44 -16.22 8.72
CA ASP D 335 63.68 -16.55 8.04
C ASP D 335 64.38 -15.26 7.63
N LYS D 336 65.71 -15.23 7.77
CA LYS D 336 66.51 -14.10 7.28
C LYS D 336 66.72 -14.27 5.78
N VAL D 337 65.83 -13.70 4.97
CA VAL D 337 65.90 -13.84 3.52
C VAL D 337 65.53 -12.53 2.85
N GLY D 338 66.28 -12.16 1.83
CA GLY D 338 65.97 -11.00 0.99
C GLY D 338 66.93 -9.85 1.22
N LYS D 339 66.85 -8.87 0.32
CA LYS D 339 67.68 -7.69 0.42
C LYS D 339 66.95 -6.65 1.28
N GLU D 340 67.73 -5.75 1.89
CA GLU D 340 67.15 -4.71 2.72
C GLU D 340 66.38 -3.67 1.91
N THR D 341 66.57 -3.64 0.59
CA THR D 341 65.80 -2.81 -0.32
C THR D 341 64.50 -3.48 -0.77
N TRP D 342 64.31 -4.76 -0.45
CA TRP D 342 63.07 -5.50 -0.66
C TRP D 342 62.14 -5.33 0.54
N LEU D 343 60.86 -5.66 0.33
CA LEU D 343 59.92 -5.79 1.42
C LEU D 343 60.06 -7.15 2.09
N PRO D 344 59.52 -7.32 3.30
CA PRO D 344 59.41 -8.66 3.87
C PRO D 344 58.38 -9.47 3.08
N ARG D 345 58.67 -10.75 2.86
CA ARG D 345 57.79 -11.56 2.04
C ARG D 345 57.34 -12.80 2.78
N SER D 346 56.11 -13.24 2.53
CA SER D 346 55.52 -14.43 3.13
C SER D 346 55.48 -15.60 2.14
N HIS D 347 55.59 -16.81 2.69
CA HIS D 347 55.27 -18.06 2.01
C HIS D 347 54.19 -18.72 2.86
N THR D 348 52.92 -18.50 2.51
CA THR D 348 51.84 -18.95 3.39
C THR D 348 51.81 -20.48 3.52
N CYS D 349 52.30 -21.21 2.52
CA CYS D 349 52.27 -22.67 2.60
C CYS D 349 53.15 -23.18 3.74
N PHE D 350 54.22 -22.46 4.07
CA PHE D 350 55.09 -22.83 5.19
C PHE D 350 54.91 -21.88 6.36
N ASN D 351 53.91 -20.99 6.32
CA ASN D 351 53.66 -20.02 7.38
C ASN D 351 54.91 -19.21 7.69
N ARG D 352 55.63 -18.82 6.64
CA ARG D 352 56.98 -18.29 6.80
C ARG D 352 57.03 -16.81 6.45
N LEU D 353 57.78 -16.06 7.25
CA LEU D 353 58.07 -14.65 6.99
C LEU D 353 59.52 -14.53 6.57
N ASP D 354 59.75 -14.11 5.32
CA ASP D 354 61.09 -13.74 4.86
C ASP D 354 61.36 -12.30 5.30
N LEU D 355 62.10 -12.14 6.39
CA LEU D 355 62.39 -10.83 6.97
C LEU D 355 63.82 -10.41 6.64
N PRO D 356 64.05 -9.44 5.74
CA PRO D 356 65.41 -9.08 5.42
C PRO D 356 66.13 -8.53 6.64
N PRO D 357 67.46 -8.69 6.69
CA PRO D 357 68.22 -8.16 7.85
C PRO D 357 68.42 -6.64 7.77
N TYR D 358 67.38 -5.90 8.13
CA TYR D 358 67.39 -4.45 8.08
C TYR D 358 68.39 -3.90 9.10
N LYS D 359 68.84 -2.65 8.86
CA LYS D 359 69.82 -2.01 9.74
C LYS D 359 69.20 -1.21 10.87
N SER D 360 67.90 -0.92 10.84
CA SER D 360 67.34 -0.10 11.89
C SER D 360 65.90 -0.51 12.16
N TYR D 361 65.47 -0.24 13.40
CA TYR D 361 64.09 -0.48 13.79
C TYR D 361 63.13 0.32 12.93
N GLU D 362 63.43 1.60 12.71
CA GLU D 362 62.50 2.46 12.00
C GLU D 362 62.31 2.00 10.56
N GLN D 363 63.36 1.42 9.97
CA GLN D 363 63.27 0.87 8.63
C GLN D 363 62.41 -0.40 8.61
N LEU D 364 62.69 -1.34 9.52
CA LEU D 364 61.93 -2.58 9.59
C LEU D 364 60.46 -2.32 9.88
N ARG D 365 60.16 -1.44 10.84
CA ARG D 365 58.79 -1.12 11.18
C ARG D 365 58.05 -0.54 9.96
N GLU D 366 58.69 0.38 9.25
CA GLU D 366 58.05 1.01 8.10
C GLU D 366 57.83 0.01 6.97
N LYS D 367 58.81 -0.85 6.71
CA LYS D 367 58.64 -1.85 5.67
C LYS D 367 57.64 -2.92 6.07
N LEU D 368 57.65 -3.35 7.34
CA LEU D 368 56.71 -4.37 7.78
C LEU D 368 55.26 -3.88 7.76
N LEU D 369 55.00 -2.67 8.26
CA LEU D 369 53.62 -2.18 8.23
C LEU D 369 53.12 -1.98 6.82
N TYR D 370 54.01 -1.50 5.93
CA TYR D 370 53.61 -1.32 4.55
C TYR D 370 53.23 -2.65 3.89
N ALA D 371 54.05 -3.69 4.12
CA ALA D 371 53.84 -4.95 3.41
C ALA D 371 52.52 -5.63 3.79
N ILE D 372 52.18 -5.67 5.08
CA ILE D 372 50.92 -6.32 5.49
C ILE D 372 49.69 -5.53 5.07
N GLU D 373 49.87 -4.27 4.64
CA GLU D 373 48.75 -3.43 4.30
C GLU D 373 48.54 -3.30 2.79
N GLU D 374 49.62 -3.47 2.02
CA GLU D 374 49.59 -3.27 0.58
C GLU D 374 50.03 -4.48 -0.22
N THR D 375 50.66 -5.48 0.40
CA THR D 375 51.05 -6.68 -0.31
C THR D 375 50.34 -7.90 0.27
N GLU D 376 50.44 -9.01 -0.45
CA GLU D 376 49.86 -10.28 -0.01
C GLU D 376 50.90 -11.39 0.09
N ARG E 6 -16.39 34.60 45.92
CA ARG E 6 -17.19 34.95 44.75
C ARG E 6 -16.34 35.59 43.68
N ARG E 7 -16.18 36.91 43.77
CA ARG E 7 -15.15 37.62 43.05
C ARG E 7 -14.07 38.13 43.97
N CYS E 8 -14.20 37.90 45.28
CA CYS E 8 -13.05 37.98 46.16
C CYS E 8 -12.50 36.60 46.48
N ILE E 9 -12.96 35.57 45.77
CA ILE E 9 -12.33 34.27 45.84
C ILE E 9 -11.11 34.27 44.94
N GLN E 10 -11.23 34.97 43.81
CA GLN E 10 -10.25 35.03 42.76
C GLN E 10 -9.22 36.15 42.99
N ALA E 11 -9.59 37.15 43.80
CA ALA E 11 -8.61 38.15 44.21
C ALA E 11 -7.65 37.56 45.22
N ALA E 12 -8.16 36.74 46.14
CA ALA E 12 -7.28 36.02 47.07
C ALA E 12 -6.34 35.09 46.31
N ARG E 13 -6.84 34.40 45.27
CA ARG E 13 -6.00 33.53 44.47
C ARG E 13 -4.96 34.34 43.69
N VAL E 14 -5.40 35.44 43.07
CA VAL E 14 -4.45 36.32 42.39
C VAL E 14 -3.42 36.85 43.38
N CYS E 15 -3.87 37.25 44.56
CA CYS E 15 -2.98 37.85 45.55
C CYS E 15 -1.91 36.86 46.00
N ALA E 16 -2.26 35.58 46.16
CA ALA E 16 -1.27 34.59 46.55
C ALA E 16 -0.26 34.36 45.43
N VAL E 17 -0.75 34.28 44.18
CA VAL E 17 0.15 34.02 43.05
C VAL E 17 1.12 35.18 42.85
N LEU E 18 0.62 36.41 42.84
CA LEU E 18 1.48 37.56 42.64
C LEU E 18 2.11 38.03 43.94
N ARG F 6 -71.12 23.32 18.61
CA ARG F 6 -70.69 22.93 17.27
C ARG F 6 -69.46 23.72 16.86
N ARG F 7 -69.30 24.92 17.43
CA ARG F 7 -68.08 25.69 17.22
C ARG F 7 -67.15 25.67 18.42
N CYS F 8 -67.67 25.44 19.63
CA CYS F 8 -66.80 25.25 20.79
C CYS F 8 -65.98 23.98 20.67
N ILE F 9 -66.45 23.01 19.87
CA ILE F 9 -65.70 21.79 19.63
C ILE F 9 -64.59 22.04 18.62
N GLN F 10 -64.88 22.85 17.59
CA GLN F 10 -63.92 23.09 16.53
C GLN F 10 -62.98 24.24 16.86
N ALA F 11 -63.39 25.13 17.77
CA ALA F 11 -62.48 26.15 18.27
C ALA F 11 -61.48 25.56 19.26
N ALA F 12 -61.94 24.65 20.13
CA ALA F 12 -61.01 23.99 21.04
C ALA F 12 -59.96 23.20 20.27
N ARG F 13 -60.39 22.49 19.22
CA ARG F 13 -59.47 21.68 18.43
C ARG F 13 -58.45 22.54 17.71
N VAL F 14 -58.90 23.60 17.04
CA VAL F 14 -57.97 24.49 16.35
C VAL F 14 -56.97 25.08 17.33
N CYS F 15 -57.44 25.49 18.51
CA CYS F 15 -56.54 26.09 19.49
C CYS F 15 -55.47 25.12 19.95
N ALA F 16 -55.82 23.83 20.12
CA ALA F 16 -54.83 22.85 20.53
C ALA F 16 -53.80 22.60 19.42
N VAL F 17 -54.27 22.48 18.17
CA VAL F 17 -53.36 22.20 17.06
C VAL F 17 -52.36 23.33 16.88
N LEU F 18 -52.84 24.57 16.86
CA LEU F 18 -51.97 25.71 16.66
C LEU F 18 -51.38 26.15 17.98
N CYS G 8 14.96 -44.12 -41.23
CA CYS G 8 14.17 -45.01 -42.07
C CYS G 8 13.04 -45.60 -41.23
N ILE G 9 13.30 -45.70 -39.93
CA ILE G 9 12.33 -46.20 -38.97
C ILE G 9 11.24 -45.18 -38.76
N GLN G 10 11.69 -43.93 -38.79
CA GLN G 10 10.96 -42.70 -38.58
C GLN G 10 9.90 -42.45 -39.59
N ALA G 11 10.26 -42.49 -40.84
CA ALA G 11 9.31 -42.24 -41.89
C ALA G 11 8.21 -43.27 -41.95
N ALA G 12 8.54 -44.50 -41.67
CA ALA G 12 7.62 -45.58 -41.69
C ALA G 12 6.61 -45.49 -40.59
N ARG G 13 7.05 -44.99 -39.47
CA ARG G 13 6.27 -44.78 -38.29
C ARG G 13 5.29 -43.72 -38.62
N VAL G 14 5.79 -42.61 -39.10
CA VAL G 14 4.97 -41.53 -39.50
C VAL G 14 3.98 -41.95 -40.55
N CYS G 15 4.43 -42.61 -41.59
CA CYS G 15 3.53 -42.99 -42.67
C CYS G 15 2.38 -43.87 -42.19
N ALA G 16 2.64 -44.76 -41.23
CA ALA G 16 1.58 -45.61 -40.70
C ALA G 16 0.57 -44.79 -39.90
N VAL G 17 1.06 -43.87 -39.06
CA VAL G 17 0.17 -43.06 -38.23
C VAL G 17 -0.74 -42.21 -39.10
N LEU G 18 -0.18 -41.56 -40.11
CA LEU G 18 -0.95 -40.70 -40.99
C LEU G 18 -1.63 -41.49 -42.10
N CYS H 8 69.01 -31.82 -17.68
CA CYS H 8 68.07 -31.15 -16.79
C CYS H 8 67.17 -32.13 -15.99
N ILE H 9 67.44 -32.23 -14.70
CA ILE H 9 66.59 -33.01 -13.82
C ILE H 9 65.35 -32.22 -13.42
N GLN H 10 65.47 -30.90 -13.31
CA GLN H 10 64.36 -30.08 -12.82
C GLN H 10 63.35 -29.69 -13.90
N ALA H 11 63.71 -29.79 -15.18
CA ALA H 11 62.71 -29.59 -16.22
C ALA H 11 61.74 -30.76 -16.28
N ALA H 12 62.24 -31.98 -16.09
CA ALA H 12 61.37 -33.14 -16.05
C ALA H 12 60.35 -33.01 -14.93
N ARG H 13 60.75 -32.47 -13.77
CA ARG H 13 59.83 -32.29 -12.65
C ARG H 13 58.76 -31.26 -13.00
N VAL H 14 59.21 -30.10 -13.51
CA VAL H 14 58.28 -29.01 -13.87
C VAL H 14 57.28 -29.50 -14.91
N CYS H 15 57.77 -30.20 -15.93
CA CYS H 15 56.88 -30.64 -16.99
C CYS H 15 55.82 -31.60 -16.46
N ALA H 16 56.19 -32.47 -15.53
CA ALA H 16 55.22 -33.38 -14.96
C ALA H 16 54.17 -32.64 -14.14
N VAL H 17 54.60 -31.67 -13.32
CA VAL H 17 53.69 -30.94 -12.46
C VAL H 17 52.67 -30.17 -13.30
N LEU H 18 53.15 -29.45 -14.31
CA LEU H 18 52.26 -28.66 -15.14
C LEU H 18 51.65 -29.53 -16.24
ZN ZN I . 5.04 24.12 24.45
C1 GOL J . 28.65 21.98 41.34
O1 GOL J . 29.93 22.30 40.92
C2 GOL J . 28.70 21.85 42.86
O2 GOL J . 28.82 23.06 43.51
C3 GOL J . 27.40 21.14 43.24
O3 GOL J . 27.73 19.79 43.38
C1 GOL K . 8.84 25.71 24.97
O1 GOL K . 9.67 24.74 25.54
C2 GOL K . 9.19 27.06 25.64
O2 GOL K . 8.88 27.06 27.00
C3 GOL K . 8.39 28.11 24.86
O3 GOL K . 9.29 29.11 24.46
C1 GOL L . 12.93 31.40 29.80
O1 GOL L . 12.79 30.15 30.42
C2 GOL L . 14.13 32.14 30.45
O2 GOL L . 15.35 31.76 29.89
C3 GOL L . 13.81 33.62 30.21
O3 GOL L . 14.87 34.15 29.46
C1 EDO M . 7.05 8.41 14.89
O1 EDO M . 7.14 9.20 13.69
C2 EDO M . 8.42 7.83 15.21
O2 EDO M . 9.39 8.89 15.19
C1 EDO N . 28.90 45.70 11.62
O1 EDO N . 27.70 46.46 11.46
C2 EDO N . 29.30 45.65 13.09
O2 EDO N . 30.52 44.89 13.25
C1 EDO O . 14.40 22.42 14.43
O1 EDO O . 13.41 22.29 13.40
C2 EDO O . 14.33 21.25 15.39
O2 EDO O . 15.67 20.89 15.76
C1 EDO P . 31.56 18.71 38.52
O1 EDO P . 30.71 18.21 39.56
C2 EDO P . 31.86 20.18 38.77
O2 EDO P . 30.68 20.97 38.52
C1 EDO Q . -7.55 12.50 13.71
O1 EDO Q . -6.74 13.62 13.36
C2 EDO Q . -8.00 12.62 15.16
O2 EDO Q . -9.42 12.51 15.21
C1 EDO R . -18.57 24.38 13.60
O1 EDO R . -17.70 23.47 14.28
C2 EDO R . -18.41 24.21 12.10
O2 EDO R . -19.65 24.47 11.44
ZN ZN S . -48.30 12.35 -1.59
C1 GOL T . -25.73 9.37 17.63
O1 GOL T . -25.37 8.02 17.63
C2 GOL T . -24.50 10.17 17.22
O2 GOL T . -24.40 11.36 17.91
C3 GOL T . -24.68 10.38 15.71
O3 GOL T . -23.47 10.89 15.23
C1 GOL U . -40.18 19.87 4.38
O1 GOL U . -40.25 18.47 4.55
C2 GOL U . -38.72 20.29 4.72
O2 GOL U . -37.83 20.00 3.70
C3 GOL U . -38.80 21.81 5.06
O3 GOL U . -39.12 22.48 3.89
C1 EDO V . -41.09 9.66 -13.06
O1 EDO V . -41.21 8.34 -12.51
C2 EDO V . -39.62 10.07 -13.08
O2 EDO V . -39.13 10.29 -11.75
C1 EDO W . -43.87 -1.88 -11.71
O1 EDO W . -43.93 -2.93 -10.75
C2 EDO W . -44.63 -2.32 -12.96
O2 EDO W . -45.88 -2.88 -12.57
ZN ZN X . -4.26 -33.23 -20.90
C1 EDO Y . -8.95 -34.03 -21.42
O1 EDO Y . -7.98 -34.31 -20.40
C2 EDO Y . -8.26 -33.98 -22.78
O2 EDO Y . -7.35 -32.86 -22.81
C1 EDO Z . -4.97 -54.87 -9.02
O1 EDO Z . -3.83 -54.04 -9.27
C2 EDO Z . -4.59 -56.33 -9.25
O2 EDO Z . -5.55 -57.18 -8.63
C1 EDO AA . -5.50 -2.77 -34.49
O1 EDO AA . -4.41 -2.58 -35.42
C2 EDO AA . -4.98 -3.53 -33.27
O2 EDO AA . -4.17 -2.67 -32.47
ZN ZN BA . 49.07 -21.04 5.65
C1 EDO CA . 23.83 -32.77 -2.25
O1 EDO CA . 24.77 -31.89 -2.88
C2 EDO CA . 24.55 -33.62 -1.21
O2 EDO CA . 23.59 -34.25 -0.36
C1 EDO DA . 39.74 -25.08 -6.58
O1 EDO DA . 38.90 -26.20 -6.89
C2 EDO DA . 41.18 -25.44 -6.93
O2 EDO DA . 41.27 -26.84 -7.20
C1 EDO EA . 44.56 -22.46 4.50
O1 EDO EA . 45.25 -22.14 5.71
C2 EDO EA . 44.56 -21.24 3.58
O2 EDO EA . 45.84 -21.09 2.94
C1 EDO FA . 26.46 -13.30 20.24
O1 EDO FA . 25.72 -13.52 19.04
C2 EDO FA . 25.70 -12.31 21.12
O2 EDO FA . 24.30 -12.58 21.02
CA WHL GA . -7.93 38.19 50.24
CB WHL GA . -9.31 38.09 50.31
NB WHL GA . -11.52 38.72 49.65
OB WHL GA . -5.66 41.43 48.95
CG WHL GA . -5.13 40.39 49.17
CD WHL GA . -9.53 39.87 48.71
CE WHL GA . -8.14 39.98 48.64
CH WHL GA . -3.61 40.31 49.21
CC WHL GA . -10.09 38.93 49.56
CF WHL GA . -7.35 39.14 49.42
CJ WHL GA . -12.57 39.72 49.76
CK WHL GA . -14.01 39.19 49.80
NA WHL GA . -5.90 39.19 49.41
OA WHL GA . -12.33 40.87 49.83
C1 EDO HA . -6.53 32.98 37.56
O1 EDO HA . -7.84 33.53 37.57
C2 EDO HA . -5.91 33.12 38.94
O2 EDO HA . -4.72 32.38 39.18
CA WHL IA . -61.64 28.57 22.24
CB WHL IA . -62.94 28.10 22.37
NB WHL IA . -64.56 26.56 23.43
OB WHL IA . -58.21 27.00 24.29
CG WHL IA . -58.10 27.92 23.55
CD WHL IA . -62.19 26.50 24.01
CE WHL IA . -60.90 26.97 23.86
CH WHL IA . -56.72 28.52 23.33
CC WHL IA . -63.21 27.07 23.26
CF WHL IA . -60.62 28.00 22.99
CJ WHL IA . -65.67 27.46 23.59
CK WHL IA . -67.08 26.89 23.79
NA WHL IA . -59.25 28.50 22.84
OA WHL IA . -65.50 28.64 23.56
C1 EDO JA . -59.23 21.01 13.40
O1 EDO JA . -58.57 19.74 13.37
C2 EDO JA . -59.29 21.59 11.99
O2 EDO JA . -60.60 21.34 11.44
CA WHL KA . 8.12 -46.92 -45.23
CB WHL KA . 9.51 -47.03 -45.15
NB WHL KA . 11.77 -46.11 -45.49
OB WHL KA . 6.04 -44.05 -47.54
CG WHL KA . 5.43 -44.74 -46.77
CD WHL KA . 9.73 -44.83 -46.06
CE WHL KA . 8.36 -44.71 -46.14
CH WHL KA . 3.91 -44.72 -46.81
CC WHL KA . 10.32 -45.99 -45.57
CF WHL KA . 7.55 -45.75 -45.72
CJ WHL KA . 12.67 -44.99 -45.76
CK WHL KA . 14.18 -45.22 -45.66
NA WHL KA . 6.10 -45.63 -45.81
OA WHL KA . 12.31 -43.90 -46.06
CA WHL LA . 63.70 -32.62 -20.46
CB WHL LA . 62.44 -32.05 -20.57
NB WHL LA . 60.00 -32.29 -20.78
OB WHL LA . 67.35 -34.68 -19.83
CG WHL LA . 66.38 -34.01 -19.88
CD WHL LA . 61.47 -34.23 -20.56
CE WHL LA . 62.72 -34.81 -20.43
CH WHL LA . 66.50 -32.54 -19.54
CC WHL LA . 61.33 -32.86 -20.61
CF WHL LA . 63.84 -34.00 -20.38
CJ WHL LA . 58.77 -33.03 -20.60
CK WHL LA . 57.46 -32.32 -20.87
NA WHL LA . 65.13 -34.66 -20.27
OA WHL LA . 58.72 -34.15 -20.23
#